data_6S7S
#
_entry.id   6S7S
#
_cell.length_a   175.566
_cell.length_b   96.924
_cell.length_c   124.753
_cell.angle_alpha   90.000
_cell.angle_beta   102.860
_cell.angle_gamma   90.000
#
_symmetry.space_group_name_H-M   'C 1 2 1'
#
loop_
_entity.id
_entity.type
_entity.pdbx_description
1 polymer 'Fumarate hydratase class II'
2 non-polymer ~{N}-[2-methoxy-5-(phenylsulfamoyl)phenyl]-2-(4-oxidanylidene-3~{H}-phthalazin-1-yl)ethanamide
3 non-polymer 'FORMIC ACID'
4 water water
#
_entity_poly.entity_id   1
_entity_poly.type   'polypeptide(L)'
_entity_poly.pdbx_seq_one_letter_code
;MAVDADSANYRIEHDTMGEVRVPAKALWRAQTQRAVENFPISGRGLERTQIRALGLLKGACAQVNSDLGLLAPEKADAII
AAAAEIADGQHDDQFPIDVFQTGSGTSSNMNTNEVIASIAAKGGVTLHPNDDVNMSQSSNDTFPTATHIAATEAAVAHLI
PALQQLHDALAAKALDWHTVVKSGRTHLMDAVPVTLGQEFSGYARQIEAGIERVRACLPRLGELAIGGTAVGTGLNAPDD
FGVRVVAVLVAQTGLSELRTAANSFEAQAARDGLVEASGALRTIAVSLTKIANDIRWMGSGPLTGLAEIQLPDLQPGSSI
MPGKVNPVLPEAVTQVAAQVIGNDAAIAWGGANGAFELNVYIPMMARNILESFKLLTNVSRLFAQRCIAGLTANVEHLRR
LAESSPSIVTPLNSAIGYEEAAAVAKQALKERKTIRQTVIDRGLIGDRLSIEDLDRRLDVLAMAKAEQLDSDRL
;
_entity_poly.pdbx_strand_id   A,B,C,D
#
# COMPACT_ATOMS: atom_id res chain seq x y z
N TYR A 10 -4.72 -1.99 45.69
CA TYR A 10 -5.98 -1.64 44.98
C TYR A 10 -6.54 -0.30 45.52
N ARG A 11 -5.76 0.79 45.47
CA ARG A 11 -6.04 2.10 46.17
C ARG A 11 -7.01 2.96 45.35
N ILE A 12 -7.75 3.88 46.00
CA ILE A 12 -8.88 4.66 45.40
C ILE A 12 -8.49 6.14 45.27
N GLU A 13 -8.90 6.77 44.16
CA GLU A 13 -8.70 8.23 43.86
C GLU A 13 -10.03 8.87 43.48
N HIS A 14 -10.15 10.17 43.75
CA HIS A 14 -11.35 11.00 43.46
C HIS A 14 -11.08 11.81 42.19
N ASP A 15 -11.99 11.68 41.21
CA ASP A 15 -11.97 12.37 39.90
C ASP A 15 -13.02 13.48 39.94
N THR A 16 -12.87 14.47 39.05
CA THR A 16 -13.87 15.53 38.79
C THR A 16 -15.20 14.86 38.36
N MET A 17 -15.14 13.65 37.80
CA MET A 17 -16.32 12.95 37.19
C MET A 17 -16.65 11.66 37.96
N GLY A 18 -16.31 11.59 39.25
CA GLY A 18 -16.65 10.43 40.13
C GLY A 18 -15.44 9.93 40.90
N GLU A 19 -15.29 8.60 41.03
CA GLU A 19 -14.15 7.93 41.70
C GLU A 19 -13.50 6.92 40.74
N VAL A 20 -12.28 6.48 41.04
CA VAL A 20 -11.58 5.46 40.21
C VAL A 20 -10.58 4.67 41.06
N ARG A 21 -10.69 3.33 41.04
CA ARG A 21 -9.73 2.42 41.72
C ARG A 21 -8.47 2.31 40.85
N VAL A 22 -7.30 2.53 41.46
CA VAL A 22 -5.98 2.47 40.78
C VAL A 22 -5.16 1.40 41.46
N PRO A 23 -4.51 0.49 40.73
CA PRO A 23 -3.59 -0.47 41.34
C PRO A 23 -2.67 0.21 42.37
N ALA A 24 -2.37 -0.50 43.46
CA ALA A 24 -1.63 0.01 44.65
C ALA A 24 -0.21 0.43 44.25
N LYS A 25 0.45 -0.33 43.38
CA LYS A 25 1.88 -0.11 42.99
C LYS A 25 1.97 0.71 41.68
N ALA A 26 0.85 1.23 41.16
CA ALA A 26 0.81 2.15 40.01
C ALA A 26 1.20 3.55 40.47
N LEU A 27 2.07 4.23 39.72
CA LEU A 27 2.44 5.64 39.98
C LEU A 27 1.57 6.55 39.12
N TRP A 28 0.76 6.00 38.22
CA TRP A 28 -0.21 6.87 37.50
C TRP A 28 -1.37 7.20 38.42
N ARG A 29 -2.22 8.15 38.01
CA ARG A 29 -3.37 8.65 38.79
C ARG A 29 -4.64 8.60 37.96
N ALA A 30 -5.62 9.46 38.26
CA ALA A 30 -7.03 9.32 37.83
C ALA A 30 -7.14 9.47 36.32
N GLN A 31 -6.39 10.38 35.71
CA GLN A 31 -6.56 10.67 34.27
C GLN A 31 -6.09 9.45 33.47
N THR A 32 -4.94 8.88 33.84
CA THR A 32 -4.39 7.66 33.20
C THR A 32 -5.40 6.53 33.34
N GLN A 33 -5.94 6.34 34.54
CA GLN A 33 -6.84 5.20 34.81
C GLN A 33 -8.13 5.34 33.97
N ARG A 34 -8.66 6.55 33.79
CA ARG A 34 -9.80 6.82 32.86
C ARG A 34 -9.44 6.41 31.42
N ALA A 35 -8.24 6.73 30.97
CA ALA A 35 -7.70 6.40 29.62
C ALA A 35 -7.61 4.88 29.48
N VAL A 36 -7.19 4.18 30.55
CA VAL A 36 -7.14 2.69 30.58
C VAL A 36 -8.57 2.14 30.34
N GLU A 37 -9.55 2.73 30.99
CA GLU A 37 -10.98 2.36 30.86
C GLU A 37 -11.55 2.78 29.50
N ASN A 38 -11.12 3.89 28.90
CA ASN A 38 -11.71 4.39 27.64
C ASN A 38 -11.19 3.65 26.39
N PHE A 39 -9.98 3.11 26.42
CA PHE A 39 -9.29 2.63 25.18
C PHE A 39 -8.79 1.19 25.30
N PRO A 40 -9.60 0.19 25.70
CA PRO A 40 -9.17 -1.20 25.67
C PRO A 40 -9.28 -1.77 24.24
N ILE A 41 -8.31 -1.43 23.41
CA ILE A 41 -8.39 -1.64 21.94
C ILE A 41 -7.35 -2.65 21.51
N SER A 42 -6.05 -2.35 21.70
CA SER A 42 -4.94 -3.23 21.24
C SER A 42 -4.36 -4.06 22.38
N GLY A 43 -4.44 -3.61 23.63
CA GLY A 43 -3.67 -4.21 24.73
C GLY A 43 -2.19 -3.86 24.66
N ARG A 44 -1.77 -2.97 23.76
CA ARG A 44 -0.34 -2.61 23.60
C ARG A 44 -0.22 -1.10 23.85
N GLY A 45 0.69 -0.70 24.75
CA GLY A 45 0.98 0.70 25.09
C GLY A 45 2.22 1.22 24.40
N LEU A 46 2.76 2.35 24.87
CA LEU A 46 3.96 3.01 24.32
C LEU A 46 5.13 2.06 24.46
N GLU A 47 6.05 2.11 23.52
CA GLU A 47 7.35 1.39 23.61
C GLU A 47 8.31 2.18 24.49
N ARG A 48 9.36 1.48 24.93
CA ARG A 48 10.46 1.99 25.77
C ARG A 48 11.00 3.29 25.19
N THR A 49 11.18 3.41 23.86
CA THR A 49 11.81 4.59 23.23
C THR A 49 10.95 5.86 23.42
N GLN A 50 9.64 5.68 23.27
N GLN A 50 9.63 5.68 23.28
CA GLN A 50 8.61 6.73 23.41
CA GLN A 50 8.61 6.74 23.42
C GLN A 50 8.57 7.20 24.87
C GLN A 50 8.54 7.21 24.87
N ILE A 51 8.56 6.27 25.80
CA ILE A 51 8.49 6.56 27.25
C ILE A 51 9.77 7.31 27.61
N ARG A 52 10.91 6.82 27.17
CA ARG A 52 12.22 7.49 27.43
C ARG A 52 12.16 8.93 26.92
N ALA A 53 11.66 9.17 25.70
CA ALA A 53 11.59 10.51 25.08
C ALA A 53 10.68 11.43 25.91
N LEU A 54 9.56 10.91 26.43
CA LEU A 54 8.63 11.70 27.29
C LEU A 54 9.35 12.12 28.57
N GLY A 55 10.16 11.26 29.15
CA GLY A 55 10.97 11.60 30.31
C GLY A 55 11.99 12.67 29.98
N LEU A 56 12.70 12.50 28.88
CA LEU A 56 13.72 13.49 28.46
C LEU A 56 13.03 14.85 28.33
N LEU A 57 11.89 14.91 27.64
CA LEU A 57 11.21 16.18 27.34
C LEU A 57 10.75 16.84 28.64
N LYS A 58 10.13 16.08 29.56
CA LYS A 58 9.63 16.66 30.83
C LYS A 58 10.80 17.22 31.64
N GLY A 59 11.92 16.52 31.74
CA GLY A 59 13.15 17.00 32.38
C GLY A 59 13.59 18.33 31.83
N ALA A 60 13.70 18.43 30.51
CA ALA A 60 14.22 19.64 29.85
C ALA A 60 13.22 20.78 30.03
N CYS A 61 11.93 20.52 29.99
CA CYS A 61 10.91 21.57 30.20
C CYS A 61 11.04 22.14 31.62
N ALA A 62 11.21 21.27 32.61
CA ALA A 62 11.41 21.69 34.01
C ALA A 62 12.71 22.51 34.12
N GLN A 63 13.77 22.10 33.43
CA GLN A 63 15.05 22.83 33.50
C GLN A 63 14.81 24.26 33.02
N VAL A 64 14.09 24.40 31.91
CA VAL A 64 13.89 25.74 31.28
C VAL A 64 12.96 26.59 32.14
N ASN A 65 11.83 26.06 32.60
CA ASN A 65 10.87 26.77 33.47
C ASN A 65 11.64 27.30 34.73
N SER A 66 12.54 26.50 35.28
CA SER A 66 13.40 26.89 36.42
C SER A 66 14.34 28.02 35.98
N ASP A 67 15.05 27.82 34.89
CA ASP A 67 16.02 28.82 34.36
C ASP A 67 15.32 30.16 34.16
N LEU A 68 14.05 30.17 33.73
CA LEU A 68 13.32 31.41 33.42
C LEU A 68 12.64 31.97 34.67
N GLY A 69 12.77 31.32 35.83
CA GLY A 69 12.13 31.78 37.08
C GLY A 69 10.64 31.50 37.14
N LEU A 70 10.08 30.57 36.34
CA LEU A 70 8.60 30.35 36.30
C LEU A 70 8.19 29.24 37.26
N LEU A 71 9.14 28.42 37.67
CA LEU A 71 8.90 27.21 38.47
C LEU A 71 9.93 27.21 39.60
N ALA A 72 9.49 27.00 40.84
CA ALA A 72 10.35 26.93 42.06
C ALA A 72 11.41 25.87 41.84
N PRO A 73 12.68 26.16 42.18
CA PRO A 73 13.77 25.21 41.99
C PRO A 73 13.54 23.83 42.64
N GLU A 74 12.92 23.83 43.82
CA GLU A 74 12.59 22.61 44.61
C GLU A 74 11.76 21.64 43.77
N LYS A 75 10.69 22.19 43.19
CA LYS A 75 9.75 21.48 42.28
C LYS A 75 10.47 21.10 40.97
N ALA A 76 11.30 21.99 40.39
CA ALA A 76 12.04 21.71 39.14
C ALA A 76 13.00 20.54 39.37
N ASP A 77 13.74 20.58 40.48
CA ASP A 77 14.66 19.50 40.88
C ASP A 77 13.93 18.15 41.00
N ALA A 78 12.76 18.09 41.60
CA ALA A 78 12.01 16.81 41.78
C ALA A 78 11.57 16.28 40.41
N ILE A 79 11.14 17.17 39.51
CA ILE A 79 10.70 16.77 38.15
C ILE A 79 11.90 16.23 37.41
N ILE A 80 13.00 16.97 37.41
CA ILE A 80 14.28 16.57 36.72
C ILE A 80 14.71 15.21 37.28
N ALA A 81 14.71 14.99 38.61
CA ALA A 81 15.08 13.66 39.17
C ALA A 81 14.08 12.57 38.69
N ALA A 82 12.77 12.82 38.78
CA ALA A 82 11.75 11.82 38.35
C ALA A 82 11.87 11.56 36.85
N ALA A 83 11.95 12.62 36.04
CA ALA A 83 12.05 12.49 34.56
C ALA A 83 13.29 11.67 34.20
N ALA A 84 14.40 11.81 34.95
CA ALA A 84 15.63 11.06 34.65
C ALA A 84 15.36 9.56 34.84
N GLU A 85 14.62 9.18 35.88
CA GLU A 85 14.33 7.75 36.16
C GLU A 85 13.50 7.23 34.99
N ILE A 86 12.54 8.01 34.50
CA ILE A 86 11.70 7.58 33.34
C ILE A 86 12.57 7.41 32.09
N ALA A 87 13.46 8.35 31.81
CA ALA A 87 14.36 8.31 30.63
C ALA A 87 15.32 7.12 30.72
N ASP A 88 15.64 6.68 31.94
CA ASP A 88 16.62 5.61 32.20
C ASP A 88 15.94 4.24 32.14
N GLY A 89 14.62 4.20 31.94
CA GLY A 89 13.88 2.96 31.62
C GLY A 89 13.32 2.30 32.86
N GLN A 90 13.32 2.99 34.00
CA GLN A 90 12.99 2.39 35.33
C GLN A 90 11.49 2.31 35.54
N HIS A 91 10.65 2.92 34.69
CA HIS A 91 9.20 3.02 34.93
C HIS A 91 8.41 2.62 33.69
N ASP A 92 8.94 1.70 32.90
CA ASP A 92 8.31 1.26 31.63
C ASP A 92 6.95 0.61 31.94
N ASP A 93 6.70 0.10 33.14
CA ASP A 93 5.39 -0.55 33.47
C ASP A 93 4.40 0.48 34.04
N GLN A 94 4.70 1.78 33.98
CA GLN A 94 3.80 2.82 34.56
C GLN A 94 3.04 3.56 33.44
N PHE A 95 3.07 3.00 32.23
CA PHE A 95 2.42 3.59 31.02
C PHE A 95 1.48 2.58 30.39
N PRO A 96 0.28 2.41 30.98
CA PRO A 96 -0.63 1.35 30.56
C PRO A 96 -1.62 1.76 29.47
N ILE A 97 -1.64 3.03 29.08
CA ILE A 97 -2.62 3.53 28.07
C ILE A 97 -2.33 2.89 26.72
N ASP A 98 -3.38 2.44 26.05
CA ASP A 98 -3.36 1.94 24.66
C ASP A 98 -2.71 2.95 23.69
N VAL A 99 -2.04 2.45 22.66
CA VAL A 99 -1.58 3.26 21.51
C VAL A 99 -2.79 3.95 20.89
N PHE A 100 -3.94 3.26 20.80
CA PHE A 100 -5.13 3.82 20.09
C PHE A 100 -5.92 4.67 21.08
N GLN A 101 -5.39 5.86 21.34
CA GLN A 101 -5.94 6.84 22.31
C GLN A 101 -6.30 8.11 21.53
N THR A 102 -6.67 9.16 22.25
CA THR A 102 -6.85 10.51 21.65
C THR A 102 -5.67 10.84 20.74
N GLY A 103 -5.96 11.37 19.55
CA GLY A 103 -5.01 11.40 18.43
C GLY A 103 -3.89 12.38 18.65
N SER A 104 -3.99 13.24 19.66
CA SER A 104 -2.93 14.24 20.00
C SER A 104 -1.86 13.57 20.86
N GLY A 105 -2.21 12.42 21.46
CA GLY A 105 -1.41 11.75 22.50
C GLY A 105 -1.51 12.45 23.86
N THR A 106 -2.53 13.30 24.05
CA THR A 106 -2.80 14.01 25.34
C THR A 106 -2.83 12.98 26.51
N SER A 107 -3.52 11.86 26.36
CA SER A 107 -3.63 10.82 27.44
C SER A 107 -2.22 10.40 27.89
N SER A 108 -1.32 10.09 26.98
CA SER A 108 0.05 9.66 27.36
C SER A 108 0.85 10.82 27.94
N ASN A 109 0.62 12.03 27.48
CA ASN A 109 1.24 13.24 28.09
C ASN A 109 0.85 13.32 29.59
N MET A 110 -0.45 13.21 29.87
CA MET A 110 -0.99 13.29 31.25
C MET A 110 -0.43 12.12 32.07
N ASN A 111 -0.25 10.95 31.45
CA ASN A 111 0.30 9.73 32.09
C ASN A 111 1.69 10.06 32.60
N THR A 112 2.51 10.71 31.79
CA THR A 112 3.87 11.16 32.18
C THR A 112 3.80 12.15 33.34
N ASN A 113 2.91 13.15 33.28
CA ASN A 113 2.78 14.21 34.33
C ASN A 113 2.39 13.57 35.68
N GLU A 114 1.44 12.62 35.65
CA GLU A 114 0.96 11.90 36.84
C GLU A 114 2.07 11.03 37.42
N VAL A 115 2.82 10.30 36.59
CA VAL A 115 3.87 9.39 37.11
C VAL A 115 4.95 10.26 37.74
N ILE A 116 5.28 11.40 37.15
CA ILE A 116 6.37 12.26 37.71
C ILE A 116 5.94 12.78 39.10
N ALA A 117 4.69 13.24 39.22
CA ALA A 117 4.13 13.73 40.50
C ALA A 117 4.17 12.62 41.56
N SER A 118 3.83 11.37 41.23
CA SER A 118 3.84 10.28 42.23
C SER A 118 5.28 9.94 42.61
N ILE A 119 6.22 9.95 41.66
CA ILE A 119 7.65 9.71 42.00
C ILE A 119 8.08 10.82 42.96
N ALA A 120 7.73 12.08 42.66
CA ALA A 120 8.14 13.22 43.49
C ALA A 120 7.54 13.11 44.92
N ALA A 121 6.26 12.77 45.06
CA ALA A 121 5.53 12.59 46.35
C ALA A 121 6.32 11.69 47.30
N LYS A 122 6.87 10.58 46.81
CA LYS A 122 7.65 9.58 47.58
C LYS A 122 8.91 10.21 48.16
N GLY A 123 9.37 11.33 47.60
CA GLY A 123 10.58 12.02 48.05
C GLY A 123 10.22 13.28 48.79
N GLY A 124 8.94 13.48 49.09
CA GLY A 124 8.48 14.56 49.98
C GLY A 124 8.05 15.81 49.23
N VAL A 125 8.04 15.81 47.90
CA VAL A 125 7.74 17.04 47.12
C VAL A 125 6.38 16.90 46.45
N THR A 126 5.56 17.93 46.60
CA THR A 126 4.20 18.02 46.03
C THR A 126 4.27 18.74 44.68
N LEU A 127 3.87 18.06 43.60
CA LEU A 127 3.78 18.60 42.21
C LEU A 127 2.36 18.45 41.71
N HIS A 128 1.77 19.51 41.19
CA HIS A 128 0.53 19.45 40.39
C HIS A 128 0.88 18.95 38.98
N PRO A 129 0.27 17.85 38.51
CA PRO A 129 0.62 17.26 37.19
C PRO A 129 0.49 18.28 36.05
N ASN A 130 -0.63 18.98 36.00
CA ASN A 130 -0.86 20.01 34.99
C ASN A 130 0.01 21.25 35.26
N ASP A 131 -0.15 21.87 36.44
CA ASP A 131 0.32 23.27 36.67
C ASP A 131 1.84 23.26 36.80
N ASP A 132 2.42 22.19 37.33
CA ASP A 132 3.88 22.12 37.52
C ASP A 132 4.52 21.30 36.39
N VAL A 133 4.09 20.06 36.15
CA VAL A 133 4.87 19.18 35.26
C VAL A 133 4.59 19.54 33.80
N ASN A 134 3.42 20.10 33.52
CA ASN A 134 2.97 20.52 32.15
C ASN A 134 3.11 22.04 31.98
N MET A 135 3.77 22.72 32.90
CA MET A 135 3.97 24.20 32.78
C MET A 135 4.56 24.59 31.41
N SER A 136 4.00 25.60 30.77
CA SER A 136 4.44 26.19 29.49
C SER A 136 4.15 25.24 28.32
N GLN A 137 3.50 24.11 28.56
CA GLN A 137 3.34 23.06 27.52
C GLN A 137 1.85 22.96 27.25
N SER A 138 1.49 22.32 26.16
CA SER A 138 0.07 22.05 25.87
C SER A 138 -0.12 20.55 25.75
N SER A 139 -1.38 20.16 25.60
CA SER A 139 -1.75 18.76 25.30
C SER A 139 -1.33 18.36 23.86
N ASN A 140 -0.79 19.26 22.99
CA ASN A 140 -0.65 19.11 21.51
C ASN A 140 0.78 19.29 20.94
N ASP A 141 1.71 19.96 21.64
CA ASP A 141 3.11 20.14 21.19
C ASP A 141 4.04 19.11 21.85
N THR A 142 3.60 18.44 22.91
CA THR A 142 4.46 17.58 23.77
C THR A 142 4.62 16.19 23.16
N PHE A 143 3.52 15.49 22.89
CA PHE A 143 3.60 14.10 22.37
C PHE A 143 4.35 14.06 21.02
N PRO A 144 4.06 14.93 20.03
CA PRO A 144 4.80 14.91 18.78
C PRO A 144 6.30 15.24 18.96
N THR A 145 6.62 16.12 19.91
CA THR A 145 8.03 16.41 20.23
C THR A 145 8.71 15.13 20.73
N ALA A 146 8.05 14.40 21.63
CA ALA A 146 8.63 13.16 22.17
C ALA A 146 8.82 12.15 21.01
N THR A 147 7.82 12.05 20.14
CA THR A 147 7.88 11.14 18.97
C THR A 147 9.13 11.45 18.12
N HIS A 148 9.35 12.72 17.80
CA HIS A 148 10.48 13.13 16.93
C HIS A 148 11.81 12.96 17.66
N ILE A 149 11.85 13.14 18.99
CA ILE A 149 13.06 12.84 19.81
C ILE A 149 13.35 11.34 19.66
N ALA A 150 12.35 10.48 19.92
CA ALA A 150 12.55 9.02 19.90
C ALA A 150 13.02 8.58 18.51
N ALA A 151 12.41 9.12 17.46
CA ALA A 151 12.69 8.74 16.06
C ALA A 151 14.09 9.19 15.66
N THR A 152 14.49 10.38 16.10
CA THR A 152 15.83 10.93 15.77
C THR A 152 16.89 10.09 16.48
N GLU A 153 16.66 9.79 17.75
CA GLU A 153 17.60 8.96 18.54
C GLU A 153 17.71 7.57 17.91
N ALA A 154 16.57 6.96 17.57
CA ALA A 154 16.53 5.64 16.88
C ALA A 154 17.35 5.68 15.57
N ALA A 155 17.22 6.73 14.78
CA ALA A 155 17.92 6.83 13.47
C ALA A 155 19.41 6.95 13.73
N VAL A 156 19.82 7.86 14.64
CA VAL A 156 21.25 8.28 14.76
C VAL A 156 22.01 7.28 15.62
N ALA A 157 21.46 6.86 16.76
CA ALA A 157 22.21 6.10 17.77
C ALA A 157 22.09 4.60 17.52
N HIS A 158 21.04 4.12 16.84
CA HIS A 158 20.77 2.66 16.74
C HIS A 158 20.73 2.20 15.27
N LEU A 159 19.90 2.77 14.40
CA LEU A 159 19.77 2.18 13.03
C LEU A 159 21.05 2.43 12.22
N ILE A 160 21.55 3.66 12.18
CA ILE A 160 22.74 3.95 11.34
C ILE A 160 23.90 3.05 11.76
N PRO A 161 24.28 2.89 13.04
CA PRO A 161 25.36 1.96 13.38
C PRO A 161 25.06 0.49 13.02
N ALA A 162 23.79 0.07 13.15
CA ALA A 162 23.40 -1.31 12.78
C ALA A 162 23.59 -1.50 11.27
N LEU A 163 23.12 -0.54 10.48
CA LEU A 163 23.32 -0.61 8.99
C LEU A 163 24.81 -0.55 8.66
N GLN A 164 25.61 0.23 9.38
CA GLN A 164 27.07 0.31 9.10
C GLN A 164 27.69 -1.05 9.38
N GLN A 165 27.25 -1.74 10.41
CA GLN A 165 27.75 -3.12 10.72
C GLN A 165 27.41 -4.06 9.54
N LEU A 166 26.17 -4.00 9.01
CA LEU A 166 25.76 -4.87 7.89
C LEU A 166 26.57 -4.50 6.64
N HIS A 167 26.69 -3.21 6.32
CA HIS A 167 27.55 -2.71 5.22
C HIS A 167 28.93 -3.37 5.33
N ASP A 168 29.56 -3.26 6.50
CA ASP A 168 30.97 -3.70 6.70
C ASP A 168 31.06 -5.22 6.55
N ALA A 169 30.04 -5.97 6.99
CA ALA A 169 30.00 -7.45 6.82
C ALA A 169 29.89 -7.81 5.33
N LEU A 170 28.99 -7.16 4.60
CA LEU A 170 28.84 -7.37 3.14
C LEU A 170 30.14 -6.98 2.42
N ALA A 171 30.75 -5.86 2.79
CA ALA A 171 31.99 -5.38 2.15
C ALA A 171 33.14 -6.36 2.40
N ALA A 172 33.22 -6.93 3.60
CA ALA A 172 34.27 -7.90 3.97
C ALA A 172 34.11 -9.17 3.11
N LYS A 173 32.88 -9.66 2.90
CA LYS A 173 32.63 -10.78 1.98
C LYS A 173 33.03 -10.41 0.54
N ALA A 174 32.72 -9.20 0.07
CA ALA A 174 33.02 -8.74 -1.29
C ALA A 174 34.55 -8.79 -1.52
N LEU A 175 35.33 -8.50 -0.50
CA LEU A 175 36.81 -8.52 -0.62
C LEU A 175 37.28 -9.98 -0.59
N ASP A 176 36.75 -10.79 0.33
CA ASP A 176 37.18 -12.21 0.46
C ASP A 176 36.86 -12.95 -0.85
N TRP A 177 35.79 -12.56 -1.56
CA TRP A 177 35.28 -13.29 -2.73
C TRP A 177 35.58 -12.52 -4.02
N HIS A 178 36.60 -11.67 -3.99
CA HIS A 178 37.02 -10.79 -5.12
C HIS A 178 37.22 -11.62 -6.40
N THR A 179 37.77 -12.83 -6.29
CA THR A 179 38.14 -13.69 -7.47
C THR A 179 37.26 -14.94 -7.55
N VAL A 180 36.14 -14.99 -6.84
CA VAL A 180 35.23 -16.18 -6.85
C VAL A 180 34.27 -16.04 -8.05
N VAL A 181 34.75 -16.46 -9.21
CA VAL A 181 34.03 -16.27 -10.50
C VAL A 181 32.85 -17.25 -10.50
N LYS A 182 31.75 -16.84 -11.15
CA LYS A 182 30.52 -17.65 -11.25
C LYS A 182 29.74 -17.10 -12.44
N SER A 183 28.72 -17.85 -12.86
N SER A 183 28.72 -17.85 -12.87
CA SER A 183 27.72 -17.45 -13.86
CA SER A 183 27.78 -17.40 -13.92
C SER A 183 26.96 -16.23 -13.35
C SER A 183 26.96 -16.24 -13.37
N GLY A 184 26.88 -15.15 -14.14
CA GLY A 184 25.84 -14.13 -13.95
C GLY A 184 24.48 -14.75 -14.19
N ARG A 185 23.43 -14.06 -13.78
CA ARG A 185 22.02 -14.48 -14.00
C ARG A 185 21.21 -13.24 -14.24
N THR A 186 20.58 -13.19 -15.39
CA THR A 186 19.62 -12.13 -15.78
C THR A 186 18.32 -12.84 -16.21
N HIS A 187 17.19 -12.39 -15.68
CA HIS A 187 15.85 -12.99 -15.94
C HIS A 187 15.81 -14.40 -15.37
N LEU A 188 16.74 -14.71 -14.46
CA LEU A 188 16.99 -16.04 -13.85
C LEU A 188 17.76 -16.95 -14.81
N MET A 189 18.16 -16.48 -15.98
CA MET A 189 18.79 -17.33 -17.02
C MET A 189 20.30 -17.07 -16.99
N ASP A 190 21.08 -18.06 -17.41
CA ASP A 190 22.56 -17.97 -17.33
C ASP A 190 23.01 -16.79 -18.20
N ALA A 191 24.10 -16.13 -17.81
CA ALA A 191 24.60 -14.93 -18.48
C ALA A 191 26.12 -14.94 -18.30
N VAL A 192 26.80 -13.95 -18.83
CA VAL A 192 28.28 -13.93 -18.77
C VAL A 192 28.76 -13.81 -17.33
N PRO A 193 30.04 -14.14 -17.08
CA PRO A 193 30.51 -14.27 -15.70
C PRO A 193 30.54 -12.97 -14.88
N VAL A 194 30.36 -13.14 -13.57
CA VAL A 194 30.57 -12.13 -12.52
C VAL A 194 31.39 -12.82 -11.44
N THR A 195 31.73 -12.11 -10.39
CA THR A 195 32.27 -12.73 -9.16
C THR A 195 31.24 -12.56 -8.02
N LEU A 196 31.26 -13.48 -7.06
CA LEU A 196 30.48 -13.36 -5.80
C LEU A 196 30.84 -12.03 -5.16
N GLY A 197 32.12 -11.66 -5.18
CA GLY A 197 32.62 -10.37 -4.69
C GLY A 197 31.91 -9.19 -5.31
N GLN A 198 31.79 -9.17 -6.62
CA GLN A 198 31.03 -8.10 -7.31
C GLN A 198 29.58 -8.04 -6.80
N GLU A 199 28.89 -9.18 -6.72
CA GLU A 199 27.48 -9.18 -6.28
C GLU A 199 27.40 -8.61 -4.85
N PHE A 200 28.27 -9.04 -3.96
CA PHE A 200 28.29 -8.55 -2.54
C PHE A 200 28.67 -7.07 -2.48
N SER A 201 29.50 -6.54 -3.40
CA SER A 201 29.82 -5.10 -3.48
C SER A 201 28.52 -4.32 -3.79
N GLY A 202 27.65 -4.93 -4.61
CA GLY A 202 26.32 -4.38 -4.96
C GLY A 202 25.42 -4.33 -3.72
N TYR A 203 25.36 -5.41 -2.95
CA TYR A 203 24.59 -5.45 -1.68
C TYR A 203 25.14 -4.40 -0.72
N ALA A 204 26.46 -4.33 -0.58
CA ALA A 204 27.08 -3.33 0.30
C ALA A 204 26.61 -1.93 -0.12
N ARG A 205 26.66 -1.61 -1.41
CA ARG A 205 26.27 -0.26 -1.85
C ARG A 205 24.80 -0.01 -1.49
N GLN A 206 23.93 -1.02 -1.63
CA GLN A 206 22.49 -0.83 -1.31
C GLN A 206 22.38 -0.35 0.15
N ILE A 207 23.17 -0.94 1.04
CA ILE A 207 23.12 -0.65 2.49
C ILE A 207 23.79 0.70 2.76
N GLU A 208 24.91 1.00 2.11
CA GLU A 208 25.53 2.35 2.19
C GLU A 208 24.54 3.42 1.72
N ALA A 209 23.84 3.19 0.60
CA ALA A 209 22.82 4.13 0.09
C ALA A 209 21.67 4.26 1.11
N GLY A 210 21.28 3.18 1.76
CA GLY A 210 20.30 3.20 2.87
C GLY A 210 20.73 4.17 3.96
N ILE A 211 22.00 4.11 4.37
CA ILE A 211 22.50 5.06 5.40
C ILE A 211 22.38 6.49 4.86
N GLU A 212 22.77 6.73 3.60
CA GLU A 212 22.65 8.07 2.98
C GLU A 212 21.17 8.51 3.06
N ARG A 213 20.25 7.60 2.77
CA ARG A 213 18.81 7.95 2.74
C ARG A 213 18.37 8.37 4.15
N VAL A 214 18.79 7.66 5.19
CA VAL A 214 18.40 7.99 6.58
C VAL A 214 19.05 9.32 6.96
N ARG A 215 20.36 9.42 6.72
N ARG A 215 20.34 9.51 6.66
CA ARG A 215 21.28 10.70 6.83
CA ARG A 215 21.06 10.79 6.97
C ARG A 215 20.19 12.08 6.34
C ARG A 215 20.32 11.97 6.32
N ALA A 216 19.83 11.83 5.08
CA ALA A 216 19.19 12.89 4.29
C ALA A 216 17.82 13.32 4.88
N CYS A 217 17.13 12.46 5.64
CA CYS A 217 15.80 12.81 6.22
C CYS A 217 15.97 13.55 7.57
N LEU A 218 17.16 13.52 8.19
CA LEU A 218 17.38 14.01 9.58
C LEU A 218 17.11 15.50 9.72
N PRO A 219 17.37 16.38 8.71
CA PRO A 219 17.11 17.81 8.90
C PRO A 219 15.64 18.10 9.21
N ARG A 220 14.74 17.23 8.75
CA ARG A 220 13.29 17.40 8.99
C ARG A 220 12.81 16.42 10.07
N LEU A 221 13.40 15.22 10.22
CA LEU A 221 12.99 14.29 11.29
C LEU A 221 13.27 14.91 12.67
N GLY A 222 14.37 15.65 12.84
CA GLY A 222 14.74 16.20 14.15
C GLY A 222 14.00 17.49 14.50
N GLU A 223 13.12 18.02 13.64
CA GLU A 223 12.31 19.21 13.95
C GLU A 223 11.34 18.89 15.09
N LEU A 224 11.36 19.70 16.16
CA LEU A 224 10.51 19.53 17.37
C LEU A 224 9.49 20.68 17.44
N ALA A 225 8.26 20.36 17.81
CA ALA A 225 7.14 21.30 17.93
C ALA A 225 7.16 22.05 19.26
N ILE A 226 7.94 21.61 20.25
CA ILE A 226 7.90 22.18 21.62
C ILE A 226 7.96 23.71 21.57
N GLY A 227 7.04 24.35 22.27
CA GLY A 227 6.95 25.80 22.36
C GLY A 227 5.80 26.33 21.54
N GLY A 228 5.23 25.53 20.64
CA GLY A 228 4.12 25.96 19.78
C GLY A 228 2.79 25.92 20.53
N THR A 229 2.75 25.28 21.71
CA THR A 229 1.54 25.11 22.57
C THR A 229 0.35 24.68 21.70
N ALA A 230 -0.89 25.13 21.97
CA ALA A 230 -2.10 24.39 21.52
C ALA A 230 -2.26 24.40 19.99
N VAL A 231 -1.89 25.47 19.31
CA VAL A 231 -2.20 25.66 17.86
C VAL A 231 -0.98 26.03 17.03
N GLY A 232 0.19 26.22 17.65
CA GLY A 232 1.42 26.60 16.93
C GLY A 232 1.89 28.03 17.22
N THR A 233 1.07 28.81 17.94
CA THR A 233 1.28 30.27 18.14
C THR A 233 2.23 30.51 19.32
N GLY A 234 2.39 29.54 20.22
CA GLY A 234 3.24 29.69 21.42
C GLY A 234 2.50 30.43 22.55
N LEU A 235 1.20 30.69 22.41
CA LEU A 235 0.38 31.32 23.48
C LEU A 235 0.51 30.50 24.78
N ASN A 236 0.77 31.19 25.90
CA ASN A 236 0.90 30.61 27.27
C ASN A 236 2.24 29.89 27.40
N ALA A 237 3.20 30.15 26.51
CA ALA A 237 4.59 29.73 26.74
C ALA A 237 5.47 30.96 26.60
N PRO A 238 6.64 30.98 27.24
CA PRO A 238 7.68 31.94 26.88
C PRO A 238 8.03 31.92 25.38
N ASP A 239 8.37 33.09 24.83
CA ASP A 239 8.65 33.29 23.39
C ASP A 239 9.81 32.40 22.93
N ASP A 240 10.78 32.22 23.79
CA ASP A 240 11.99 31.41 23.51
C ASP A 240 11.92 30.03 24.18
N PHE A 241 10.75 29.52 24.55
CA PHE A 241 10.67 28.21 25.25
C PHE A 241 11.25 27.12 24.34
N GLY A 242 10.81 27.06 23.09
CA GLY A 242 11.28 26.06 22.11
C GLY A 242 12.79 26.04 22.02
N VAL A 243 13.41 27.18 21.72
CA VAL A 243 14.88 27.14 21.48
C VAL A 243 15.57 26.75 22.80
N ARG A 244 15.05 27.16 23.95
CA ARG A 244 15.70 26.82 25.24
C ARG A 244 15.61 25.31 25.50
N VAL A 245 14.43 24.70 25.36
CA VAL A 245 14.23 23.26 25.66
C VAL A 245 15.07 22.44 24.68
N VAL A 246 15.07 22.81 23.41
CA VAL A 246 15.87 22.08 22.39
C VAL A 246 17.35 22.14 22.79
N ALA A 247 17.82 23.27 23.28
CA ALA A 247 19.26 23.42 23.59
C ALA A 247 19.59 22.52 24.79
N VAL A 248 18.67 22.42 25.76
CA VAL A 248 18.87 21.51 26.92
C VAL A 248 18.89 20.07 26.38
N LEU A 249 17.94 19.71 25.52
CA LEU A 249 17.87 18.32 24.99
C LEU A 249 19.18 18.00 24.25
N VAL A 250 19.65 18.92 23.41
CA VAL A 250 20.93 18.70 22.66
C VAL A 250 22.11 18.58 23.62
N ALA A 251 22.16 19.43 24.66
CA ALA A 251 23.27 19.40 25.65
C ALA A 251 23.25 18.05 26.40
N GLN A 252 22.08 17.54 26.77
CA GLN A 252 21.97 16.31 27.58
C GLN A 252 22.17 15.03 26.74
N THR A 253 21.61 14.93 25.53
CA THR A 253 21.57 13.67 24.74
C THR A 253 22.76 13.60 23.76
N GLY A 254 23.37 14.72 23.43
CA GLY A 254 24.39 14.76 22.36
C GLY A 254 23.77 14.69 20.97
N LEU A 255 22.43 14.73 20.83
CA LEU A 255 21.77 14.57 19.50
C LEU A 255 21.68 15.94 18.81
N SER A 256 22.73 16.33 18.08
CA SER A 256 22.79 17.67 17.46
C SER A 256 21.70 17.81 16.39
N GLU A 257 21.06 16.73 15.92
CA GLU A 257 20.03 16.78 14.85
C GLU A 257 18.72 17.36 15.40
N LEU A 258 18.53 17.41 16.72
CA LEU A 258 17.29 17.98 17.30
C LEU A 258 17.33 19.49 17.05
N ARG A 259 16.22 20.05 16.59
CA ARG A 259 16.16 21.49 16.28
C ARG A 259 14.71 21.96 16.42
N THR A 260 14.49 23.24 16.70
N THR A 260 14.51 23.25 16.66
CA THR A 260 13.14 23.83 16.64
CA THR A 260 13.17 23.88 16.64
C THR A 260 12.64 23.70 15.19
C THR A 260 12.62 23.83 15.20
N ALA A 261 11.33 23.52 15.02
CA ALA A 261 10.70 23.43 13.69
C ALA A 261 10.93 24.73 12.93
N ALA A 262 11.11 24.64 11.60
CA ALA A 262 11.25 25.81 10.72
C ALA A 262 9.94 26.61 10.74
N ASN A 263 8.80 25.92 10.78
CA ASN A 263 7.47 26.56 10.81
C ASN A 263 6.62 25.88 11.87
N SER A 264 6.21 26.64 12.88
CA SER A 264 5.59 26.09 14.11
C SER A 264 4.19 25.51 13.80
N PHE A 265 3.51 26.02 12.76
N PHE A 265 3.52 26.02 12.75
CA PHE A 265 2.17 25.53 12.33
CA PHE A 265 2.16 25.54 12.33
C PHE A 265 2.31 24.22 11.56
C PHE A 265 2.31 24.22 11.56
N GLU A 266 3.23 24.16 10.59
CA GLU A 266 3.58 22.90 9.87
C GLU A 266 4.00 21.81 10.87
N ALA A 267 4.70 22.14 11.97
CA ALA A 267 5.18 21.11 12.93
C ALA A 267 4.05 20.54 13.80
N GLN A 268 2.85 21.11 13.78
CA GLN A 268 1.72 20.53 14.57
C GLN A 268 0.56 20.12 13.67
N ALA A 269 0.33 20.85 12.60
CA ALA A 269 -0.74 20.52 11.63
C ALA A 269 -0.37 19.27 10.84
N ALA A 270 0.92 18.93 10.78
CA ALA A 270 1.36 17.73 10.00
C ALA A 270 2.46 17.00 10.75
N ARG A 271 2.69 15.75 10.33
CA ARG A 271 3.80 14.87 10.78
C ARG A 271 4.56 14.43 9.52
N ASP A 272 4.74 15.34 8.57
CA ASP A 272 5.35 15.02 7.25
C ASP A 272 6.76 14.44 7.48
N GLY A 273 7.47 14.83 8.54
CA GLY A 273 8.82 14.32 8.85
C GLY A 273 8.81 12.82 9.13
N LEU A 274 7.73 12.29 9.73
CA LEU A 274 7.64 10.83 9.99
C LEU A 274 7.37 10.12 8.66
N VAL A 275 6.52 10.71 7.82
CA VAL A 275 6.18 10.10 6.52
C VAL A 275 7.48 10.02 5.71
N GLU A 276 8.21 11.12 5.72
CA GLU A 276 9.49 11.19 4.99
C GLU A 276 10.44 10.10 5.47
N ALA A 277 10.66 10.00 6.79
CA ALA A 277 11.61 9.01 7.39
C ALA A 277 11.11 7.60 7.10
N SER A 278 9.80 7.34 7.14
CA SER A 278 9.27 5.99 6.86
C SER A 278 9.66 5.59 5.44
N GLY A 279 9.60 6.53 4.49
CA GLY A 279 9.98 6.24 3.08
C GLY A 279 11.43 5.78 2.99
N ALA A 280 12.33 6.34 3.80
CA ALA A 280 13.73 5.86 3.86
C ALA A 280 13.71 4.42 4.39
N LEU A 281 12.97 4.15 5.46
CA LEU A 281 12.98 2.80 6.07
C LEU A 281 12.40 1.81 5.05
N ARG A 282 11.36 2.23 4.31
CA ARG A 282 10.67 1.40 3.27
C ARG A 282 11.68 1.10 2.15
N THR A 283 12.53 2.06 1.78
CA THR A 283 13.56 1.82 0.75
C THR A 283 14.56 0.78 1.30
N ILE A 284 14.92 0.88 2.57
CA ILE A 284 15.90 -0.07 3.18
C ILE A 284 15.26 -1.47 3.18
N ALA A 285 13.97 -1.55 3.48
CA ALA A 285 13.24 -2.83 3.48
C ALA A 285 13.31 -3.45 2.09
N VAL A 286 13.08 -2.64 1.05
CA VAL A 286 13.17 -3.05 -0.36
C VAL A 286 14.56 -3.58 -0.67
N SER A 287 15.62 -2.87 -0.29
CA SER A 287 17.00 -3.33 -0.51
C SER A 287 17.25 -4.65 0.21
N LEU A 288 16.89 -4.75 1.49
CA LEU A 288 17.12 -5.97 2.30
C LEU A 288 16.37 -7.14 1.69
N THR A 289 15.20 -6.90 1.12
CA THR A 289 14.41 -7.99 0.48
C THR A 289 15.26 -8.58 -0.64
N LYS A 290 15.84 -7.74 -1.51
CA LYS A 290 16.68 -8.21 -2.66
C LYS A 290 17.91 -8.99 -2.14
N ILE A 291 18.61 -8.43 -1.17
CA ILE A 291 19.84 -9.08 -0.62
C ILE A 291 19.47 -10.43 0.01
N ALA A 292 18.48 -10.45 0.89
CA ALA A 292 18.07 -11.69 1.60
C ALA A 292 17.60 -12.76 0.61
N ASN A 293 16.83 -12.38 -0.41
N ASN A 293 16.83 -12.38 -0.42
CA ASN A 293 16.27 -13.29 -1.43
CA ASN A 293 16.26 -13.33 -1.39
C ASN A 293 17.41 -13.93 -2.23
C ASN A 293 17.40 -13.92 -2.26
N ASP A 294 18.35 -13.12 -2.70
CA ASP A 294 19.52 -13.67 -3.43
C ASP A 294 20.28 -14.65 -2.53
N ILE A 295 20.50 -14.30 -1.26
CA ILE A 295 21.32 -15.15 -0.36
C ILE A 295 20.62 -16.49 -0.10
N ARG A 296 19.32 -16.51 0.17
CA ARG A 296 18.61 -17.79 0.34
C ARG A 296 18.55 -18.59 -0.97
N TRP A 297 18.42 -17.96 -2.13
CA TRP A 297 18.53 -18.69 -3.43
C TRP A 297 19.94 -19.29 -3.65
N MET A 298 20.99 -18.55 -3.37
N MET A 298 20.99 -18.52 -3.39
CA MET A 298 22.38 -19.02 -3.57
CA MET A 298 22.40 -18.93 -3.51
C MET A 298 22.63 -20.21 -2.63
C MET A 298 22.59 -20.19 -2.65
N GLY A 299 21.99 -20.22 -1.45
CA GLY A 299 22.17 -21.32 -0.48
C GLY A 299 21.22 -22.50 -0.72
N SER A 300 20.37 -22.44 -1.73
CA SER A 300 19.31 -23.47 -1.98
C SER A 300 19.96 -24.81 -2.39
N GLY A 301 19.38 -25.93 -1.93
CA GLY A 301 19.96 -27.27 -2.16
C GLY A 301 19.67 -28.21 -1.00
N PRO A 302 20.61 -29.15 -0.71
CA PRO A 302 21.95 -29.15 -1.32
C PRO A 302 22.11 -29.80 -2.71
N LEU A 303 21.05 -30.43 -3.27
CA LEU A 303 21.14 -31.11 -4.58
C LEU A 303 20.37 -30.39 -5.70
N THR A 304 19.09 -30.07 -5.53
CA THR A 304 18.23 -29.63 -6.65
C THR A 304 18.22 -28.11 -6.82
N GLY A 305 18.92 -27.36 -5.98
CA GLY A 305 18.95 -25.88 -5.97
C GLY A 305 20.22 -25.35 -6.63
N LEU A 306 20.57 -24.11 -6.36
CA LEU A 306 21.71 -23.45 -7.02
C LEU A 306 23.00 -23.88 -6.35
N ALA A 307 22.95 -24.12 -5.04
CA ALA A 307 24.08 -24.63 -4.23
C ALA A 307 25.36 -23.85 -4.53
N GLU A 308 25.27 -22.53 -4.51
CA GLU A 308 26.45 -21.62 -4.71
C GLU A 308 27.20 -21.41 -3.40
N ILE A 309 26.46 -21.28 -2.29
CA ILE A 309 27.04 -20.99 -0.95
C ILE A 309 26.34 -21.87 0.08
N GLN A 310 26.95 -21.93 1.26
CA GLN A 310 26.35 -22.59 2.44
C GLN A 310 26.13 -21.51 3.50
N LEU A 311 24.91 -21.45 4.03
CA LEU A 311 24.58 -20.58 5.19
C LEU A 311 24.97 -21.28 6.49
N PRO A 312 25.46 -20.55 7.51
CA PRO A 312 25.73 -21.16 8.81
C PRO A 312 24.43 -21.55 9.53
N ASP A 313 24.51 -22.62 10.32
CA ASP A 313 23.40 -23.30 11.05
C ASP A 313 22.98 -22.47 12.28
N LEU A 314 21.69 -22.58 12.66
CA LEU A 314 21.08 -21.89 13.83
C LEU A 314 19.92 -22.74 14.40
N GLY A 323 25.20 -28.47 4.11
CA GLY A 323 24.41 -27.42 3.43
C GLY A 323 22.92 -27.72 3.31
N LYS A 324 22.29 -28.19 4.41
CA LYS A 324 20.83 -28.44 4.56
C LYS A 324 20.22 -27.46 5.59
N VAL A 325 20.99 -26.47 6.03
CA VAL A 325 20.47 -25.43 6.97
C VAL A 325 19.30 -24.69 6.29
N ASN A 326 18.15 -24.55 6.95
CA ASN A 326 17.09 -23.60 6.48
C ASN A 326 17.64 -22.16 6.53
N PRO A 327 17.30 -21.30 5.54
CA PRO A 327 17.71 -19.88 5.56
C PRO A 327 16.86 -19.03 6.52
N VAL A 328 16.96 -19.31 7.81
CA VAL A 328 16.03 -18.71 8.81
C VAL A 328 16.30 -17.18 8.94
N LEU A 329 17.54 -16.71 8.86
N LEU A 329 17.55 -16.72 8.88
CA LEU A 329 17.76 -15.26 9.00
CA LEU A 329 17.80 -15.26 9.01
C LEU A 329 17.26 -14.51 7.77
C LEU A 329 17.23 -14.54 7.79
N PRO A 330 17.47 -14.98 6.52
CA PRO A 330 16.79 -14.37 5.39
C PRO A 330 15.26 -14.30 5.49
N GLU A 331 14.64 -15.36 6.03
CA GLU A 331 13.19 -15.41 6.33
C GLU A 331 12.84 -14.35 7.37
N ALA A 332 13.67 -14.17 8.40
CA ALA A 332 13.45 -13.11 9.42
C ALA A 332 13.55 -11.73 8.75
N VAL A 333 14.53 -11.56 7.88
CA VAL A 333 14.78 -10.26 7.20
C VAL A 333 13.59 -9.93 6.29
N THR A 334 13.14 -10.90 5.50
CA THR A 334 12.05 -10.63 4.50
C THR A 334 10.72 -10.41 5.23
N GLN A 335 10.49 -11.08 6.36
CA GLN A 335 9.28 -10.85 7.20
C GLN A 335 9.31 -9.44 7.81
N VAL A 336 10.46 -9.03 8.32
CA VAL A 336 10.62 -7.67 8.88
C VAL A 336 10.32 -6.70 7.74
N ALA A 337 10.88 -6.90 6.54
CA ALA A 337 10.72 -5.92 5.45
C ALA A 337 9.22 -5.78 5.14
N ALA A 338 8.49 -6.90 5.08
CA ALA A 338 7.03 -6.87 4.87
C ALA A 338 6.37 -6.01 5.96
N GLN A 339 6.74 -6.22 7.22
CA GLN A 339 6.18 -5.37 8.31
C GLN A 339 6.52 -3.89 8.10
N VAL A 340 7.77 -3.56 7.75
CA VAL A 340 8.17 -2.14 7.52
C VAL A 340 7.30 -1.53 6.41
N ILE A 341 7.03 -2.30 5.35
N ILE A 341 6.99 -2.31 5.37
CA ILE A 341 6.19 -1.90 4.19
CA ILE A 341 6.17 -1.86 4.20
C ILE A 341 4.77 -1.60 4.70
C ILE A 341 4.73 -1.63 4.64
N GLY A 342 4.17 -2.53 5.45
CA GLY A 342 2.83 -2.30 6.03
C GLY A 342 2.81 -1.07 6.94
N ASN A 343 3.73 -1.00 7.88
CA ASN A 343 3.84 0.15 8.82
C ASN A 343 3.91 1.47 8.02
N ASP A 344 4.63 1.48 6.91
CA ASP A 344 4.85 2.68 6.05
C ASP A 344 3.50 3.15 5.47
N ALA A 345 2.66 2.23 5.04
CA ALA A 345 1.32 2.56 4.51
C ALA A 345 0.49 3.19 5.62
N ALA A 346 0.54 2.64 6.84
CA ALA A 346 -0.28 3.17 7.95
C ALA A 346 0.21 4.57 8.32
N ILE A 347 1.53 4.81 8.32
CA ILE A 347 2.10 6.15 8.64
C ILE A 347 1.62 7.18 7.61
N ALA A 348 1.68 6.86 6.33
CA ALA A 348 1.30 7.82 5.27
C ALA A 348 -0.18 8.17 5.39
N TRP A 349 -1.00 7.17 5.67
CA TRP A 349 -2.47 7.31 5.83
C TRP A 349 -2.75 8.31 6.97
N GLY A 350 -2.11 8.11 8.11
CA GLY A 350 -2.23 9.03 9.25
C GLY A 350 -1.72 10.42 8.89
N GLY A 351 -0.58 10.48 8.19
CA GLY A 351 0.07 11.74 7.80
C GLY A 351 -0.84 12.63 7.00
N ALA A 352 -1.66 12.05 6.13
CA ALA A 352 -2.39 12.79 5.08
C ALA A 352 -3.61 13.46 5.72
N ASN A 353 -4.02 13.00 6.90
CA ASN A 353 -5.41 13.15 7.38
C ASN A 353 -5.44 14.12 8.56
N GLY A 354 -4.47 15.03 8.69
CA GLY A 354 -4.58 16.13 9.65
C GLY A 354 -5.72 17.06 9.29
N ALA A 355 -6.18 17.87 10.25
CA ALA A 355 -7.13 18.96 9.93
C ALA A 355 -6.67 20.23 10.63
N PHE A 356 -6.60 21.32 9.88
CA PHE A 356 -6.38 22.67 10.42
C PHE A 356 -5.14 22.62 11.31
N GLU A 357 -5.25 22.88 12.61
CA GLU A 357 -4.05 23.18 13.44
C GLU A 357 -3.45 21.90 14.02
N LEU A 358 -4.09 20.73 13.83
CA LEU A 358 -3.54 19.50 14.46
C LEU A 358 -3.76 18.24 13.62
N ASN A 359 -2.69 17.48 13.44
CA ASN A 359 -2.73 16.07 12.99
C ASN A 359 -2.98 15.18 14.20
N VAL A 360 -4.13 14.48 14.22
CA VAL A 360 -4.57 13.67 15.38
C VAL A 360 -4.44 12.19 15.02
N TYR A 361 -3.31 11.81 14.42
CA TYR A 361 -2.93 10.39 14.18
C TYR A 361 -1.59 10.07 14.82
N ILE A 362 -1.14 10.87 15.80
CA ILE A 362 0.27 10.82 16.26
C ILE A 362 0.57 9.51 16.99
N PRO A 363 -0.25 9.03 17.95
CA PRO A 363 0.08 7.77 18.63
C PRO A 363 0.27 6.62 17.65
N MET A 364 -0.64 6.47 16.66
CA MET A 364 -0.58 5.36 15.65
C MET A 364 0.69 5.56 14.79
N MET A 365 0.95 6.76 14.30
CA MET A 365 2.18 7.09 13.52
C MET A 365 3.44 6.76 14.31
N ALA A 366 3.50 7.15 15.58
CA ALA A 366 4.68 6.93 16.45
C ALA A 366 4.90 5.43 16.63
N ARG A 367 3.84 4.66 16.91
CA ARG A 367 4.01 3.19 17.07
C ARG A 367 4.70 2.60 15.81
N ASN A 368 4.18 2.92 14.64
CA ASN A 368 4.59 2.33 13.35
C ASN A 368 6.03 2.75 13.03
N ILE A 369 6.36 4.03 13.16
N ILE A 369 6.39 4.02 13.17
CA ILE A 369 7.73 4.52 12.79
CA ILE A 369 7.77 4.43 12.76
C ILE A 369 8.74 3.92 13.77
C ILE A 369 8.77 3.90 13.77
N LEU A 370 8.47 3.96 15.07
CA LEU A 370 9.43 3.47 16.08
C LEU A 370 9.61 1.95 15.98
N GLU A 371 8.54 1.21 15.65
CA GLU A 371 8.67 -0.24 15.39
C GLU A 371 9.56 -0.47 14.16
N SER A 372 9.31 0.22 13.07
CA SER A 372 10.09 0.06 11.82
C SER A 372 11.59 0.27 12.14
N PHE A 373 11.94 1.32 12.89
CA PHE A 373 13.33 1.59 13.31
C PHE A 373 13.87 0.39 14.10
N LYS A 374 13.11 -0.11 15.07
CA LYS A 374 13.58 -1.19 15.98
C LYS A 374 13.78 -2.50 15.20
N LEU A 375 12.77 -2.93 14.43
CA LEU A 375 12.89 -4.20 13.66
C LEU A 375 14.09 -4.13 12.73
N LEU A 376 14.29 -3.01 12.00
CA LEU A 376 15.37 -2.91 11.00
C LEU A 376 16.72 -2.94 11.73
N THR A 377 16.81 -2.27 12.88
CA THR A 377 18.07 -2.18 13.67
C THR A 377 18.45 -3.60 14.11
N ASN A 378 17.50 -4.29 14.74
CA ASN A 378 17.77 -5.60 15.37
C ASN A 378 18.02 -6.64 14.26
N VAL A 379 17.24 -6.66 13.16
CA VAL A 379 17.39 -7.75 12.16
C VAL A 379 18.68 -7.51 11.37
N SER A 380 19.11 -6.26 11.18
CA SER A 380 20.34 -5.94 10.42
C SER A 380 21.57 -6.48 11.16
N ARG A 381 21.66 -6.30 12.49
CA ARG A 381 22.80 -6.80 13.29
C ARG A 381 22.82 -8.33 13.27
N LEU A 382 21.66 -8.97 13.50
CA LEU A 382 21.52 -10.44 13.46
C LEU A 382 21.95 -10.91 12.07
N PHE A 383 21.43 -10.30 11.01
CA PHE A 383 21.79 -10.72 9.64
C PHE A 383 23.31 -10.60 9.42
N ALA A 384 23.92 -9.48 9.83
CA ALA A 384 25.36 -9.26 9.62
C ALA A 384 26.15 -10.33 10.34
N GLN A 385 25.82 -10.57 11.61
CA GLN A 385 26.65 -11.35 12.54
C GLN A 385 26.45 -12.87 12.35
N ARG A 386 25.20 -13.32 12.19
CA ARG A 386 24.87 -14.75 12.26
C ARG A 386 24.54 -15.34 10.90
N CYS A 387 24.61 -14.56 9.82
CA CYS A 387 24.39 -15.08 8.46
C CYS A 387 25.55 -14.64 7.56
N ILE A 388 25.69 -13.36 7.31
CA ILE A 388 26.68 -12.86 6.32
C ILE A 388 28.09 -13.30 6.74
N ALA A 389 28.50 -13.01 7.97
CA ALA A 389 29.91 -13.18 8.40
C ALA A 389 30.34 -14.64 8.19
N GLY A 390 29.43 -15.61 8.30
CA GLY A 390 29.82 -17.03 8.24
C GLY A 390 29.42 -17.71 6.95
N LEU A 391 28.98 -17.00 5.90
CA LEU A 391 28.69 -17.66 4.61
C LEU A 391 29.97 -18.34 4.08
N THR A 392 29.85 -19.50 3.42
CA THR A 392 31.01 -20.16 2.74
C THR A 392 30.63 -20.43 1.28
N ALA A 393 31.53 -20.08 0.36
CA ALA A 393 31.28 -20.23 -1.10
C ALA A 393 31.78 -21.59 -1.59
N ASN A 394 31.05 -22.22 -2.50
CA ASN A 394 31.52 -23.46 -3.21
C ASN A 394 32.42 -23.01 -4.37
N VAL A 395 33.67 -22.61 -4.10
CA VAL A 395 34.54 -21.85 -5.04
C VAL A 395 34.82 -22.65 -6.34
N GLU A 396 35.37 -23.85 -6.18
N GLU A 396 35.38 -23.85 -6.20
CA GLU A 396 35.73 -24.73 -7.32
CA GLU A 396 35.72 -24.67 -7.38
C GLU A 396 34.48 -25.07 -8.13
C GLU A 396 34.44 -25.01 -8.15
N HIS A 397 33.37 -25.38 -7.46
CA HIS A 397 32.09 -25.69 -8.10
C HIS A 397 31.60 -24.51 -8.97
N LEU A 398 31.61 -23.30 -8.41
CA LEU A 398 31.12 -22.09 -9.11
C LEU A 398 31.93 -21.82 -10.38
N ARG A 399 33.25 -22.00 -10.29
CA ARG A 399 34.15 -21.76 -11.43
C ARG A 399 33.90 -22.82 -12.50
N ARG A 400 33.77 -24.09 -12.09
CA ARG A 400 33.53 -25.17 -13.07
C ARG A 400 32.20 -24.89 -13.82
N LEU A 401 31.13 -24.46 -13.13
CA LEU A 401 29.88 -24.08 -13.83
C LEU A 401 30.17 -22.93 -14.79
N ALA A 402 30.85 -21.87 -14.36
CA ALA A 402 31.15 -20.71 -15.23
C ALA A 402 31.88 -21.21 -16.50
N GLU A 403 32.85 -22.11 -16.33
CA GLU A 403 33.72 -22.65 -17.43
C GLU A 403 32.97 -23.62 -18.34
N SER A 404 31.74 -24.03 -17.98
CA SER A 404 30.93 -25.03 -18.71
C SER A 404 29.67 -24.38 -19.32
N SER A 405 29.55 -23.05 -19.21
CA SER A 405 28.33 -22.33 -19.63
C SER A 405 28.35 -22.00 -21.12
N PRO A 406 27.28 -22.35 -21.86
CA PRO A 406 27.05 -21.84 -23.21
C PRO A 406 27.24 -20.33 -23.37
N SER A 407 27.02 -19.55 -22.30
CA SER A 407 27.10 -18.07 -22.30
C SER A 407 28.51 -17.59 -22.64
N ILE A 408 29.56 -18.42 -22.53
CA ILE A 408 30.97 -17.94 -22.67
C ILE A 408 31.57 -18.35 -24.03
N VAL A 409 30.78 -18.86 -24.96
CA VAL A 409 31.31 -19.29 -26.29
C VAL A 409 31.56 -18.09 -27.21
N THR A 410 31.01 -16.89 -26.92
CA THR A 410 31.07 -15.71 -27.82
C THR A 410 32.51 -15.34 -28.16
N PRO A 411 33.47 -15.27 -27.21
CA PRO A 411 34.88 -15.05 -27.54
C PRO A 411 35.55 -16.09 -28.45
N LEU A 412 34.88 -17.19 -28.78
CA LEU A 412 35.36 -18.20 -29.76
C LEU A 412 34.97 -17.79 -31.19
N ASN A 413 33.95 -16.95 -31.39
CA ASN A 413 33.40 -16.66 -32.74
C ASN A 413 34.53 -16.29 -33.70
N SER A 414 35.37 -15.33 -33.30
CA SER A 414 36.44 -14.73 -34.15
C SER A 414 37.44 -15.80 -34.61
N ALA A 415 37.56 -16.94 -33.93
CA ALA A 415 38.46 -18.06 -34.32
C ALA A 415 37.72 -19.18 -35.10
N ILE A 416 36.49 -19.54 -34.73
CA ILE A 416 35.86 -20.79 -35.29
C ILE A 416 34.49 -20.50 -35.90
N GLY A 417 33.99 -19.28 -35.78
CA GLY A 417 32.68 -18.91 -36.36
C GLY A 417 31.53 -19.25 -35.43
N TYR A 418 30.46 -18.47 -35.51
CA TYR A 418 29.34 -18.51 -34.54
C TYR A 418 28.60 -19.85 -34.68
N GLU A 419 28.68 -20.52 -35.85
CA GLU A 419 27.98 -21.80 -36.12
C GLU A 419 28.67 -22.93 -35.34
N GLU A 420 30.00 -23.01 -35.38
CA GLU A 420 30.76 -24.06 -34.64
C GLU A 420 30.73 -23.72 -33.13
N ALA A 421 30.69 -22.44 -32.77
CA ALA A 421 30.64 -22.00 -31.36
C ALA A 421 29.32 -22.48 -30.76
N ALA A 422 28.19 -22.36 -31.49
CA ALA A 422 26.87 -22.90 -31.08
C ALA A 422 26.94 -24.42 -30.91
N ALA A 423 27.67 -25.14 -31.78
CA ALA A 423 27.79 -26.61 -31.70
C ALA A 423 28.59 -27.00 -30.46
N VAL A 424 29.63 -26.24 -30.13
CA VAL A 424 30.44 -26.48 -28.92
C VAL A 424 29.55 -26.29 -27.67
N ALA A 425 28.76 -25.21 -27.61
CA ALA A 425 27.84 -24.88 -26.49
C ALA A 425 26.84 -26.04 -26.26
N LYS A 426 26.21 -26.47 -27.33
CA LYS A 426 25.20 -27.56 -27.27
C LYS A 426 25.86 -28.85 -26.78
N GLN A 427 27.06 -29.20 -27.25
CA GLN A 427 27.68 -30.47 -26.83
C GLN A 427 28.18 -30.34 -25.39
N ALA A 428 28.80 -29.22 -24.98
CA ALA A 428 29.28 -29.06 -23.59
C ALA A 428 28.12 -29.26 -22.60
N LEU A 429 26.97 -28.70 -22.91
CA LEU A 429 25.79 -28.77 -22.02
C LEU A 429 25.27 -30.20 -21.97
N LYS A 430 25.10 -30.84 -23.14
CA LYS A 430 24.57 -32.23 -23.24
C LYS A 430 25.53 -33.19 -22.54
N GLU A 431 26.84 -32.98 -22.67
CA GLU A 431 27.83 -33.97 -22.18
C GLU A 431 28.30 -33.56 -20.79
N ARG A 432 27.83 -32.40 -20.30
CA ARG A 432 28.22 -31.86 -18.98
C ARG A 432 29.76 -31.71 -18.88
N LYS A 433 30.37 -31.06 -19.85
CA LYS A 433 31.84 -30.81 -19.90
C LYS A 433 32.11 -29.32 -19.97
N THR A 434 33.33 -28.89 -19.65
CA THR A 434 33.78 -27.48 -19.82
C THR A 434 33.70 -27.11 -21.30
N ILE A 435 33.56 -25.82 -21.61
CA ILE A 435 33.67 -25.33 -23.01
C ILE A 435 35.10 -25.68 -23.48
N ARG A 436 36.12 -25.48 -22.65
CA ARG A 436 37.53 -25.82 -22.99
C ARG A 436 37.60 -27.26 -23.52
N GLN A 437 37.13 -28.22 -22.73
CA GLN A 437 37.27 -29.66 -23.01
C GLN A 437 36.46 -29.98 -24.25
N THR A 438 35.33 -29.31 -24.46
CA THR A 438 34.49 -29.55 -25.66
C THR A 438 35.21 -29.08 -26.93
N VAL A 439 35.85 -27.91 -26.91
CA VAL A 439 36.63 -27.38 -28.06
C VAL A 439 37.74 -28.39 -28.41
N ILE A 440 38.51 -28.85 -27.42
CA ILE A 440 39.58 -29.89 -27.59
C ILE A 440 38.95 -31.19 -28.14
N ASP A 441 37.87 -31.66 -27.52
CA ASP A 441 37.23 -32.95 -27.89
C ASP A 441 36.75 -32.91 -29.34
N ARG A 442 36.35 -31.74 -29.87
CA ARG A 442 35.80 -31.61 -31.23
C ARG A 442 36.93 -31.39 -32.25
N GLY A 443 38.18 -31.51 -31.81
CA GLY A 443 39.40 -31.44 -32.64
C GLY A 443 39.64 -30.06 -33.22
N LEU A 444 39.37 -28.98 -32.46
CA LEU A 444 39.45 -27.61 -33.02
C LEU A 444 40.82 -26.97 -32.70
N ILE A 445 41.66 -27.60 -31.90
CA ILE A 445 43.03 -27.08 -31.62
C ILE A 445 43.82 -27.20 -32.94
N GLY A 446 44.56 -26.19 -33.32
CA GLY A 446 45.32 -26.15 -34.59
C GLY A 446 45.91 -24.79 -34.88
N ASP A 447 45.93 -24.36 -36.14
CA ASP A 447 46.44 -23.03 -36.56
C ASP A 447 45.35 -21.98 -36.31
N ARG A 448 44.11 -22.40 -36.45
CA ARG A 448 42.97 -21.48 -36.26
C ARG A 448 42.78 -21.17 -34.77
N LEU A 449 43.49 -21.86 -33.89
CA LEU A 449 43.21 -21.82 -32.42
C LEU A 449 44.18 -22.72 -31.63
N SER A 450 45.19 -22.14 -31.00
CA SER A 450 46.16 -22.84 -30.12
C SER A 450 45.52 -23.02 -28.73
N ILE A 451 46.06 -23.95 -27.94
CA ILE A 451 45.60 -24.23 -26.55
C ILE A 451 45.73 -22.96 -25.70
N GLU A 452 46.80 -22.17 -25.88
CA GLU A 452 47.07 -20.89 -25.18
C GLU A 452 46.01 -19.86 -25.56
N ASP A 453 45.69 -19.73 -26.85
CA ASP A 453 44.67 -18.77 -27.37
C ASP A 453 43.28 -19.15 -26.84
N LEU A 454 43.00 -20.46 -26.68
CA LEU A 454 41.70 -20.96 -26.16
C LEU A 454 41.56 -20.50 -24.70
N ASP A 455 42.59 -20.72 -23.89
CA ASP A 455 42.63 -20.42 -22.44
C ASP A 455 42.50 -18.90 -22.24
N ARG A 456 43.09 -18.08 -23.11
CA ARG A 456 42.88 -16.61 -23.11
C ARG A 456 41.41 -16.31 -23.44
N ARG A 457 40.81 -16.93 -24.45
CA ARG A 457 39.43 -16.57 -24.88
C ARG A 457 38.42 -17.02 -23.82
N LEU A 458 38.70 -18.11 -23.08
CA LEU A 458 37.76 -18.71 -22.10
C LEU A 458 38.20 -18.40 -20.66
N ASP A 459 39.02 -17.37 -20.47
CA ASP A 459 39.40 -16.93 -19.11
C ASP A 459 38.17 -16.25 -18.46
N VAL A 460 37.40 -17.02 -17.70
CA VAL A 460 36.10 -16.55 -17.11
C VAL A 460 36.36 -15.42 -16.09
N LEU A 461 37.46 -15.43 -15.34
CA LEU A 461 37.73 -14.37 -14.35
C LEU A 461 38.00 -13.07 -15.08
N ALA A 462 38.75 -13.11 -16.19
CA ALA A 462 38.99 -11.90 -17.01
C ALA A 462 37.67 -11.39 -17.59
N MET A 463 36.76 -12.27 -18.02
CA MET A 463 35.43 -11.85 -18.55
C MET A 463 34.65 -11.04 -17.50
N ALA A 464 34.80 -11.39 -16.21
CA ALA A 464 34.14 -10.69 -15.09
C ALA A 464 34.72 -9.29 -14.89
N LYS A 465 35.97 -9.02 -15.31
CA LYS A 465 36.60 -7.66 -15.26
C LYS A 465 36.63 -7.15 -13.81
N ALA A 466 37.10 -7.96 -12.87
CA ALA A 466 37.32 -7.55 -11.46
C ALA A 466 38.60 -6.70 -11.41
N GLU A 467 38.92 -6.07 -10.28
CA GLU A 467 40.21 -5.33 -10.25
C GLU A 467 41.31 -6.17 -9.60
N TYR B 10 0.41 -1.36 -44.99
CA TYR B 10 0.97 -2.72 -44.65
C TYR B 10 2.19 -2.98 -45.54
N ARG B 11 3.16 -3.76 -45.06
CA ARG B 11 4.43 -4.07 -45.78
C ARG B 11 5.19 -5.19 -45.05
N ILE B 12 5.46 -6.27 -45.77
CA ILE B 12 5.98 -7.56 -45.21
C ILE B 12 7.47 -7.38 -44.85
N GLU B 13 7.94 -8.12 -43.84
CA GLU B 13 9.38 -8.23 -43.43
C GLU B 13 9.68 -9.70 -43.07
N HIS B 14 10.95 -10.02 -42.79
CA HIS B 14 11.41 -11.42 -42.52
C HIS B 14 12.23 -11.46 -41.22
N ASP B 15 11.66 -12.06 -40.18
CA ASP B 15 12.33 -12.38 -38.88
C ASP B 15 13.04 -13.73 -39.08
N THR B 16 13.83 -14.17 -38.09
CA THR B 16 14.48 -15.51 -38.04
C THR B 16 13.41 -16.58 -37.78
N MET B 17 12.27 -16.22 -37.17
CA MET B 17 11.13 -17.14 -36.88
C MET B 17 9.97 -16.86 -37.85
N GLY B 18 10.23 -16.26 -39.02
CA GLY B 18 9.27 -16.21 -40.15
C GLY B 18 9.05 -14.80 -40.71
N GLU B 19 7.85 -14.56 -41.28
CA GLU B 19 7.47 -13.33 -42.03
C GLU B 19 6.46 -12.50 -41.24
N VAL B 20 6.74 -11.21 -41.07
CA VAL B 20 6.00 -10.27 -40.16
C VAL B 20 5.43 -9.10 -40.96
N ARG B 21 4.15 -8.78 -40.81
CA ARG B 21 3.51 -7.63 -41.49
C ARG B 21 3.53 -6.41 -40.56
N VAL B 22 3.85 -5.23 -41.11
CA VAL B 22 4.15 -3.98 -40.36
C VAL B 22 3.36 -2.87 -41.04
N PRO B 23 2.66 -1.97 -40.31
CA PRO B 23 2.01 -0.83 -40.95
C PRO B 23 2.98 -0.01 -41.82
N ALA B 24 2.47 0.57 -42.92
CA ALA B 24 3.23 1.29 -43.97
C ALA B 24 4.01 2.45 -43.37
N LYS B 25 3.30 3.31 -42.63
CA LYS B 25 3.84 4.57 -42.02
C LYS B 25 4.78 4.29 -40.84
N ALA B 26 5.11 3.03 -40.53
CA ALA B 26 5.83 2.65 -39.28
C ALA B 26 7.33 2.66 -39.54
N LEU B 27 8.12 3.26 -38.65
CA LEU B 27 9.60 3.27 -38.71
C LEU B 27 10.16 2.10 -37.88
N TRP B 28 9.31 1.37 -37.15
CA TRP B 28 9.74 0.18 -36.38
C TRP B 28 9.84 -1.02 -37.33
N ARG B 29 10.55 -2.08 -36.93
CA ARG B 29 10.72 -3.26 -37.83
C ARG B 29 10.19 -4.54 -37.18
N ALA B 30 10.83 -5.66 -37.50
CA ALA B 30 10.33 -7.01 -37.18
C ALA B 30 10.27 -7.22 -35.67
N GLN B 31 11.35 -6.93 -34.92
CA GLN B 31 11.39 -7.23 -33.46
C GLN B 31 10.28 -6.44 -32.73
N THR B 32 10.08 -5.18 -33.10
CA THR B 32 9.03 -4.34 -32.47
C THR B 32 7.66 -4.92 -32.80
N GLN B 33 7.47 -5.36 -34.04
CA GLN B 33 6.14 -5.87 -34.46
C GLN B 33 5.84 -7.18 -33.71
N ARG B 34 6.84 -8.02 -33.45
CA ARG B 34 6.69 -9.24 -32.59
C ARG B 34 6.21 -8.83 -31.19
N ALA B 35 6.90 -7.86 -30.58
CA ALA B 35 6.60 -7.38 -29.23
C ALA B 35 5.16 -6.82 -29.21
N VAL B 36 4.71 -6.15 -30.28
CA VAL B 36 3.30 -5.69 -30.39
C VAL B 36 2.38 -6.91 -30.29
N GLU B 37 2.73 -8.02 -30.93
CA GLU B 37 1.84 -9.23 -30.98
C GLU B 37 1.92 -9.99 -29.66
N ASN B 38 3.06 -9.97 -28.96
CA ASN B 38 3.32 -10.71 -27.68
C ASN B 38 2.67 -10.07 -26.43
N PHE B 39 2.50 -8.75 -26.37
CA PHE B 39 2.08 -8.08 -25.11
C PHE B 39 0.86 -7.18 -25.35
N PRO B 40 -0.28 -7.69 -25.87
CA PRO B 40 -1.51 -6.90 -25.91
C PRO B 40 -2.20 -6.90 -24.55
N ILE B 41 -1.65 -6.12 -23.60
CA ILE B 41 -2.05 -6.23 -22.17
C ILE B 41 -2.79 -4.97 -21.73
N SER B 42 -2.18 -3.79 -21.84
CA SER B 42 -2.72 -2.49 -21.34
C SER B 42 -3.26 -1.60 -22.46
N GLY B 43 -2.79 -1.76 -23.70
CA GLY B 43 -3.08 -0.82 -24.80
C GLY B 43 -2.35 0.50 -24.63
N ARG B 44 -1.36 0.59 -23.73
CA ARG B 44 -0.59 1.85 -23.47
C ARG B 44 0.92 1.54 -23.64
N GLY B 45 1.65 2.43 -24.30
CA GLY B 45 3.10 2.33 -24.55
C GLY B 45 3.85 3.39 -23.78
N LEU B 46 5.13 3.56 -24.06
CA LEU B 46 6.00 4.57 -23.41
C LEU B 46 5.40 5.96 -23.60
N GLU B 47 5.65 6.82 -22.64
CA GLU B 47 5.24 8.25 -22.64
C GLU B 47 6.30 9.03 -23.40
N ARG B 48 5.96 10.24 -23.83
CA ARG B 48 6.90 11.09 -24.59
C ARG B 48 8.20 11.31 -23.79
N THR B 49 8.20 11.38 -22.45
CA THR B 49 9.43 11.63 -21.63
C THR B 49 10.41 10.44 -21.72
N GLN B 50 9.88 9.22 -21.76
CA GLN B 50 10.70 7.99 -21.90
C GLN B 50 11.26 7.90 -23.32
N ILE B 51 10.45 8.16 -24.34
CA ILE B 51 10.90 8.18 -25.76
C ILE B 51 12.01 9.22 -25.90
N ARG B 52 11.78 10.41 -25.37
CA ARG B 52 12.79 11.48 -25.49
C ARG B 52 14.10 10.95 -24.91
N ALA B 53 14.05 10.36 -23.72
CA ALA B 53 15.29 9.92 -23.04
C ALA B 53 16.00 8.83 -23.85
N LEU B 54 15.26 7.89 -24.41
CA LEU B 54 15.86 6.83 -25.27
C LEU B 54 16.57 7.51 -26.47
N GLY B 55 15.98 8.57 -27.03
CA GLY B 55 16.66 9.31 -28.12
C GLY B 55 17.93 10.00 -27.65
N LEU B 56 17.91 10.71 -26.51
CA LEU B 56 19.11 11.37 -25.92
C LEU B 56 20.16 10.29 -25.72
N LEU B 57 19.80 9.16 -25.13
CA LEU B 57 20.80 8.11 -24.81
C LEU B 57 21.44 7.59 -26.11
N LYS B 58 20.65 7.25 -27.13
CA LYS B 58 21.23 6.63 -28.37
C LYS B 58 22.17 7.63 -29.10
N GLY B 59 21.86 8.92 -29.05
CA GLY B 59 22.70 9.97 -29.64
C GLY B 59 24.02 10.08 -28.92
N ALA B 60 24.00 10.08 -27.59
CA ALA B 60 25.23 10.18 -26.75
C ALA B 60 26.12 8.94 -26.98
N CYS B 61 25.51 7.76 -27.03
CA CYS B 61 26.25 6.50 -27.29
C CYS B 61 26.94 6.56 -28.68
N ALA B 62 26.24 7.02 -29.71
CA ALA B 62 26.80 7.09 -31.09
C ALA B 62 27.98 8.08 -31.08
N GLN B 63 27.81 9.16 -30.36
N GLN B 63 27.77 9.25 -30.40
CA GLN B 63 28.87 10.20 -30.27
CA GLN B 63 28.83 10.29 -30.31
C GLN B 63 30.13 9.64 -29.61
C GLN B 63 30.09 9.72 -29.65
N VAL B 64 29.95 8.87 -28.53
CA VAL B 64 31.13 8.31 -27.81
C VAL B 64 31.77 7.22 -28.69
N ASN B 65 30.97 6.34 -29.28
CA ASN B 65 31.48 5.24 -30.14
C ASN B 65 32.29 5.84 -31.32
N SER B 66 31.80 6.91 -31.94
CA SER B 66 32.53 7.68 -32.98
C SER B 66 33.85 8.22 -32.43
N ASP B 67 33.80 8.93 -31.29
CA ASP B 67 34.99 9.53 -30.64
C ASP B 67 36.05 8.47 -30.35
N LEU B 68 35.65 7.24 -30.02
CA LEU B 68 36.60 6.16 -29.61
C LEU B 68 37.07 5.38 -30.84
N GLY B 69 36.57 5.69 -32.04
CA GLY B 69 37.03 5.08 -33.30
C GLY B 69 36.38 3.72 -33.55
N LEU B 70 35.22 3.46 -32.97
CA LEU B 70 34.55 2.13 -33.04
C LEU B 70 33.43 2.17 -34.07
N LEU B 71 32.91 3.35 -34.37
CA LEU B 71 31.75 3.50 -35.26
C LEU B 71 32.11 4.52 -36.35
N ALA B 72 31.83 4.19 -37.61
CA ALA B 72 32.20 5.02 -38.78
C ALA B 72 31.47 6.34 -38.68
N PRO B 73 32.16 7.47 -38.90
CA PRO B 73 31.59 8.79 -38.67
C PRO B 73 30.28 9.05 -39.40
N GLU B 74 30.14 8.52 -40.63
N GLU B 74 30.14 8.54 -40.65
CA GLU B 74 28.92 8.67 -41.47
CA GLU B 74 28.90 8.67 -41.47
C GLU B 74 27.75 7.94 -40.79
C GLU B 74 27.74 7.98 -40.74
N LYS B 75 28.00 6.80 -40.14
CA LYS B 75 26.97 6.04 -39.36
C LYS B 75 26.64 6.79 -38.05
N ALA B 76 27.64 7.23 -37.30
CA ALA B 76 27.48 8.03 -36.06
C ALA B 76 26.63 9.26 -36.35
N ASP B 77 26.93 9.99 -37.42
CA ASP B 77 26.22 11.25 -37.76
C ASP B 77 24.74 10.95 -38.02
N ALA B 78 24.43 9.88 -38.75
CA ALA B 78 23.04 9.49 -39.05
C ALA B 78 22.28 9.07 -37.77
N ILE B 79 22.92 8.32 -36.86
CA ILE B 79 22.30 7.94 -35.56
C ILE B 79 22.04 9.22 -34.76
N ILE B 80 23.04 10.09 -34.65
CA ILE B 80 22.91 11.40 -33.94
C ILE B 80 21.74 12.18 -34.52
N ALA B 81 21.64 12.31 -35.84
CA ALA B 81 20.56 13.15 -36.43
C ALA B 81 19.20 12.48 -36.17
N ALA B 82 19.10 11.15 -36.35
CA ALA B 82 17.84 10.42 -36.08
C ALA B 82 17.48 10.53 -34.58
N ALA B 83 18.45 10.42 -33.69
CA ALA B 83 18.20 10.39 -32.22
C ALA B 83 17.73 11.78 -31.77
N ALA B 84 18.21 12.85 -32.40
CA ALA B 84 17.75 14.23 -32.11
C ALA B 84 16.28 14.37 -32.50
N GLU B 85 15.86 13.78 -33.63
CA GLU B 85 14.43 13.80 -34.05
C GLU B 85 13.57 13.11 -32.99
N ILE B 86 14.06 12.00 -32.43
CA ILE B 86 13.28 11.26 -31.39
C ILE B 86 13.20 12.12 -30.11
N ALA B 87 14.31 12.69 -29.67
CA ALA B 87 14.42 13.47 -28.42
C ALA B 87 13.58 14.75 -28.53
N ASP B 88 13.33 15.21 -29.76
CA ASP B 88 12.57 16.45 -30.07
C ASP B 88 11.06 16.14 -30.17
N GLY B 89 10.63 14.88 -30.02
CA GLY B 89 9.20 14.52 -29.99
C GLY B 89 8.61 14.26 -31.38
N GLN B 90 9.42 14.16 -32.43
CA GLN B 90 8.95 14.02 -33.83
C GLN B 90 8.42 12.59 -34.09
N HIS B 91 8.76 11.61 -33.24
CA HIS B 91 8.46 10.18 -33.53
C HIS B 91 7.73 9.52 -32.37
N ASP B 92 6.88 10.27 -31.66
CA ASP B 92 6.16 9.80 -30.45
C ASP B 92 5.15 8.71 -30.83
N ASP B 93 4.88 8.51 -32.13
CA ASP B 93 3.88 7.52 -32.57
C ASP B 93 4.60 6.27 -33.08
N GLN B 94 5.91 6.17 -32.92
CA GLN B 94 6.66 5.03 -33.50
C GLN B 94 7.06 4.04 -32.37
N PHE B 95 6.41 4.14 -31.20
CA PHE B 95 6.72 3.27 -30.03
C PHE B 95 5.44 2.61 -29.55
N PRO B 96 4.99 1.55 -30.24
CA PRO B 96 3.70 0.93 -29.97
C PRO B 96 3.75 -0.19 -28.94
N ILE B 97 4.93 -0.57 -28.44
CA ILE B 97 5.06 -1.72 -27.50
C ILE B 97 4.42 -1.35 -26.16
N ASP B 98 3.70 -2.32 -25.59
CA ASP B 98 3.05 -2.21 -24.26
C ASP B 98 4.10 -1.92 -23.19
N VAL B 99 3.69 -1.16 -22.16
CA VAL B 99 4.46 -1.03 -20.89
C VAL B 99 4.77 -2.42 -20.35
N PHE B 100 3.80 -3.34 -20.38
CA PHE B 100 3.92 -4.66 -19.75
C PHE B 100 4.61 -5.60 -20.74
N GLN B 101 5.91 -5.41 -20.85
CA GLN B 101 6.81 -6.11 -21.78
C GLN B 101 7.86 -6.82 -20.92
N THR B 102 8.87 -7.38 -21.57
N THR B 102 8.83 -7.46 -21.55
CA THR B 102 10.07 -8.00 -20.95
CA THR B 102 9.95 -8.11 -20.84
C THR B 102 10.61 -7.01 -19.91
C THR B 102 10.56 -7.06 -19.91
N GLY B 103 10.94 -7.49 -18.72
CA GLY B 103 11.14 -6.63 -17.53
C GLY B 103 12.43 -5.85 -17.58
N SER B 104 13.32 -6.12 -18.53
CA SER B 104 14.56 -5.31 -18.70
C SER B 104 14.25 -4.09 -19.57
N GLY B 105 13.13 -4.11 -20.28
CA GLY B 105 12.78 -3.08 -21.26
C GLY B 105 13.51 -3.29 -22.60
N THR B 106 14.08 -4.49 -22.82
CA THR B 106 14.82 -4.81 -24.07
C THR B 106 13.92 -4.58 -25.29
N SER B 107 12.64 -4.94 -25.26
CA SER B 107 11.74 -4.68 -26.40
C SER B 107 11.76 -3.19 -26.77
N SER B 108 11.64 -2.27 -25.80
CA SER B 108 11.59 -0.82 -26.07
C SER B 108 12.97 -0.34 -26.55
N ASN B 109 14.05 -0.90 -26.03
CA ASN B 109 15.42 -0.62 -26.51
C ASN B 109 15.49 -1.00 -28.02
N MET B 110 15.01 -2.17 -28.42
CA MET B 110 15.11 -2.61 -29.83
C MET B 110 14.24 -1.72 -30.74
N ASN B 111 13.07 -1.30 -30.24
CA ASN B 111 12.12 -0.36 -30.90
C ASN B 111 12.89 0.91 -31.24
N THR B 112 13.64 1.45 -30.29
CA THR B 112 14.47 2.66 -30.50
C THR B 112 15.50 2.39 -31.60
N ASN B 113 16.24 1.29 -31.52
CA ASN B 113 17.28 0.92 -32.51
C ASN B 113 16.68 0.77 -33.92
N GLU B 114 15.51 0.16 -34.05
CA GLU B 114 14.84 -0.11 -35.33
C GLU B 114 14.37 1.22 -35.91
N VAL B 115 13.76 2.07 -35.09
CA VAL B 115 13.21 3.37 -35.56
C VAL B 115 14.39 4.26 -36.01
N ILE B 116 15.49 4.28 -35.28
CA ILE B 116 16.68 5.07 -35.71
C ILE B 116 17.20 4.53 -37.06
N ALA B 117 17.26 3.21 -37.26
CA ALA B 117 17.74 2.61 -38.53
C ALA B 117 16.86 3.02 -39.71
N SER B 118 15.54 3.01 -39.56
CA SER B 118 14.55 3.38 -40.59
C SER B 118 14.66 4.87 -40.93
N ILE B 119 14.93 5.73 -39.95
CA ILE B 119 15.16 7.18 -40.21
C ILE B 119 16.43 7.34 -41.06
N ALA B 120 17.53 6.72 -40.64
CA ALA B 120 18.82 6.78 -41.35
C ALA B 120 18.64 6.27 -42.81
N ALA B 121 17.86 5.19 -43.03
CA ALA B 121 17.62 4.58 -44.37
C ALA B 121 16.93 5.61 -45.31
N LYS B 122 16.04 6.46 -44.78
CA LYS B 122 15.33 7.49 -45.57
C LYS B 122 16.31 8.55 -46.08
N GLY B 123 17.55 8.56 -45.60
CA GLY B 123 18.59 9.50 -46.04
C GLY B 123 19.79 8.75 -46.60
N GLY B 124 19.62 7.48 -46.93
CA GLY B 124 20.57 6.74 -47.78
C GLY B 124 21.69 6.12 -46.97
N VAL B 125 21.60 6.08 -45.62
CA VAL B 125 22.62 5.42 -44.76
C VAL B 125 22.04 4.12 -44.16
N THR B 126 22.79 3.05 -44.27
CA THR B 126 22.44 1.71 -43.72
C THR B 126 23.04 1.60 -42.32
N LEU B 127 22.18 1.40 -41.32
CA LEU B 127 22.59 1.08 -39.92
C LEU B 127 21.99 -0.27 -39.55
N HIS B 128 22.79 -1.15 -38.96
CA HIS B 128 22.34 -2.38 -38.27
C HIS B 128 21.78 -2.02 -36.89
N PRO B 129 20.48 -2.22 -36.61
CA PRO B 129 19.90 -1.81 -35.33
C PRO B 129 20.74 -2.27 -34.14
N ASN B 130 21.15 -3.55 -34.13
CA ASN B 130 21.99 -4.09 -33.04
C ASN B 130 23.45 -3.63 -33.17
N ASP B 131 24.17 -3.85 -34.29
CA ASP B 131 25.67 -3.79 -34.26
C ASP B 131 26.14 -2.33 -34.32
N ASP B 132 25.30 -1.45 -34.87
CA ASP B 132 25.59 0.01 -34.97
C ASP B 132 24.86 0.79 -33.86
N VAL B 133 23.53 0.75 -33.79
CA VAL B 133 22.76 1.67 -32.90
C VAL B 133 22.88 1.17 -31.46
N ASN B 134 23.08 -0.13 -31.26
CA ASN B 134 23.27 -0.76 -29.93
C ASN B 134 24.74 -0.98 -29.63
N MET B 135 25.67 -0.45 -30.41
CA MET B 135 27.12 -0.71 -30.17
C MET B 135 27.47 -0.30 -28.74
N SER B 136 28.24 -1.14 -28.04
CA SER B 136 28.83 -0.91 -26.69
C SER B 136 27.76 -0.95 -25.60
N GLN B 137 26.53 -1.31 -25.96
CA GLN B 137 25.34 -1.28 -25.07
C GLN B 137 24.83 -2.69 -24.92
N SER B 138 23.89 -2.90 -24.00
CA SER B 138 23.22 -4.20 -23.89
C SER B 138 21.72 -3.98 -23.79
N SER B 139 21.00 -5.07 -23.76
CA SER B 139 19.54 -5.03 -23.60
C SER B 139 19.17 -4.69 -22.14
N ASN B 140 20.14 -4.45 -21.20
CA ASN B 140 19.94 -4.36 -19.72
C ASN B 140 20.49 -3.08 -19.03
N ASP B 141 21.46 -2.36 -19.61
CA ASP B 141 21.98 -1.10 -19.04
C ASP B 141 21.31 0.12 -19.71
N THR B 142 20.59 -0.07 -20.81
CA THR B 142 20.03 1.03 -21.65
C THR B 142 18.68 1.52 -21.11
N PHE B 143 17.67 0.65 -21.00
CA PHE B 143 16.31 1.08 -20.58
C PHE B 143 16.34 1.70 -19.18
N PRO B 144 17.03 1.15 -18.16
CA PRO B 144 17.15 1.81 -16.87
C PRO B 144 17.89 3.15 -16.93
N THR B 145 18.90 3.29 -17.78
CA THR B 145 19.58 4.58 -18.00
C THR B 145 18.53 5.57 -18.51
N ALA B 146 17.75 5.21 -19.53
CA ALA B 146 16.74 6.13 -20.10
C ALA B 146 15.68 6.47 -19.04
N THR B 147 15.31 5.51 -18.21
CA THR B 147 14.33 5.72 -17.13
C THR B 147 14.88 6.77 -16.15
N HIS B 148 16.13 6.66 -15.73
CA HIS B 148 16.71 7.59 -14.74
C HIS B 148 16.94 8.96 -15.35
N ILE B 149 17.26 9.05 -16.63
CA ILE B 149 17.38 10.35 -17.34
C ILE B 149 16.02 11.04 -17.31
N ALA B 150 14.97 10.29 -17.69
CA ALA B 150 13.61 10.84 -17.76
C ALA B 150 13.14 11.29 -16.36
N ALA B 151 13.37 10.50 -15.31
CA ALA B 151 12.94 10.81 -13.92
C ALA B 151 13.72 12.01 -13.39
N THR B 152 15.02 12.11 -13.71
CA THR B 152 15.86 13.25 -13.25
C THR B 152 15.36 14.52 -13.92
N GLU B 153 15.17 14.50 -15.25
CA GLU B 153 14.59 15.61 -16.05
C GLU B 153 13.26 16.00 -15.45
N ALA B 154 12.37 15.06 -15.17
CA ALA B 154 11.01 15.38 -14.68
C ALA B 154 11.10 16.06 -13.29
N ALA B 155 12.06 15.65 -12.44
CA ALA B 155 12.28 16.19 -11.08
C ALA B 155 12.79 17.64 -11.17
N VAL B 156 13.84 17.85 -11.98
CA VAL B 156 14.62 19.12 -11.96
C VAL B 156 13.96 20.15 -12.88
N ALA B 157 13.50 19.79 -14.06
CA ALA B 157 13.04 20.78 -15.06
C ALA B 157 11.54 21.07 -14.90
N HIS B 158 10.74 20.17 -14.34
CA HIS B 158 9.25 20.32 -14.36
C HIS B 158 8.67 20.32 -12.93
N LEU B 159 8.96 19.32 -12.12
CA LEU B 159 8.28 19.23 -10.80
C LEU B 159 8.78 20.35 -9.86
N ILE B 160 10.09 20.51 -9.72
CA ILE B 160 10.60 21.49 -8.73
C ILE B 160 10.10 22.87 -9.13
N PRO B 161 10.18 23.36 -10.38
CA PRO B 161 9.57 24.66 -10.70
C PRO B 161 8.06 24.79 -10.47
N ALA B 162 7.31 23.73 -10.73
CA ALA B 162 5.87 23.68 -10.44
C ALA B 162 5.62 23.80 -8.92
N LEU B 163 6.36 23.08 -8.10
CA LEU B 163 6.22 23.15 -6.61
C LEU B 163 6.61 24.56 -6.14
N GLN B 164 7.64 25.17 -6.74
CA GLN B 164 8.06 26.54 -6.39
C GLN B 164 6.92 27.52 -6.71
N GLN B 165 6.25 27.32 -7.84
CA GLN B 165 5.12 28.20 -8.21
C GLN B 165 4.03 28.10 -7.12
N LEU B 166 3.72 26.89 -6.66
CA LEU B 166 2.67 26.70 -5.64
C LEU B 166 3.15 27.26 -4.29
N HIS B 167 4.38 26.96 -3.90
CA HIS B 167 5.00 27.55 -2.68
C HIS B 167 4.79 29.08 -2.70
N ASP B 168 5.18 29.72 -3.80
CA ASP B 168 5.13 31.20 -3.96
C ASP B 168 3.68 31.70 -3.87
N ALA B 169 2.70 30.96 -4.41
CA ALA B 169 1.28 31.34 -4.32
C ALA B 169 0.80 31.24 -2.87
N LEU B 170 1.17 30.17 -2.17
CA LEU B 170 0.75 29.99 -0.76
C LEU B 170 1.39 31.07 0.11
N ALA B 171 2.67 31.35 -0.13
CA ALA B 171 3.45 32.33 0.65
C ALA B 171 2.87 33.73 0.43
N ALA B 172 2.43 34.09 -0.79
CA ALA B 172 1.81 35.41 -1.08
C ALA B 172 0.51 35.53 -0.29
N LYS B 173 -0.32 34.47 -0.28
CA LYS B 173 -1.53 34.46 0.57
C LYS B 173 -1.15 34.63 2.04
N ALA B 174 -0.10 33.99 2.50
CA ALA B 174 0.29 34.07 3.91
C ALA B 174 0.55 35.54 4.23
N LEU B 175 1.23 36.23 3.34
CA LEU B 175 1.59 37.65 3.57
C LEU B 175 0.31 38.50 3.50
N ASP B 176 -0.51 38.36 2.46
CA ASP B 176 -1.78 39.12 2.28
C ASP B 176 -2.69 38.94 3.51
N TRP B 177 -2.64 37.78 4.18
CA TRP B 177 -3.60 37.45 5.27
C TRP B 177 -2.92 37.48 6.64
N HIS B 178 -1.79 38.16 6.72
CA HIS B 178 -0.97 38.27 7.94
C HIS B 178 -1.81 38.69 9.15
N THR B 179 -2.80 39.57 8.99
CA THR B 179 -3.64 40.11 10.11
C THR B 179 -5.08 39.55 10.09
N VAL B 180 -5.35 38.49 9.33
CA VAL B 180 -6.75 37.94 9.24
C VAL B 180 -6.97 36.93 10.36
N VAL B 181 -7.39 37.41 11.52
N VAL B 181 -7.36 37.43 11.53
CA VAL B 181 -7.48 36.61 12.76
CA VAL B 181 -7.56 36.64 12.78
C VAL B 181 -8.74 35.72 12.65
C VAL B 181 -8.72 35.67 12.56
N LYS B 182 -8.66 34.51 13.20
CA LYS B 182 -9.75 33.52 13.21
C LYS B 182 -9.52 32.61 14.42
N SER B 183 -10.48 31.75 14.75
CA SER B 183 -10.31 30.70 15.76
C SER B 183 -9.48 29.56 15.17
N GLY B 184 -8.53 29.05 15.93
CA GLY B 184 -7.87 27.77 15.61
C GLY B 184 -8.88 26.66 15.70
N ARG B 185 -8.56 25.50 15.14
CA ARG B 185 -9.37 24.28 15.32
C ARG B 185 -8.38 23.17 15.60
N THR B 186 -8.57 22.47 16.71
CA THR B 186 -7.81 21.25 17.07
C THR B 186 -8.86 20.17 17.33
N HIS B 187 -8.66 18.96 16.78
CA HIS B 187 -9.66 17.88 16.87
C HIS B 187 -10.99 18.27 16.21
N LEU B 188 -11.00 19.27 15.33
CA LEU B 188 -12.19 19.92 14.71
C LEU B 188 -12.96 20.80 15.71
N MET B 189 -12.42 20.99 16.91
CA MET B 189 -13.09 21.83 17.94
C MET B 189 -12.42 23.22 18.10
N ASP B 190 -13.22 24.19 18.56
CA ASP B 190 -12.81 25.60 18.79
C ASP B 190 -11.51 25.61 19.58
N ALA B 191 -10.55 26.42 19.16
CA ALA B 191 -9.29 26.60 19.90
C ALA B 191 -8.92 28.09 19.94
N VAL B 192 -7.76 28.41 20.51
CA VAL B 192 -7.29 29.81 20.61
C VAL B 192 -6.97 30.36 19.21
N PRO B 193 -6.88 31.72 19.09
CA PRO B 193 -6.76 32.33 17.78
C PRO B 193 -5.47 32.05 17.01
N VAL B 194 -5.60 32.06 15.68
CA VAL B 194 -4.47 32.00 14.71
C VAL B 194 -4.81 33.06 13.67
N THR B 195 -3.95 33.29 12.68
CA THR B 195 -4.37 34.03 11.47
C THR B 195 -4.44 33.04 10.30
N LEU B 196 -5.25 33.37 9.31
CA LEU B 196 -5.31 32.62 8.03
C LEU B 196 -3.90 32.66 7.44
N GLY B 197 -3.18 33.76 7.64
CA GLY B 197 -1.77 33.92 7.18
C GLY B 197 -0.84 32.91 7.81
N GLN B 198 -0.97 32.65 9.11
CA GLN B 198 -0.14 31.61 9.78
C GLN B 198 -0.41 30.23 9.18
N GLU B 199 -1.69 29.89 8.95
CA GLU B 199 -2.10 28.57 8.41
C GLU B 199 -1.48 28.40 7.02
N PHE B 200 -1.57 29.42 6.18
CA PHE B 200 -1.01 29.38 4.80
C PHE B 200 0.54 29.33 4.85
N SER B 201 1.18 29.93 5.85
CA SER B 201 2.66 29.84 6.02
C SER B 201 3.04 28.37 6.30
N GLY B 202 2.22 27.67 7.08
CA GLY B 202 2.29 26.20 7.25
C GLY B 202 2.24 25.46 5.93
N TYR B 203 1.19 25.67 5.14
CA TYR B 203 1.07 25.04 3.79
C TYR B 203 2.32 25.35 2.95
N ALA B 204 2.77 26.61 2.90
CA ALA B 204 3.99 26.98 2.16
C ALA B 204 5.18 26.16 2.64
N ARG B 205 5.36 26.04 3.95
CA ARG B 205 6.48 25.25 4.49
C ARG B 205 6.35 23.80 4.01
N GLN B 206 5.14 23.20 3.99
CA GLN B 206 4.98 21.80 3.54
C GLN B 206 5.50 21.66 2.09
N ILE B 207 5.23 22.61 1.22
CA ILE B 207 5.65 22.56 -0.21
C ILE B 207 7.15 22.84 -0.33
N GLU B 208 7.69 23.79 0.42
CA GLU B 208 9.16 24.05 0.47
C GLU B 208 9.89 22.80 0.95
N ALA B 209 9.41 22.14 2.00
CA ALA B 209 9.95 20.84 2.49
C ALA B 209 9.84 19.78 1.38
N GLY B 210 8.75 19.78 0.61
CA GLY B 210 8.59 18.85 -0.52
C GLY B 210 9.69 19.05 -1.55
N ILE B 211 10.05 20.29 -1.83
CA ILE B 211 11.17 20.60 -2.76
C ILE B 211 12.47 20.05 -2.17
N GLU B 212 12.71 20.30 -0.88
CA GLU B 212 13.91 19.80 -0.18
C GLU B 212 13.99 18.27 -0.30
N ARG B 213 12.84 17.58 -0.19
CA ARG B 213 12.77 16.11 -0.28
C ARG B 213 13.15 15.65 -1.70
N VAL B 214 12.67 16.34 -2.75
CA VAL B 214 13.04 16.01 -4.15
C VAL B 214 14.56 16.24 -4.31
N ARG B 215 15.07 17.38 -3.83
N ARG B 215 15.07 17.40 -3.89
N ARG B 215 15.07 17.37 -3.82
CA ARG B 215 16.50 17.78 -3.95
CA ARG B 215 16.54 17.70 -3.95
CA ARG B 215 16.51 17.71 -3.98
C ARG B 215 17.40 16.75 -3.22
C ARG B 215 17.31 16.54 -3.34
C ARG B 215 17.36 16.64 -3.29
N ALA B 216 16.92 16.14 -2.13
CA ALA B 216 17.68 15.15 -1.34
C ALA B 216 17.76 13.77 -2.04
N CYS B 217 16.84 13.43 -2.95
CA CYS B 217 16.88 12.12 -3.66
C CYS B 217 17.71 12.19 -4.96
N LEU B 218 18.10 13.36 -5.44
CA LEU B 218 18.71 13.53 -6.78
C LEU B 218 20.09 12.89 -6.85
N PRO B 219 20.94 12.93 -5.80
CA PRO B 219 22.24 12.25 -5.86
C PRO B 219 22.17 10.77 -6.27
N ARG B 220 21.05 10.11 -6.01
CA ARG B 220 20.87 8.68 -6.37
C ARG B 220 19.86 8.50 -7.50
N LEU B 221 18.88 9.39 -7.65
CA LEU B 221 17.96 9.31 -8.83
C LEU B 221 18.76 9.47 -10.12
N GLY B 222 19.77 10.33 -10.09
CA GLY B 222 20.56 10.71 -11.27
C GLY B 222 21.62 9.69 -11.66
N GLU B 223 21.79 8.61 -10.90
CA GLU B 223 22.81 7.56 -11.21
C GLU B 223 22.33 6.76 -12.42
N LEU B 224 23.19 6.61 -13.42
CA LEU B 224 22.92 5.88 -14.69
C LEU B 224 23.72 4.56 -14.76
N ALA B 225 23.12 3.49 -15.26
CA ALA B 225 23.76 2.16 -15.38
C ALA B 225 24.64 2.06 -16.64
N ILE B 226 24.58 3.02 -17.55
CA ILE B 226 25.18 2.92 -18.92
C ILE B 226 26.66 2.58 -18.76
N GLY B 227 27.14 1.59 -19.52
CA GLY B 227 28.52 1.13 -19.48
C GLY B 227 28.64 -0.22 -18.80
N GLY B 228 27.64 -0.60 -17.99
CA GLY B 228 27.67 -1.85 -17.21
C GLY B 228 27.33 -3.07 -18.06
N THR B 229 26.78 -2.88 -19.27
CA THR B 229 26.37 -3.93 -20.27
C THR B 229 25.48 -4.98 -19.58
N ALA B 230 25.60 -6.27 -19.94
CA ALA B 230 24.57 -7.31 -19.64
C ALA B 230 24.43 -7.54 -18.13
N VAL B 231 25.53 -7.54 -17.38
CA VAL B 231 25.47 -7.98 -15.95
C VAL B 231 26.03 -6.96 -14.99
N GLY B 232 26.63 -5.88 -15.48
CA GLY B 232 27.23 -4.83 -14.64
C GLY B 232 28.74 -4.80 -14.70
N THR B 233 29.37 -5.76 -15.38
CA THR B 233 30.86 -5.88 -15.47
C THR B 233 31.47 -4.93 -16.52
N GLY B 234 30.66 -4.39 -17.43
CA GLY B 234 31.12 -3.61 -18.58
C GLY B 234 31.75 -4.47 -19.69
N LEU B 235 31.70 -5.80 -19.59
CA LEU B 235 32.17 -6.68 -20.72
C LEU B 235 31.54 -6.22 -22.05
N ASN B 236 32.38 -6.07 -23.07
CA ASN B 236 32.01 -5.72 -24.47
C ASN B 236 31.69 -4.22 -24.59
N ALA B 237 32.09 -3.40 -23.62
CA ALA B 237 32.03 -1.94 -23.74
C ALA B 237 33.41 -1.40 -23.42
N PRO B 238 33.78 -0.22 -23.92
CA PRO B 238 34.98 0.48 -23.42
C PRO B 238 34.89 0.73 -21.90
N ASP B 239 36.04 0.63 -21.20
CA ASP B 239 36.16 0.77 -19.71
C ASP B 239 35.59 2.11 -19.22
N ASP B 240 35.64 3.15 -20.06
CA ASP B 240 35.20 4.51 -19.67
C ASP B 240 33.95 4.88 -20.46
N PHE B 241 33.14 3.92 -20.93
CA PHE B 241 31.97 4.25 -21.79
C PHE B 241 30.98 5.10 -20.99
N GLY B 242 30.69 4.65 -19.77
CA GLY B 242 29.75 5.32 -18.84
C GLY B 242 30.16 6.76 -18.58
N VAL B 243 31.39 7.02 -18.14
CA VAL B 243 31.80 8.42 -17.83
C VAL B 243 31.70 9.25 -19.13
N ARG B 244 32.09 8.71 -20.29
CA ARG B 244 32.02 9.44 -21.57
C ARG B 244 30.58 9.72 -21.97
N VAL B 245 29.65 8.75 -21.86
CA VAL B 245 28.24 9.02 -22.28
C VAL B 245 27.60 10.07 -21.36
N VAL B 246 27.78 9.92 -20.05
CA VAL B 246 27.31 10.86 -19.00
C VAL B 246 27.83 12.29 -19.32
N ALA B 247 29.12 12.44 -19.61
CA ALA B 247 29.73 13.74 -19.91
C ALA B 247 28.97 14.39 -21.07
N VAL B 248 28.62 13.62 -22.12
CA VAL B 248 27.88 14.16 -23.30
C VAL B 248 26.47 14.53 -22.86
N LEU B 249 25.81 13.64 -22.10
CA LEU B 249 24.40 13.88 -21.68
C LEU B 249 24.33 15.14 -20.82
N VAL B 250 25.29 15.33 -19.92
CA VAL B 250 25.28 16.52 -19.03
C VAL B 250 25.52 17.78 -19.86
N ALA B 251 26.50 17.75 -20.79
CA ALA B 251 26.81 18.91 -21.66
C ALA B 251 25.58 19.25 -22.50
N GLN B 252 24.88 18.25 -23.01
CA GLN B 252 23.75 18.51 -23.95
C GLN B 252 22.49 18.97 -23.24
N THR B 253 22.14 18.39 -22.08
CA THR B 253 20.84 18.60 -21.40
C THR B 253 20.96 19.67 -20.30
N GLY B 254 22.16 19.96 -19.82
CA GLY B 254 22.40 20.82 -18.66
C GLY B 254 21.91 20.17 -17.37
N LEU B 255 21.54 18.88 -17.39
CA LEU B 255 21.10 18.14 -16.19
C LEU B 255 22.30 17.70 -15.37
N SER B 256 22.78 18.56 -14.48
N SER B 256 22.82 18.55 -14.48
CA SER B 256 24.02 18.35 -13.67
CA SER B 256 24.06 18.28 -13.69
C SER B 256 23.86 17.18 -12.69
C SER B 256 23.87 17.13 -12.72
N GLU B 257 22.62 16.77 -12.39
CA GLU B 257 22.35 15.66 -11.44
C GLU B 257 22.71 14.28 -12.04
N LEU B 258 22.84 14.16 -13.37
CA LEU B 258 23.21 12.86 -14.00
C LEU B 258 24.67 12.55 -13.66
N ARG B 259 24.93 11.30 -13.30
N ARG B 259 24.96 11.30 -13.33
CA ARG B 259 26.27 10.80 -12.90
CA ARG B 259 26.33 10.81 -13.03
C ARG B 259 26.31 9.31 -13.24
C ARG B 259 26.38 9.30 -13.24
N THR B 260 27.51 8.76 -13.42
N THR B 260 27.56 8.74 -13.50
CA THR B 260 27.70 7.29 -13.52
CA THR B 260 27.79 7.27 -13.49
C THR B 260 27.43 6.68 -12.14
C THR B 260 27.34 6.73 -12.13
N ALA B 261 26.86 5.48 -12.08
CA ALA B 261 26.48 4.83 -10.80
C ALA B 261 27.73 4.65 -9.92
N ALA B 262 27.57 4.77 -8.62
CA ALA B 262 28.63 4.51 -7.62
C ALA B 262 29.06 3.04 -7.75
N ASN B 263 28.10 2.14 -7.94
CA ASN B 263 28.36 0.69 -8.05
C ASN B 263 27.55 0.15 -9.21
N SER B 264 28.25 -0.42 -10.20
N SER B 264 28.25 -0.42 -10.20
CA SER B 264 27.67 -0.88 -11.50
CA SER B 264 27.67 -0.88 -11.48
C SER B 264 26.71 -2.04 -11.29
C SER B 264 26.67 -2.01 -11.26
N PHE B 265 26.92 -2.88 -10.28
CA PHE B 265 26.04 -4.04 -9.95
C PHE B 265 24.73 -3.52 -9.32
N GLU B 266 24.84 -2.66 -8.31
CA GLU B 266 23.68 -2.03 -7.63
C GLU B 266 22.78 -1.34 -8.67
N ALA B 267 23.39 -0.74 -9.69
CA ALA B 267 22.64 0.11 -10.65
C ALA B 267 21.86 -0.77 -11.64
N GLN B 268 22.10 -2.08 -11.68
CA GLN B 268 21.36 -2.98 -12.62
C GLN B 268 20.55 -4.04 -11.87
N ALA B 269 21.09 -4.52 -10.75
CA ALA B 269 20.41 -5.49 -9.84
C ALA B 269 19.21 -4.83 -9.15
N ALA B 270 19.20 -3.51 -8.97
CA ALA B 270 18.15 -2.80 -8.22
C ALA B 270 17.76 -1.52 -8.95
N ARG B 271 16.60 -0.98 -8.56
CA ARG B 271 16.03 0.33 -8.97
C ARG B 271 15.73 1.12 -7.70
N ASP B 272 16.58 0.98 -6.69
CA ASP B 272 16.36 1.60 -5.33
C ASP B 272 16.19 3.12 -5.46
N GLY B 273 16.86 3.76 -6.45
CA GLY B 273 16.76 5.21 -6.69
C GLY B 273 15.36 5.63 -7.10
N LEU B 274 14.61 4.77 -7.81
CA LEU B 274 13.19 5.03 -8.16
C LEU B 274 12.30 4.87 -6.92
N VAL B 275 12.56 3.87 -6.10
CA VAL B 275 11.78 3.65 -4.84
C VAL B 275 11.99 4.88 -3.93
N GLU B 276 13.24 5.31 -3.79
CA GLU B 276 13.61 6.48 -2.96
C GLU B 276 12.84 7.73 -3.43
N ALA B 277 12.90 8.02 -4.73
CA ALA B 277 12.24 9.19 -5.34
C ALA B 277 10.73 9.10 -5.15
N SER B 278 10.15 7.93 -5.32
CA SER B 278 8.69 7.76 -5.18
C SER B 278 8.29 8.13 -3.75
N GLY B 279 9.13 7.80 -2.76
CA GLY B 279 8.86 8.17 -1.35
C GLY B 279 8.74 9.68 -1.18
N ALA B 280 9.63 10.46 -1.80
CA ALA B 280 9.53 11.92 -1.82
C ALA B 280 8.20 12.33 -2.48
N LEU B 281 7.84 11.75 -3.62
CA LEU B 281 6.57 12.13 -4.31
C LEU B 281 5.41 11.76 -3.40
N ARG B 282 5.51 10.63 -2.70
CA ARG B 282 4.42 10.16 -1.82
C ARG B 282 4.23 11.15 -0.67
N THR B 283 5.32 11.69 -0.12
CA THR B 283 5.29 12.65 1.00
C THR B 283 4.63 13.94 0.47
N ILE B 284 4.97 14.38 -0.74
CA ILE B 284 4.33 15.58 -1.37
C ILE B 284 2.82 15.30 -1.50
N ALA B 285 2.43 14.10 -1.90
CA ALA B 285 1.00 13.76 -2.04
C ALA B 285 0.29 13.87 -0.67
N VAL B 286 0.94 13.41 0.38
CA VAL B 286 0.41 13.53 1.76
C VAL B 286 0.26 15.01 2.13
N SER B 287 1.28 15.86 1.93
CA SER B 287 1.18 17.31 2.19
C SER B 287 0.01 17.92 1.39
N LEU B 288 -0.08 17.66 0.09
CA LEU B 288 -1.10 18.23 -0.78
C LEU B 288 -2.49 17.79 -0.31
N THR B 289 -2.63 16.57 0.22
CA THR B 289 -3.95 16.09 0.71
C THR B 289 -4.40 16.99 1.89
N LYS B 290 -3.50 17.26 2.83
CA LYS B 290 -3.78 18.12 4.02
C LYS B 290 -4.15 19.51 3.49
N ILE B 291 -3.37 20.06 2.56
CA ILE B 291 -3.59 21.47 2.12
C ILE B 291 -4.94 21.55 1.39
N ALA B 292 -5.15 20.67 0.44
CA ALA B 292 -6.36 20.69 -0.40
C ALA B 292 -7.61 20.42 0.49
N ASN B 293 -7.49 19.51 1.46
N ASN B 293 -7.52 19.53 1.47
CA ASN B 293 -8.63 19.16 2.36
CA ASN B 293 -8.71 19.19 2.30
C ASN B 293 -9.01 20.40 3.19
C ASN B 293 -9.03 20.39 3.21
N ASP B 294 -8.01 21.05 3.78
CA ASP B 294 -8.26 22.24 4.62
C ASP B 294 -8.92 23.32 3.76
N ILE B 295 -8.42 23.50 2.52
CA ILE B 295 -8.94 24.59 1.63
C ILE B 295 -10.40 24.30 1.22
N ARG B 296 -10.78 23.08 0.88
CA ARG B 296 -12.20 22.82 0.54
C ARG B 296 -13.06 22.96 1.81
N TRP B 297 -12.57 22.55 2.97
CA TRP B 297 -13.32 22.76 4.23
C TRP B 297 -13.51 24.27 4.48
N MET B 298 -12.45 25.07 4.31
N MET B 298 -12.42 25.04 4.33
CA MET B 298 -12.55 26.53 4.57
CA MET B 298 -12.45 26.51 4.50
C MET B 298 -13.50 27.19 3.55
C MET B 298 -13.53 27.12 3.59
N GLY B 299 -13.62 26.65 2.33
CA GLY B 299 -14.55 27.16 1.33
C GLY B 299 -15.94 26.57 1.44
N SER B 300 -16.15 25.61 2.31
CA SER B 300 -17.45 24.88 2.42
C SER B 300 -18.63 25.83 2.70
N GLY B 301 -19.79 25.45 2.19
CA GLY B 301 -21.07 26.13 2.41
C GLY B 301 -21.73 26.49 1.08
N PRO B 302 -22.11 27.77 0.85
CA PRO B 302 -21.73 28.87 1.72
C PRO B 302 -22.57 29.11 2.97
N LEU B 303 -23.69 28.42 3.18
CA LEU B 303 -24.62 28.69 4.31
C LEU B 303 -24.51 27.59 5.38
N THR B 304 -24.17 26.35 5.04
CA THR B 304 -24.20 25.22 5.99
C THR B 304 -22.79 24.72 6.30
N GLY B 305 -21.75 25.41 5.84
CA GLY B 305 -20.36 24.98 6.11
C GLY B 305 -19.60 26.00 6.92
N LEU B 306 -18.29 26.09 6.71
CA LEU B 306 -17.43 26.96 7.53
C LEU B 306 -17.35 28.37 6.94
N ALA B 307 -17.42 28.52 5.61
CA ALA B 307 -17.46 29.81 4.87
C ALA B 307 -16.35 30.76 5.33
N GLU B 308 -15.15 30.24 5.52
CA GLU B 308 -13.96 31.05 5.89
C GLU B 308 -13.40 31.77 4.66
N ILE B 309 -13.37 31.11 3.50
CA ILE B 309 -12.82 31.67 2.24
C ILE B 309 -13.78 31.34 1.11
N GLN B 310 -13.59 32.02 -0.01
CA GLN B 310 -14.29 31.78 -1.29
C GLN B 310 -13.26 31.35 -2.34
N LEU B 311 -13.51 30.21 -2.97
CA LEU B 311 -12.65 29.67 -4.06
C LEU B 311 -13.11 30.32 -5.36
N PRO B 312 -12.19 30.65 -6.31
CA PRO B 312 -12.61 31.10 -7.63
C PRO B 312 -13.44 30.03 -8.34
N ASP B 313 -14.51 30.49 -8.99
CA ASP B 313 -15.49 29.63 -9.72
C ASP B 313 -14.82 29.14 -10.99
N LEU B 314 -14.94 27.86 -11.33
CA LEU B 314 -14.26 27.28 -12.53
C LEU B 314 -15.27 26.60 -13.48
N GLN B 315 -16.43 26.16 -12.99
CA GLN B 315 -17.50 25.59 -13.85
C GLN B 315 -18.78 25.41 -13.02
N PRO B 316 -19.98 25.40 -13.67
CA PRO B 316 -21.23 25.00 -13.00
C PRO B 316 -21.11 23.63 -12.30
N GLY B 317 -21.71 23.47 -11.11
CA GLY B 317 -21.61 22.25 -10.27
C GLY B 317 -22.73 21.24 -10.50
N SER B 318 -23.95 21.72 -10.82
CA SER B 318 -25.22 20.96 -10.78
C SER B 318 -26.31 21.68 -11.58
N SER B 319 -27.17 20.91 -12.26
CA SER B 319 -28.38 21.38 -12.99
C SER B 319 -29.61 21.36 -12.06
N ILE B 320 -29.69 20.38 -11.15
CA ILE B 320 -30.74 20.30 -10.08
C ILE B 320 -30.60 21.56 -9.20
N MET B 321 -29.37 21.92 -8.83
CA MET B 321 -29.03 23.05 -7.92
C MET B 321 -28.24 24.07 -8.74
N PRO B 322 -28.94 24.95 -9.50
CA PRO B 322 -28.31 25.70 -10.61
C PRO B 322 -27.09 26.58 -10.28
N GLY B 323 -27.02 27.16 -9.09
CA GLY B 323 -25.98 28.14 -8.71
C GLY B 323 -24.88 27.55 -7.83
N LYS B 324 -24.97 26.26 -7.50
CA LYS B 324 -23.99 25.57 -6.60
C LYS B 324 -22.64 25.42 -7.32
N VAL B 325 -21.54 25.97 -6.76
CA VAL B 325 -20.16 25.80 -7.32
C VAL B 325 -19.30 24.99 -6.33
N ASN B 326 -18.42 24.15 -6.86
CA ASN B 326 -17.77 23.04 -6.13
C ASN B 326 -16.26 23.25 -6.12
N PRO B 327 -15.55 22.80 -5.06
CA PRO B 327 -14.09 22.86 -4.99
C PRO B 327 -13.40 21.83 -5.91
N VAL B 328 -13.52 22.05 -7.20
CA VAL B 328 -13.08 21.08 -8.25
C VAL B 328 -11.55 20.95 -8.23
N LEU B 329 -10.79 22.02 -7.99
CA LEU B 329 -9.32 21.84 -8.00
C LEU B 329 -8.85 21.08 -6.75
N PRO B 330 -9.29 21.38 -5.50
CA PRO B 330 -8.94 20.51 -4.38
C PRO B 330 -9.33 19.05 -4.67
N GLU B 331 -10.45 18.80 -5.37
CA GLU B 331 -10.85 17.41 -5.71
C GLU B 331 -9.84 16.78 -6.68
N ALA B 332 -9.37 17.54 -7.67
CA ALA B 332 -8.38 17.04 -8.64
C ALA B 332 -7.09 16.77 -7.84
N VAL B 333 -6.71 17.67 -6.92
CA VAL B 333 -5.45 17.49 -6.15
C VAL B 333 -5.54 16.21 -5.30
N THR B 334 -6.62 16.03 -4.52
CA THR B 334 -6.79 14.85 -3.65
C THR B 334 -6.81 13.56 -4.49
N GLN B 335 -7.41 13.58 -5.69
CA GLN B 335 -7.43 12.38 -6.56
C GLN B 335 -6.04 12.06 -7.10
N VAL B 336 -5.29 13.09 -7.49
CA VAL B 336 -3.90 12.92 -7.94
C VAL B 336 -3.12 12.31 -6.78
N ALA B 337 -3.26 12.85 -5.58
CA ALA B 337 -2.51 12.34 -4.41
C ALA B 337 -2.79 10.84 -4.20
N ALA B 338 -4.06 10.42 -4.30
CA ALA B 338 -4.45 9.00 -4.19
C ALA B 338 -3.70 8.19 -5.25
N GLN B 339 -3.63 8.71 -6.47
CA GLN B 339 -2.97 7.96 -7.58
C GLN B 339 -1.48 7.83 -7.25
N VAL B 340 -0.86 8.90 -6.75
CA VAL B 340 0.60 8.87 -6.40
C VAL B 340 0.87 7.83 -5.30
N ILE B 341 -0.01 7.69 -4.31
N ILE B 341 0.00 7.74 -4.28
CA ILE B 341 0.17 6.70 -3.21
CA ILE B 341 0.05 6.70 -3.20
C ILE B 341 0.00 5.28 -3.77
C ILE B 341 0.06 5.31 -3.85
N GLY B 342 -0.91 5.07 -4.73
CA GLY B 342 -1.06 3.75 -5.41
C GLY B 342 0.15 3.44 -6.25
N ASN B 343 0.61 4.40 -7.04
CA ASN B 343 1.79 4.22 -7.93
C ASN B 343 3.00 3.90 -7.05
N ASP B 344 3.09 4.55 -5.89
CA ASP B 344 4.23 4.40 -4.97
C ASP B 344 4.30 2.93 -4.50
N ALA B 345 3.15 2.34 -4.22
CA ALA B 345 3.08 0.93 -3.77
C ALA B 345 3.54 0.00 -4.90
N ALA B 346 3.16 0.27 -6.15
CA ALA B 346 3.55 -0.56 -7.33
C ALA B 346 5.06 -0.48 -7.52
N ILE B 347 5.62 0.70 -7.30
CA ILE B 347 7.08 0.95 -7.50
C ILE B 347 7.88 0.15 -6.46
N ALA B 348 7.48 0.19 -5.19
CA ALA B 348 8.21 -0.47 -4.09
C ALA B 348 8.15 -1.98 -4.35
N TRP B 349 6.98 -2.47 -4.79
CA TRP B 349 6.74 -3.90 -5.10
C TRP B 349 7.71 -4.37 -6.19
N GLY B 350 7.81 -3.63 -7.29
CA GLY B 350 8.76 -3.93 -8.36
C GLY B 350 10.19 -3.82 -7.86
N GLY B 351 10.45 -2.84 -7.00
CA GLY B 351 11.84 -2.58 -6.56
C GLY B 351 12.40 -3.73 -5.75
N ALA B 352 11.55 -4.39 -4.95
CA ALA B 352 11.99 -5.40 -3.96
C ALA B 352 12.35 -6.72 -4.63
N ASN B 353 11.82 -6.94 -5.84
CA ASN B 353 11.68 -8.30 -6.42
C ASN B 353 12.67 -8.52 -7.56
N GLY B 354 13.79 -7.79 -7.61
CA GLY B 354 14.91 -8.13 -8.50
C GLY B 354 15.53 -9.47 -8.12
N ALA B 355 16.33 -10.02 -9.01
CA ALA B 355 17.08 -11.26 -8.74
C ALA B 355 18.48 -11.15 -9.34
N PHE B 356 19.49 -11.46 -8.55
CA PHE B 356 20.87 -11.57 -9.03
C PHE B 356 21.21 -10.28 -9.78
N GLU B 357 21.62 -10.36 -11.06
CA GLU B 357 22.27 -9.24 -11.75
C GLU B 357 21.24 -8.27 -12.35
N LEU B 358 19.94 -8.53 -12.27
CA LEU B 358 18.97 -7.64 -12.97
C LEU B 358 17.62 -7.54 -12.25
N ASN B 359 17.14 -6.31 -12.01
CA ASN B 359 15.72 -6.07 -11.65
C ASN B 359 14.89 -6.03 -12.93
N VAL B 360 13.89 -6.90 -13.04
CA VAL B 360 13.10 -7.05 -14.28
C VAL B 360 11.68 -6.53 -14.04
N TYR B 361 11.56 -5.40 -13.36
CA TYR B 361 10.28 -4.67 -13.20
C TYR B 361 10.41 -3.26 -13.77
N ILE B 362 11.39 -3.00 -14.65
CA ILE B 362 11.75 -1.61 -15.02
C ILE B 362 10.58 -0.94 -15.75
N PRO B 363 9.99 -1.51 -16.82
CA PRO B 363 8.95 -0.78 -17.53
C PRO B 363 7.80 -0.36 -16.60
N MET B 364 7.42 -1.25 -15.68
CA MET B 364 6.28 -0.98 -14.77
C MET B 364 6.69 0.13 -13.77
N MET B 365 7.87 0.05 -13.17
CA MET B 365 8.41 1.09 -12.25
C MET B 365 8.50 2.43 -12.99
N ALA B 366 8.97 2.40 -14.22
CA ALA B 366 9.17 3.62 -15.04
C ALA B 366 7.82 4.25 -15.32
N ARG B 367 6.81 3.47 -15.69
CA ARG B 367 5.46 4.04 -15.95
C ARG B 367 4.98 4.80 -14.70
N ASN B 368 5.12 4.19 -13.52
CA ASN B 368 4.49 4.66 -12.27
C ASN B 368 5.22 5.92 -11.81
N ILE B 369 6.54 5.90 -11.77
N ILE B 369 6.54 5.93 -11.76
CA ILE B 369 7.34 7.05 -11.27
CA ILE B 369 7.24 7.12 -11.22
C ILE B 369 7.11 8.24 -12.21
C ILE B 369 7.10 8.28 -12.22
N LEU B 370 7.19 8.02 -13.52
CA LEU B 370 7.06 9.14 -14.49
C LEU B 370 5.64 9.70 -14.45
N GLU B 371 4.61 8.87 -14.25
CA GLU B 371 3.24 9.39 -14.15
C GLU B 371 3.07 10.23 -12.86
N SER B 372 3.61 9.76 -11.73
CA SER B 372 3.57 10.52 -10.45
C SER B 372 4.22 11.89 -10.63
N PHE B 373 5.38 11.96 -11.28
CA PHE B 373 6.06 13.25 -11.59
C PHE B 373 5.11 14.13 -12.40
N LYS B 374 4.52 13.60 -13.47
CA LYS B 374 3.66 14.39 -14.40
C LYS B 374 2.39 14.89 -13.69
N LEU B 375 1.65 14.01 -12.98
CA LEU B 375 0.40 14.39 -12.29
C LEU B 375 0.70 15.47 -11.24
N LEU B 376 1.76 15.32 -10.43
CA LEU B 376 2.08 16.30 -9.36
C LEU B 376 2.48 17.63 -10.01
N THR B 377 3.23 17.61 -11.11
CA THR B 377 3.69 18.85 -11.78
C THR B 377 2.47 19.59 -12.30
N ASN B 378 1.63 18.91 -13.06
CA ASN B 378 0.46 19.54 -13.71
C ASN B 378 -0.52 20.03 -12.65
N VAL B 379 -0.86 19.20 -11.67
CA VAL B 379 -1.93 19.58 -10.70
C VAL B 379 -1.40 20.71 -9.80
N SER B 380 -0.12 20.71 -9.45
N SER B 380 -0.12 20.74 -9.47
CA SER B 380 0.46 21.79 -8.61
CA SER B 380 0.44 21.80 -8.58
C SER B 380 0.28 23.15 -9.30
C SER B 380 0.38 23.17 -9.28
N ARG B 381 0.63 23.25 -10.58
CA ARG B 381 0.55 24.52 -11.36
C ARG B 381 -0.89 24.97 -11.42
N LEU B 382 -1.81 24.07 -11.74
CA LEU B 382 -3.24 24.39 -11.85
C LEU B 382 -3.78 24.83 -10.48
N PHE B 383 -3.35 24.16 -9.41
CA PHE B 383 -3.81 24.50 -8.03
C PHE B 383 -3.32 25.92 -7.68
N ALA B 384 -2.08 26.24 -8.04
CA ALA B 384 -1.48 27.56 -7.74
C ALA B 384 -2.24 28.66 -8.51
N GLN B 385 -2.47 28.46 -9.81
CA GLN B 385 -2.95 29.55 -10.70
C GLN B 385 -4.47 29.67 -10.63
N ARG B 386 -5.21 28.57 -10.57
CA ARG B 386 -6.68 28.61 -10.77
C ARG B 386 -7.41 28.42 -9.43
N CYS B 387 -6.69 28.26 -8.32
CA CYS B 387 -7.34 28.14 -6.98
C CYS B 387 -6.66 29.09 -5.98
N ILE B 388 -5.41 28.85 -5.60
CA ILE B 388 -4.78 29.60 -4.48
C ILE B 388 -4.78 31.09 -4.84
N ALA B 389 -4.33 31.45 -6.04
CA ALA B 389 -4.05 32.85 -6.40
C ALA B 389 -5.31 33.68 -6.24
N GLY B 390 -6.50 33.12 -6.52
CA GLY B 390 -7.76 33.88 -6.50
C GLY B 390 -8.59 33.71 -5.23
N LEU B 391 -8.10 33.01 -4.18
CA LEU B 391 -8.87 32.84 -2.92
C LEU B 391 -9.14 34.23 -2.33
N THR B 392 -10.34 34.44 -1.80
CA THR B 392 -10.65 35.64 -0.99
C THR B 392 -11.04 35.18 0.42
N ALA B 393 -10.65 35.92 1.46
CA ALA B 393 -11.00 35.62 2.87
C ALA B 393 -12.29 36.34 3.29
N ASN B 394 -13.12 35.70 4.10
CA ASN B 394 -14.33 36.33 4.71
C ASN B 394 -13.87 36.93 6.05
N VAL B 395 -13.14 38.03 5.98
CA VAL B 395 -12.37 38.59 7.14
C VAL B 395 -13.29 38.89 8.34
N GLU B 396 -14.42 39.55 8.12
CA GLU B 396 -15.35 40.02 9.18
C GLU B 396 -15.99 38.80 9.86
N HIS B 397 -16.38 37.79 9.08
CA HIS B 397 -16.86 36.49 9.62
C HIS B 397 -15.80 35.92 10.58
N LEU B 398 -14.56 35.80 10.10
CA LEU B 398 -13.48 35.15 10.89
C LEU B 398 -13.29 35.92 12.20
N ARG B 399 -13.27 37.24 12.14
CA ARG B 399 -12.92 38.05 13.34
C ARG B 399 -14.10 37.97 14.32
N ARG B 400 -15.31 37.99 13.81
CA ARG B 400 -16.52 37.90 14.66
C ARG B 400 -16.43 36.61 15.49
N LEU B 401 -16.12 35.47 14.89
CA LEU B 401 -16.08 34.21 15.66
C LEU B 401 -14.95 34.27 16.68
N ALA B 402 -13.79 34.82 16.32
CA ALA B 402 -12.64 34.86 17.24
C ALA B 402 -13.03 35.75 18.45
N GLU B 403 -13.77 36.82 18.23
CA GLU B 403 -14.08 37.81 19.31
C GLU B 403 -15.20 37.26 20.22
N SER B 404 -15.89 36.21 19.79
CA SER B 404 -16.98 35.52 20.53
C SER B 404 -16.49 34.20 21.14
N SER B 405 -15.20 33.92 21.10
CA SER B 405 -14.69 32.56 21.48
C SER B 405 -14.45 32.49 22.99
N PRO B 406 -15.09 31.53 23.69
CA PRO B 406 -14.71 31.17 25.06
C PRO B 406 -13.20 31.04 25.25
N SER B 407 -12.49 30.57 24.21
CA SER B 407 -11.02 30.31 24.25
C SER B 407 -10.22 31.59 24.53
N ILE B 408 -10.80 32.80 24.38
CA ILE B 408 -10.03 34.06 24.54
C ILE B 408 -10.21 34.68 25.93
N VAL B 409 -10.89 34.01 26.87
CA VAL B 409 -11.15 34.60 28.23
C VAL B 409 -9.88 34.49 29.10
N THR B 410 -8.96 33.58 28.77
CA THR B 410 -7.77 33.22 29.58
C THR B 410 -7.03 34.48 30.02
N PRO B 411 -6.78 35.48 29.15
CA PRO B 411 -6.02 36.67 29.56
C PRO B 411 -6.74 37.61 30.54
N LEU B 412 -8.00 37.32 30.89
CA LEU B 412 -8.81 38.07 31.90
C LEU B 412 -8.43 37.55 33.30
N ASN B 413 -7.78 36.38 33.37
CA ASN B 413 -7.56 35.65 34.65
C ASN B 413 -6.98 36.59 35.70
N SER B 414 -5.85 37.23 35.40
CA SER B 414 -5.06 38.04 36.36
C SER B 414 -5.83 39.31 36.77
N ALA B 415 -6.93 39.68 36.09
CA ALA B 415 -7.78 40.83 36.47
C ALA B 415 -8.97 40.37 37.32
N ILE B 416 -9.71 39.35 36.88
CA ILE B 416 -11.06 39.01 37.46
C ILE B 416 -11.07 37.58 38.01
N GLY B 417 -9.97 36.83 37.88
CA GLY B 417 -9.87 35.44 38.31
C GLY B 417 -10.55 34.47 37.35
N TYR B 418 -10.04 33.23 37.31
CA TYR B 418 -10.41 32.19 36.31
C TYR B 418 -11.88 31.80 36.50
N GLU B 419 -12.40 31.78 37.73
CA GLU B 419 -13.85 31.44 37.94
C GLU B 419 -14.75 32.47 37.26
N GLU B 420 -14.43 33.76 37.33
CA GLU B 420 -15.27 34.83 36.70
C GLU B 420 -15.09 34.79 35.17
N ALA B 421 -13.86 34.60 34.70
CA ALA B 421 -13.56 34.38 33.25
C ALA B 421 -14.46 33.27 32.68
N ALA B 422 -14.58 32.13 33.37
CA ALA B 422 -15.36 30.96 32.92
C ALA B 422 -16.86 31.31 32.88
N ALA B 423 -17.34 32.19 33.76
CA ALA B 423 -18.74 32.67 33.76
C ALA B 423 -19.00 33.59 32.56
N VAL B 424 -18.06 34.48 32.26
CA VAL B 424 -18.07 35.36 31.07
C VAL B 424 -18.19 34.46 29.81
N ALA B 425 -17.36 33.40 29.71
CA ALA B 425 -17.40 32.41 28.61
C ALA B 425 -18.81 31.80 28.51
N LYS B 426 -19.27 31.14 29.58
CA LYS B 426 -20.62 30.51 29.69
C LYS B 426 -21.67 31.46 29.11
N GLN B 427 -21.71 32.68 29.64
CA GLN B 427 -22.72 33.71 29.30
C GLN B 427 -22.58 34.11 27.82
N ALA B 428 -21.37 34.51 27.39
CA ALA B 428 -21.09 34.94 25.99
C ALA B 428 -21.66 33.88 25.04
N LEU B 429 -21.21 32.63 25.23
CA LEU B 429 -21.55 31.45 24.39
C LEU B 429 -23.06 31.20 24.43
N LYS B 430 -23.73 31.48 25.56
CA LYS B 430 -25.20 31.32 25.77
C LYS B 430 -25.96 32.47 25.09
N GLU B 431 -25.55 33.72 25.31
CA GLU B 431 -26.29 34.92 24.84
C GLU B 431 -25.81 35.35 23.46
N ARG B 432 -24.97 34.55 22.79
CA ARG B 432 -24.42 34.85 21.45
C ARG B 432 -23.81 36.27 21.42
N LYS B 433 -23.01 36.64 22.42
CA LYS B 433 -22.31 37.95 22.46
C LYS B 433 -20.80 37.76 22.22
N THR B 434 -20.09 38.86 22.02
CA THR B 434 -18.60 38.94 22.13
C THR B 434 -18.22 38.80 23.60
N ILE B 435 -17.00 38.33 23.86
CA ILE B 435 -16.41 38.24 25.22
C ILE B 435 -16.38 39.64 25.80
N ARG B 436 -15.91 40.60 25.01
CA ARG B 436 -15.81 42.04 25.38
C ARG B 436 -17.16 42.52 25.93
N GLN B 437 -18.22 42.36 25.14
CA GLN B 437 -19.58 42.84 25.49
C GLN B 437 -20.05 42.12 26.77
N THR B 438 -19.91 40.79 26.83
CA THR B 438 -20.31 39.99 28.00
C THR B 438 -19.62 40.52 29.27
N VAL B 439 -18.33 40.86 29.20
CA VAL B 439 -17.56 41.42 30.37
C VAL B 439 -18.23 42.72 30.82
N ILE B 440 -18.52 43.64 29.88
CA ILE B 440 -19.28 44.91 30.14
C ILE B 440 -20.60 44.59 30.83
N ASP B 441 -21.39 43.65 30.28
CA ASP B 441 -22.78 43.29 30.69
C ASP B 441 -22.79 42.59 32.07
N ARG B 442 -21.64 42.43 32.71
CA ARG B 442 -21.54 41.92 34.10
C ARG B 442 -20.82 42.95 34.99
N GLY B 443 -20.74 44.21 34.53
CA GLY B 443 -20.26 45.41 35.25
C GLY B 443 -18.85 45.25 35.83
N LEU B 444 -17.99 44.46 35.19
CA LEU B 444 -16.65 44.12 35.75
C LEU B 444 -15.65 45.24 35.47
N ILE B 445 -15.99 46.21 34.61
CA ILE B 445 -15.12 47.40 34.32
C ILE B 445 -15.18 48.33 35.53
N GLY B 446 -14.02 48.82 35.97
CA GLY B 446 -13.91 49.81 37.06
C GLY B 446 -12.51 49.84 37.64
N ASP B 447 -12.35 49.31 38.85
CA ASP B 447 -11.14 49.49 39.67
C ASP B 447 -9.97 48.73 39.02
N ARG B 448 -10.05 47.40 39.04
CA ARG B 448 -8.99 46.47 38.54
C ARG B 448 -9.13 46.15 37.05
N LEU B 449 -9.70 47.04 36.25
CA LEU B 449 -9.89 46.80 34.80
C LEU B 449 -10.57 47.98 34.10
N SER B 450 -9.81 48.88 33.46
CA SER B 450 -10.34 49.95 32.56
C SER B 450 -10.93 49.33 31.28
N ILE B 451 -11.58 50.13 30.44
CA ILE B 451 -12.14 49.65 29.15
C ILE B 451 -11.01 49.49 28.13
N GLU B 452 -9.91 50.18 28.42
CA GLU B 452 -8.71 50.17 27.54
C GLU B 452 -7.92 48.91 27.85
N ASP B 453 -7.93 48.53 29.11
CA ASP B 453 -7.24 47.35 29.71
C ASP B 453 -7.90 46.05 29.18
N LEU B 454 -9.21 46.08 29.01
CA LEU B 454 -10.04 44.96 28.52
C LEU B 454 -9.74 44.75 27.03
N ASP B 455 -9.83 45.83 26.24
CA ASP B 455 -9.55 45.84 24.78
C ASP B 455 -8.12 45.32 24.54
N ARG B 456 -7.18 45.58 25.46
CA ARG B 456 -5.78 45.12 25.36
C ARG B 456 -5.69 43.61 25.67
N ARG B 457 -6.38 43.13 26.71
CA ARG B 457 -6.34 41.70 27.08
C ARG B 457 -7.08 40.84 26.04
N LEU B 458 -8.15 41.37 25.43
CA LEU B 458 -8.99 40.63 24.44
C LEU B 458 -8.59 41.01 23.00
N ASP B 459 -7.37 41.50 22.78
CA ASP B 459 -6.83 41.78 21.43
C ASP B 459 -6.54 40.42 20.75
N VAL B 460 -7.45 39.96 19.91
CA VAL B 460 -7.37 38.59 19.35
C VAL B 460 -6.15 38.48 18.43
N LEU B 461 -5.79 39.51 17.67
CA LEU B 461 -4.60 39.45 16.79
C LEU B 461 -3.31 39.30 17.62
N ALA B 462 -3.17 40.02 18.74
CA ALA B 462 -2.00 39.85 19.64
C ALA B 462 -1.97 38.45 20.24
N MET B 463 -3.13 37.82 20.47
N MET B 463 -3.13 37.83 20.46
CA MET B 463 -3.22 36.44 21.00
CA MET B 463 -3.22 36.44 21.00
C MET B 463 -2.67 35.45 19.98
C MET B 463 -2.73 35.42 19.97
N ALA B 464 -2.93 35.69 18.68
CA ALA B 464 -2.35 34.90 17.55
C ALA B 464 -0.82 35.04 17.53
N LYS B 465 -0.26 36.13 18.10
CA LYS B 465 1.21 36.36 18.23
C LYS B 465 1.86 36.35 16.85
N ALA B 466 1.35 37.17 15.94
CA ALA B 466 1.91 37.36 14.58
C ALA B 466 3.31 38.00 14.69
N GLU B 467 4.30 37.48 13.94
CA GLU B 467 5.71 37.99 13.91
C GLU B 467 5.74 39.52 13.75
N TYR C 10 -13.25 27.46 -34.59
CA TYR C 10 -13.96 27.58 -33.27
C TYR C 10 -15.37 28.19 -33.47
N ARG C 11 -16.29 27.92 -32.54
CA ARG C 11 -17.64 28.56 -32.45
C ARG C 11 -17.91 28.96 -31.00
N ILE C 12 -18.96 29.75 -30.76
CA ILE C 12 -19.33 30.27 -29.40
C ILE C 12 -20.47 29.42 -28.84
N GLU C 13 -20.38 29.06 -27.57
CA GLU C 13 -21.45 28.38 -26.80
C GLU C 13 -21.70 29.18 -25.51
N HIS C 14 -22.57 28.69 -24.63
CA HIS C 14 -22.85 29.31 -23.30
C HIS C 14 -23.22 28.24 -22.27
N ASP C 15 -23.14 28.58 -20.97
CA ASP C 15 -23.69 27.82 -19.82
C ASP C 15 -24.10 28.86 -18.75
N THR C 16 -24.58 28.41 -17.57
CA THR C 16 -24.98 29.29 -16.44
C THR C 16 -23.86 30.30 -16.15
N MET C 17 -22.59 29.94 -16.34
CA MET C 17 -21.41 30.80 -16.04
C MET C 17 -21.08 31.75 -17.20
N GLY C 18 -21.69 31.63 -18.39
CA GLY C 18 -21.43 32.56 -19.52
C GLY C 18 -20.97 31.84 -20.78
N GLU C 19 -20.09 32.48 -21.58
CA GLU C 19 -19.80 32.08 -23.00
C GLU C 19 -18.38 31.51 -23.16
N VAL C 20 -18.23 30.49 -23.99
CA VAL C 20 -16.99 29.65 -24.12
C VAL C 20 -16.75 29.33 -25.61
N ARG C 21 -15.50 29.40 -26.05
CA ARG C 21 -15.08 29.00 -27.42
C ARG C 21 -14.87 27.49 -27.42
N VAL C 22 -15.34 26.81 -28.47
CA VAL C 22 -15.26 25.32 -28.67
C VAL C 22 -14.68 25.06 -30.05
N PRO C 23 -13.87 24.00 -30.27
CA PRO C 23 -13.56 23.54 -31.63
C PRO C 23 -14.82 23.44 -32.50
N ALA C 24 -14.87 24.23 -33.57
CA ALA C 24 -16.02 24.38 -34.50
C ALA C 24 -16.60 22.99 -34.82
N LYS C 25 -15.72 21.97 -34.93
CA LYS C 25 -16.04 20.60 -35.41
C LYS C 25 -16.66 19.71 -34.31
N ALA C 26 -16.20 19.81 -33.06
CA ALA C 26 -16.43 18.81 -31.98
C ALA C 26 -17.93 18.68 -31.61
N LEU C 27 -18.35 17.45 -31.23
CA LEU C 27 -19.74 17.08 -30.85
C LEU C 27 -20.04 17.39 -29.37
N TRP C 28 -19.03 17.76 -28.58
CA TRP C 28 -19.22 18.25 -27.19
C TRP C 28 -19.52 19.74 -27.26
N ARG C 29 -19.84 20.37 -26.13
CA ARG C 29 -20.22 21.81 -26.07
C ARG C 29 -19.50 22.49 -24.91
N ALA C 30 -20.16 23.47 -24.28
CA ALA C 30 -19.51 24.47 -23.41
C ALA C 30 -18.95 23.82 -22.14
N GLN C 31 -19.75 23.01 -21.43
CA GLN C 31 -19.33 22.47 -20.11
C GLN C 31 -18.14 21.53 -20.33
N THR C 32 -18.14 20.78 -21.44
CA THR C 32 -17.05 19.82 -21.76
C THR C 32 -15.78 20.64 -22.00
N GLN C 33 -15.90 21.72 -22.78
CA GLN C 33 -14.72 22.55 -23.14
C GLN C 33 -14.17 23.22 -21.86
N ARG C 34 -15.01 23.67 -20.92
CA ARG C 34 -14.50 24.27 -19.66
C ARG C 34 -13.63 23.21 -18.96
N ALA C 35 -14.12 21.96 -18.95
CA ALA C 35 -13.48 20.82 -18.24
C ALA C 35 -12.18 20.47 -18.97
N VAL C 36 -12.13 20.63 -20.30
CA VAL C 36 -10.88 20.40 -21.08
C VAL C 36 -9.83 21.43 -20.61
N GLU C 37 -10.26 22.67 -20.35
CA GLU C 37 -9.33 23.77 -19.92
C GLU C 37 -8.98 23.66 -18.43
N ASN C 38 -9.91 23.19 -17.60
CA ASN C 38 -9.76 23.13 -16.12
C ASN C 38 -8.82 21.98 -15.72
N PHE C 39 -8.76 20.88 -16.48
CA PHE C 39 -8.14 19.64 -15.97
C PHE C 39 -7.08 19.04 -16.90
N PRO C 40 -6.12 19.82 -17.46
CA PRO C 40 -5.01 19.21 -18.21
C PRO C 40 -3.93 18.64 -17.27
N ILE C 41 -4.22 17.47 -16.74
CA ILE C 41 -3.42 16.84 -15.65
C ILE C 41 -2.71 15.57 -16.16
N SER C 42 -3.46 14.54 -16.60
CA SER C 42 -2.90 13.22 -17.00
C SER C 42 -2.78 13.10 -18.52
N GLY C 43 -3.57 13.87 -19.27
CA GLY C 43 -3.64 13.72 -20.74
C GLY C 43 -4.35 12.44 -21.14
N ARG C 44 -4.97 11.72 -20.19
CA ARG C 44 -5.77 10.51 -20.50
C ARG C 44 -7.21 10.75 -20.05
N GLY C 45 -8.15 10.28 -20.85
CA GLY C 45 -9.59 10.39 -20.66
C GLY C 45 -10.19 9.04 -20.32
N LEU C 46 -11.51 8.96 -20.37
CA LEU C 46 -12.29 7.74 -20.12
C LEU C 46 -11.93 6.66 -21.15
N GLU C 47 -11.97 5.40 -20.69
CA GLU C 47 -11.66 4.22 -21.49
C GLU C 47 -12.93 3.84 -22.27
N ARG C 48 -12.76 3.01 -23.30
CA ARG C 48 -13.84 2.45 -24.14
C ARG C 48 -14.99 1.93 -23.26
N THR C 49 -14.70 1.12 -22.24
CA THR C 49 -15.70 0.45 -21.35
C THR C 49 -16.52 1.49 -20.59
N GLN C 50 -15.88 2.59 -20.20
CA GLN C 50 -16.55 3.66 -19.42
C GLN C 50 -17.50 4.43 -20.33
N ILE C 51 -17.05 4.76 -21.55
CA ILE C 51 -17.89 5.48 -22.55
C ILE C 51 -19.09 4.59 -22.89
N ARG C 52 -18.84 3.31 -23.08
CA ARG C 52 -19.90 2.32 -23.41
C ARG C 52 -20.95 2.35 -22.30
N ALA C 53 -20.52 2.20 -21.05
CA ALA C 53 -21.42 2.24 -19.87
C ALA C 53 -22.23 3.54 -19.86
N LEU C 54 -21.63 4.70 -20.15
CA LEU C 54 -22.40 5.98 -20.10
C LEU C 54 -23.50 5.99 -21.19
N GLY C 55 -23.20 5.48 -22.37
CA GLY C 55 -24.19 5.39 -23.48
C GLY C 55 -25.30 4.43 -23.14
N LEU C 56 -24.98 3.23 -22.62
CA LEU C 56 -26.01 2.27 -22.14
C LEU C 56 -26.93 2.97 -21.15
N LEU C 57 -26.36 3.61 -20.15
CA LEU C 57 -27.16 4.25 -19.08
C LEU C 57 -28.07 5.35 -19.67
N LYS C 58 -27.56 6.23 -20.52
CA LYS C 58 -28.38 7.35 -21.08
C LYS C 58 -29.58 6.79 -21.91
N GLY C 59 -29.35 5.72 -22.68
CA GLY C 59 -30.41 5.04 -23.45
C GLY C 59 -31.47 4.46 -22.55
N ALA C 60 -31.06 3.77 -21.50
CA ALA C 60 -31.98 3.18 -20.51
C ALA C 60 -32.78 4.30 -19.81
N CYS C 61 -32.16 5.43 -19.49
CA CYS C 61 -32.86 6.52 -18.76
C CYS C 61 -33.94 7.11 -19.69
N ALA C 62 -33.60 7.30 -20.96
CA ALA C 62 -34.53 7.92 -21.94
C ALA C 62 -35.69 6.95 -22.20
N GLN C 63 -35.43 5.64 -22.19
CA GLN C 63 -36.47 4.59 -22.39
C GLN C 63 -37.48 4.69 -21.24
N VAL C 64 -37.00 4.72 -20.01
CA VAL C 64 -37.87 4.75 -18.80
C VAL C 64 -38.63 6.07 -18.77
N ASN C 65 -37.97 7.18 -19.06
CA ASN C 65 -38.61 8.52 -19.12
C ASN C 65 -39.73 8.49 -20.17
N SER C 66 -39.50 7.87 -21.33
CA SER C 66 -40.52 7.66 -22.38
C SER C 66 -41.67 6.81 -21.83
N ASP C 67 -41.37 5.67 -21.20
CA ASP C 67 -42.40 4.71 -20.67
C ASP C 67 -43.25 5.37 -19.58
N LEU C 68 -42.73 6.36 -18.85
CA LEU C 68 -43.48 7.02 -17.76
C LEU C 68 -44.19 8.28 -18.28
N GLY C 69 -44.13 8.52 -19.60
CA GLY C 69 -44.76 9.68 -20.26
C GLY C 69 -44.18 10.98 -19.77
N LEU C 70 -42.91 10.99 -19.35
CA LEU C 70 -42.26 12.24 -18.86
C LEU C 70 -41.48 12.89 -19.99
N LEU C 71 -41.20 12.13 -21.04
CA LEU C 71 -40.35 12.61 -22.15
C LEU C 71 -41.06 12.21 -23.43
N ALA C 72 -41.16 13.15 -24.38
CA ALA C 72 -41.84 12.97 -25.68
C ALA C 72 -41.16 11.86 -26.47
N PRO C 73 -41.97 10.93 -27.03
CA PRO C 73 -41.45 9.82 -27.84
C PRO C 73 -40.32 10.20 -28.81
N GLU C 74 -40.48 11.27 -29.59
CA GLU C 74 -39.51 11.67 -30.64
C GLU C 74 -38.17 12.01 -29.99
N LYS C 75 -38.18 12.62 -28.80
CA LYS C 75 -36.92 13.00 -28.09
C LYS C 75 -36.28 11.72 -27.53
N ALA C 76 -37.06 10.85 -26.90
CA ALA C 76 -36.57 9.59 -26.31
C ALA C 76 -35.89 8.77 -27.40
N ASP C 77 -36.51 8.67 -28.57
CA ASP C 77 -35.97 7.92 -29.74
C ASP C 77 -34.62 8.49 -30.19
N ALA C 78 -34.50 9.80 -30.32
CA ALA C 78 -33.22 10.43 -30.74
C ALA C 78 -32.13 10.13 -29.69
N ILE C 79 -32.46 10.20 -28.40
CA ILE C 79 -31.51 9.88 -27.30
C ILE C 79 -31.08 8.41 -27.42
N ILE C 80 -32.06 7.50 -27.48
CA ILE C 80 -31.81 6.02 -27.58
C ILE C 80 -30.93 5.75 -28.81
N ALA C 81 -31.20 6.37 -29.97
CA ALA C 81 -30.38 6.17 -31.19
C ALA C 81 -28.96 6.70 -30.96
N ALA C 82 -28.82 7.94 -30.46
CA ALA C 82 -27.50 8.56 -30.22
C ALA C 82 -26.73 7.74 -29.17
N ALA C 83 -27.40 7.26 -28.13
CA ALA C 83 -26.78 6.52 -27.01
C ALA C 83 -26.28 5.16 -27.52
N ALA C 84 -26.97 4.58 -28.50
CA ALA C 84 -26.55 3.32 -29.15
C ALA C 84 -25.23 3.56 -29.91
N GLU C 85 -25.07 4.68 -30.59
CA GLU C 85 -23.83 5.05 -31.34
C GLU C 85 -22.67 5.20 -30.35
N ILE C 86 -22.92 5.84 -29.20
CA ILE C 86 -21.89 6.03 -28.12
C ILE C 86 -21.45 4.65 -27.58
N ALA C 87 -22.41 3.76 -27.29
CA ALA C 87 -22.18 2.46 -26.62
C ALA C 87 -21.44 1.49 -27.55
N ASP C 88 -21.67 1.64 -28.86
CA ASP C 88 -21.10 0.81 -29.95
C ASP C 88 -19.69 1.32 -30.29
N GLY C 89 -19.33 2.55 -29.87
CA GLY C 89 -17.96 3.08 -29.88
C GLY C 89 -17.64 3.88 -31.12
N GLN C 90 -18.56 4.73 -31.57
CA GLN C 90 -18.42 5.56 -32.80
C GLN C 90 -17.94 6.96 -32.41
N HIS C 91 -17.95 7.32 -31.13
CA HIS C 91 -17.82 8.72 -30.69
C HIS C 91 -16.75 8.90 -29.60
N ASP C 92 -15.82 7.95 -29.46
CA ASP C 92 -14.82 7.94 -28.36
C ASP C 92 -13.96 9.21 -28.37
N ASP C 93 -13.65 9.72 -29.56
CA ASP C 93 -12.85 10.96 -29.76
C ASP C 93 -13.68 12.18 -29.34
N GLN C 94 -14.96 12.02 -28.98
CA GLN C 94 -15.79 13.14 -28.43
C GLN C 94 -15.79 13.13 -26.90
N PHE C 95 -14.94 12.34 -26.24
CA PHE C 95 -14.77 12.36 -24.76
C PHE C 95 -13.34 12.77 -24.37
N PRO C 96 -13.00 14.07 -24.46
CA PRO C 96 -11.63 14.53 -24.21
C PRO C 96 -11.27 14.90 -22.77
N ILE C 97 -12.19 14.73 -21.82
CA ILE C 97 -12.04 15.20 -20.42
C ILE C 97 -11.09 14.25 -19.68
N ASP C 98 -10.15 14.84 -18.96
CA ASP C 98 -9.22 14.10 -18.06
C ASP C 98 -9.99 13.24 -17.04
N VAL C 99 -9.40 12.08 -16.72
CA VAL C 99 -9.76 11.25 -15.55
C VAL C 99 -9.78 12.16 -14.33
N PHE C 100 -8.76 13.00 -14.17
CA PHE C 100 -8.61 13.78 -12.92
C PHE C 100 -9.49 15.03 -13.04
N GLN C 101 -10.79 14.82 -12.95
CA GLN C 101 -11.84 15.87 -13.10
C GLN C 101 -12.58 16.02 -11.75
N THR C 102 -13.63 16.85 -11.69
CA THR C 102 -14.54 16.91 -10.51
C THR C 102 -14.81 15.50 -10.02
N GLY C 103 -14.78 15.29 -8.71
CA GLY C 103 -14.75 13.95 -8.08
C GLY C 103 -16.07 13.21 -8.21
N SER C 104 -17.15 13.88 -8.64
CA SER C 104 -18.48 13.25 -8.88
C SER C 104 -18.54 12.63 -10.29
N GLY C 105 -17.63 13.04 -11.15
CA GLY C 105 -17.67 12.72 -12.59
C GLY C 105 -18.74 13.52 -13.33
N THR C 106 -19.24 14.60 -12.71
N THR C 106 -19.21 14.64 -12.78
CA THR C 106 -20.13 15.60 -13.36
CA THR C 106 -20.25 15.46 -13.47
C THR C 106 -19.69 15.85 -14.80
C THR C 106 -19.73 15.99 -14.82
N SER C 107 -18.42 16.22 -14.97
CA SER C 107 -17.87 16.69 -16.25
C SER C 107 -18.09 15.62 -17.34
N SER C 108 -17.83 14.36 -17.05
CA SER C 108 -17.99 13.28 -18.06
C SER C 108 -19.48 13.01 -18.25
N ASN C 109 -20.30 13.17 -17.22
CA ASN C 109 -21.79 13.09 -17.38
C ASN C 109 -22.24 14.14 -18.40
N MET C 110 -21.82 15.39 -18.22
CA MET C 110 -22.21 16.53 -19.10
C MET C 110 -21.68 16.24 -20.51
N ASN C 111 -20.52 15.62 -20.63
CA ASN C 111 -19.86 15.28 -21.92
C ASN C 111 -20.79 14.37 -22.71
N THR C 112 -21.31 13.35 -22.05
CA THR C 112 -22.28 12.36 -22.62
C THR C 112 -23.56 13.08 -23.06
N ASN C 113 -24.12 13.95 -22.23
CA ASN C 113 -25.34 14.75 -22.51
C ASN C 113 -25.13 15.66 -23.74
N GLU C 114 -24.03 16.40 -23.80
CA GLU C 114 -23.75 17.37 -24.89
C GLU C 114 -23.52 16.63 -26.22
N VAL C 115 -22.74 15.54 -26.19
CA VAL C 115 -22.51 14.67 -27.38
C VAL C 115 -23.86 14.13 -27.87
N ILE C 116 -24.70 13.54 -27.00
CA ILE C 116 -26.03 12.97 -27.38
C ILE C 116 -26.84 14.08 -28.10
N ALA C 117 -26.89 15.28 -27.53
CA ALA C 117 -27.65 16.42 -28.07
C ALA C 117 -27.15 16.81 -29.48
N SER C 118 -25.82 16.90 -29.65
CA SER C 118 -25.17 17.16 -30.96
C SER C 118 -25.48 16.07 -31.99
N ILE C 119 -25.44 14.80 -31.61
CA ILE C 119 -25.84 13.70 -32.53
C ILE C 119 -27.31 13.91 -32.96
N ALA C 120 -28.24 13.96 -32.03
CA ALA C 120 -29.69 14.12 -32.33
C ALA C 120 -29.95 15.34 -33.26
N ALA C 121 -29.14 16.41 -33.17
CA ALA C 121 -29.31 17.67 -33.91
C ALA C 121 -29.08 17.44 -35.41
N LYS C 122 -28.02 16.70 -35.76
CA LYS C 122 -27.72 16.24 -37.15
C LYS C 122 -28.97 15.57 -37.73
N GLY C 123 -29.65 14.74 -36.94
CA GLY C 123 -30.90 14.05 -37.34
C GLY C 123 -32.11 14.97 -37.25
N GLY C 124 -31.91 16.26 -36.95
CA GLY C 124 -32.93 17.32 -36.97
C GLY C 124 -33.86 17.31 -35.76
N VAL C 125 -33.40 16.77 -34.63
CA VAL C 125 -34.18 16.70 -33.35
C VAL C 125 -33.47 17.56 -32.30
N THR C 126 -34.17 18.51 -31.67
CA THR C 126 -33.61 19.41 -30.63
C THR C 126 -33.83 18.81 -29.24
N LEU C 127 -32.73 18.43 -28.59
CA LEU C 127 -32.69 17.92 -27.20
C LEU C 127 -31.91 18.92 -26.37
N HIS C 128 -32.36 19.21 -25.16
CA HIS C 128 -31.61 20.00 -24.16
C HIS C 128 -30.71 19.04 -23.40
N PRO C 129 -29.37 19.24 -23.33
CA PRO C 129 -28.50 18.26 -22.70
C PRO C 129 -28.98 17.93 -21.26
N ASN C 130 -29.30 18.96 -20.47
N ASN C 130 -29.23 18.96 -20.47
CA ASN C 130 -29.71 18.80 -19.04
CA ASN C 130 -29.76 18.77 -19.09
C ASN C 130 -31.22 18.48 -18.94
C ASN C 130 -31.22 18.32 -19.18
N ASP C 131 -32.11 19.18 -19.64
CA ASP C 131 -33.58 19.04 -19.36
C ASP C 131 -34.13 17.72 -19.92
N ASP C 132 -33.60 17.25 -21.05
CA ASP C 132 -34.05 16.02 -21.76
C ASP C 132 -33.06 14.86 -21.52
N VAL C 133 -31.78 15.04 -21.85
CA VAL C 133 -30.81 13.92 -21.83
C VAL C 133 -30.50 13.57 -20.36
N ASN C 134 -30.57 14.53 -19.44
CA ASN C 134 -30.28 14.32 -18.01
C ASN C 134 -31.58 14.26 -17.20
N MET C 135 -32.74 14.06 -17.83
CA MET C 135 -34.04 14.05 -17.12
C MET C 135 -34.06 12.91 -16.10
N SER C 136 -34.61 13.20 -14.91
CA SER C 136 -34.75 12.30 -13.73
C SER C 136 -33.37 11.89 -13.16
N GLN C 137 -32.28 12.54 -13.57
CA GLN C 137 -30.91 12.13 -13.22
C GLN C 137 -30.19 13.29 -12.51
N SER C 138 -29.11 12.98 -11.82
CA SER C 138 -28.15 13.95 -11.24
C SER C 138 -26.76 13.68 -11.85
N SER C 139 -25.74 14.47 -11.54
CA SER C 139 -24.30 14.06 -11.69
C SER C 139 -23.96 12.84 -10.81
N ASN C 140 -24.49 12.91 -9.58
CA ASN C 140 -23.99 12.17 -8.42
C ASN C 140 -24.43 10.72 -8.48
N ASP C 141 -25.47 10.40 -9.26
CA ASP C 141 -26.04 9.03 -9.35
C ASP C 141 -25.70 8.38 -10.68
N THR C 142 -25.39 9.16 -11.71
CA THR C 142 -25.14 8.64 -13.08
C THR C 142 -23.71 8.11 -13.18
N PHE C 143 -22.70 8.89 -12.81
CA PHE C 143 -21.31 8.46 -13.03
C PHE C 143 -20.98 7.21 -12.20
N PRO C 144 -21.35 7.09 -10.91
CA PRO C 144 -21.11 5.85 -10.19
C PRO C 144 -21.89 4.66 -10.78
N THR C 145 -23.10 4.89 -11.30
CA THR C 145 -23.90 3.83 -11.94
C THR C 145 -23.16 3.31 -13.18
N ALA C 146 -22.70 4.22 -14.06
CA ALA C 146 -21.85 3.91 -15.24
C ALA C 146 -20.61 3.10 -14.79
N THR C 147 -19.98 3.52 -13.72
CA THR C 147 -18.75 2.88 -13.18
C THR C 147 -19.07 1.43 -12.77
N HIS C 148 -20.14 1.22 -12.04
CA HIS C 148 -20.49 -0.13 -11.50
C HIS C 148 -20.96 -1.04 -12.64
N ILE C 149 -21.61 -0.51 -13.69
CA ILE C 149 -21.99 -1.30 -14.91
C ILE C 149 -20.69 -1.77 -15.55
N ALA C 150 -19.74 -0.86 -15.79
CA ALA C 150 -18.47 -1.18 -16.49
C ALA C 150 -17.72 -2.23 -15.67
N ALA C 151 -17.71 -2.11 -14.33
CA ALA C 151 -16.92 -3.00 -13.43
C ALA C 151 -17.60 -4.37 -13.40
N THR C 152 -18.94 -4.39 -13.35
CA THR C 152 -19.72 -5.65 -13.32
C THR C 152 -19.51 -6.38 -14.63
N GLU C 153 -19.67 -5.69 -15.77
CA GLU C 153 -19.42 -6.28 -17.10
C GLU C 153 -17.98 -6.81 -17.19
N ALA C 154 -16.99 -6.04 -16.73
CA ALA C 154 -15.57 -6.50 -16.76
C ALA C 154 -15.40 -7.77 -15.92
N ALA C 155 -16.01 -7.86 -14.75
CA ALA C 155 -15.93 -9.06 -13.87
C ALA C 155 -16.57 -10.28 -14.55
N VAL C 156 -17.81 -10.14 -15.04
CA VAL C 156 -18.65 -11.29 -15.47
C VAL C 156 -18.25 -11.74 -16.89
N ALA C 157 -18.14 -10.81 -17.85
CA ALA C 157 -18.03 -11.14 -19.28
C ALA C 157 -16.57 -11.29 -19.69
N HIS C 158 -15.62 -10.76 -18.91
CA HIS C 158 -14.19 -10.70 -19.33
C HIS C 158 -13.29 -11.41 -18.32
N LEU C 159 -13.26 -10.98 -17.05
CA LEU C 159 -12.26 -11.54 -16.12
C LEU C 159 -12.58 -13.00 -15.79
N ILE C 160 -13.82 -13.35 -15.43
CA ILE C 160 -14.13 -14.74 -14.99
C ILE C 160 -13.79 -15.72 -16.13
N PRO C 161 -14.24 -15.51 -17.38
CA PRO C 161 -13.86 -16.40 -18.49
C PRO C 161 -12.35 -16.48 -18.78
N ALA C 162 -11.61 -15.36 -18.61
CA ALA C 162 -10.14 -15.38 -18.76
C ALA C 162 -9.51 -16.24 -17.65
N LEU C 163 -9.96 -16.06 -16.41
CA LEU C 163 -9.44 -16.89 -15.29
C LEU C 163 -9.83 -18.34 -15.54
N GLN C 164 -11.05 -18.60 -16.05
CA GLN C 164 -11.44 -20.00 -16.30
C GLN C 164 -10.49 -20.60 -17.35
N GLN C 165 -10.13 -19.86 -18.39
CA GLN C 165 -9.18 -20.41 -19.38
C GLN C 165 -7.84 -20.71 -18.69
N LEU C 166 -7.36 -19.83 -17.81
CA LEU C 166 -6.06 -20.06 -17.11
C LEU C 166 -6.19 -21.28 -16.17
N HIS C 167 -7.29 -21.38 -15.42
CA HIS C 167 -7.56 -22.55 -14.56
C HIS C 167 -7.44 -23.83 -15.40
N ASP C 168 -8.12 -23.86 -16.53
CA ASP C 168 -8.21 -25.10 -17.34
C ASP C 168 -6.83 -25.48 -17.86
N ALA C 169 -6.01 -24.51 -18.24
CA ALA C 169 -4.65 -24.78 -18.78
C ALA C 169 -3.78 -25.36 -17.65
N LEU C 170 -3.93 -24.81 -16.44
CA LEU C 170 -3.17 -25.28 -15.24
C LEU C 170 -3.65 -26.67 -14.87
N ALA C 171 -4.96 -26.91 -14.89
CA ALA C 171 -5.55 -28.23 -14.58
C ALA C 171 -5.10 -29.26 -15.62
N ALA C 172 -4.99 -28.89 -16.90
CA ALA C 172 -4.58 -29.81 -17.99
C ALA C 172 -3.14 -30.29 -17.74
N LYS C 173 -2.27 -29.37 -17.30
N LYS C 173 -2.27 -29.38 -17.28
CA LYS C 173 -0.87 -29.68 -16.88
CA LYS C 173 -0.86 -29.71 -16.90
C LYS C 173 -0.83 -30.59 -15.65
C LYS C 173 -0.82 -30.59 -15.65
N ALA C 174 -1.68 -30.34 -14.66
CA ALA C 174 -1.81 -31.15 -13.43
C ALA C 174 -2.10 -32.61 -13.81
N LEU C 175 -2.93 -32.82 -14.84
N LEU C 175 -2.93 -32.82 -14.83
CA LEU C 175 -3.31 -34.18 -15.31
CA LEU C 175 -3.33 -34.17 -15.32
C LEU C 175 -2.17 -34.77 -16.14
C LEU C 175 -2.18 -34.77 -16.15
N ASP C 176 -1.65 -34.03 -17.12
CA ASP C 176 -0.54 -34.51 -17.98
C ASP C 176 0.68 -34.86 -17.12
N TRP C 177 0.94 -34.08 -16.06
CA TRP C 177 2.17 -34.24 -15.24
C TRP C 177 1.89 -35.01 -13.96
N HIS C 178 0.79 -35.73 -13.93
CA HIS C 178 0.33 -36.46 -12.71
C HIS C 178 1.43 -37.37 -12.14
N THR C 179 2.28 -38.01 -12.96
CA THR C 179 3.30 -38.95 -12.40
C THR C 179 4.72 -38.40 -12.55
N VAL C 180 4.87 -37.11 -12.83
CA VAL C 180 6.19 -36.47 -13.05
C VAL C 180 6.77 -36.12 -11.68
N VAL C 181 7.44 -37.10 -11.09
CA VAL C 181 7.91 -37.00 -9.70
C VAL C 181 9.15 -36.11 -9.72
N LYS C 182 9.32 -35.34 -8.67
CA LYS C 182 10.44 -34.39 -8.53
C LYS C 182 10.66 -34.14 -7.02
N SER C 183 11.76 -33.48 -6.71
N SER C 183 11.76 -33.50 -6.67
CA SER C 183 12.06 -32.94 -5.36
CA SER C 183 12.03 -33.08 -5.27
C SER C 183 11.00 -31.92 -4.95
C SER C 183 11.11 -31.91 -4.88
N GLY C 184 10.46 -32.05 -3.74
CA GLY C 184 9.76 -30.93 -3.09
C GLY C 184 10.77 -29.91 -2.68
N ARG C 185 10.30 -28.70 -2.42
CA ARG C 185 11.16 -27.61 -1.92
C ARG C 185 10.37 -26.83 -0.89
N THR C 186 10.93 -26.74 0.31
CA THR C 186 10.43 -25.93 1.43
C THR C 186 11.59 -25.06 1.92
N HIS C 187 11.35 -23.76 2.04
CA HIS C 187 12.39 -22.78 2.46
C HIS C 187 13.44 -22.66 1.35
N LEU C 188 13.13 -23.13 0.12
CA LEU C 188 14.03 -23.24 -1.05
C LEU C 188 14.96 -24.47 -0.90
N MET C 189 14.81 -25.25 0.18
CA MET C 189 15.68 -26.42 0.43
C MET C 189 14.99 -27.71 0.02
N ASP C 190 15.77 -28.71 -0.35
CA ASP C 190 15.25 -30.00 -0.83
C ASP C 190 14.36 -30.62 0.25
N ALA C 191 13.23 -31.16 -0.14
CA ALA C 191 12.30 -31.82 0.79
C ALA C 191 11.78 -33.09 0.10
N VAL C 192 10.91 -33.83 0.78
CA VAL C 192 10.36 -35.10 0.26
C VAL C 192 9.62 -34.87 -1.05
N PRO C 193 9.48 -35.93 -1.87
CA PRO C 193 8.95 -35.79 -3.22
C PRO C 193 7.50 -35.29 -3.36
N VAL C 194 7.29 -34.63 -4.49
CA VAL C 194 5.98 -34.19 -5.03
C VAL C 194 5.98 -34.54 -6.52
N THR C 195 4.88 -34.28 -7.21
CA THR C 195 4.84 -34.32 -8.68
C THR C 195 4.59 -32.90 -9.17
N LEU C 196 5.08 -32.63 -10.38
CA LEU C 196 4.74 -31.37 -11.07
C LEU C 196 3.22 -31.26 -11.13
N GLY C 197 2.51 -32.37 -11.34
CA GLY C 197 1.04 -32.36 -11.46
C GLY C 197 0.41 -31.82 -10.19
N GLN C 198 0.91 -32.27 -9.04
CA GLN C 198 0.40 -31.84 -7.72
C GLN C 198 0.64 -30.33 -7.58
N GLU C 199 1.85 -29.85 -7.90
CA GLU C 199 2.17 -28.40 -7.82
C GLU C 199 1.21 -27.63 -8.71
N PHE C 200 0.99 -28.07 -9.95
CA PHE C 200 0.06 -27.43 -10.91
C PHE C 200 -1.39 -27.53 -10.40
N SER C 201 -1.78 -28.57 -9.65
CA SER C 201 -3.16 -28.65 -9.06
C SER C 201 -3.32 -27.56 -7.99
N GLY C 202 -2.24 -27.23 -7.29
CA GLY C 202 -2.18 -26.09 -6.36
C GLY C 202 -2.43 -24.78 -7.09
N TYR C 203 -1.72 -24.56 -8.19
CA TYR C 203 -1.85 -23.31 -9.00
C TYR C 203 -3.29 -23.24 -9.52
N ALA C 204 -3.83 -24.35 -10.05
CA ALA C 204 -5.23 -24.38 -10.50
C ALA C 204 -6.18 -23.99 -9.36
N ARG C 205 -6.01 -24.55 -8.16
CA ARG C 205 -6.87 -24.18 -7.03
C ARG C 205 -6.81 -22.67 -6.77
N GLN C 206 -5.62 -22.06 -6.80
CA GLN C 206 -5.46 -20.62 -6.54
C GLN C 206 -6.35 -19.83 -7.50
N ILE C 207 -6.41 -20.24 -8.75
CA ILE C 207 -7.15 -19.49 -9.80
C ILE C 207 -8.64 -19.78 -9.63
N GLU C 208 -9.01 -21.04 -9.36
CA GLU C 208 -10.42 -21.38 -9.02
C GLU C 208 -10.89 -20.55 -7.82
N ALA C 209 -10.08 -20.44 -6.79
CA ALA C 209 -10.39 -19.64 -5.58
C ALA C 209 -10.56 -18.18 -5.99
N GLY C 210 -9.73 -17.72 -6.92
CA GLY C 210 -9.81 -16.36 -7.52
C GLY C 210 -11.19 -16.12 -8.13
N ILE C 211 -11.66 -17.07 -8.93
CA ILE C 211 -13.01 -16.94 -9.55
C ILE C 211 -14.05 -16.86 -8.43
N GLU C 212 -13.91 -17.69 -7.40
CA GLU C 212 -14.83 -17.72 -6.23
C GLU C 212 -14.85 -16.35 -5.54
N ARG C 213 -13.68 -15.69 -5.42
CA ARG C 213 -13.52 -14.37 -4.77
C ARG C 213 -14.26 -13.32 -5.62
N VAL C 214 -14.12 -13.36 -6.93
CA VAL C 214 -14.81 -12.38 -7.81
C VAL C 214 -16.32 -12.61 -7.71
N ARG C 215 -16.80 -13.84 -7.83
CA ARG C 215 -18.25 -14.14 -7.75
CA ARG C 215 -18.26 -14.13 -7.75
C ARG C 215 -18.82 -13.62 -6.41
N ALA C 216 -18.10 -13.83 -5.30
CA ALA C 216 -18.51 -13.44 -3.93
C ALA C 216 -18.74 -11.92 -3.79
N CYS C 217 -18.04 -11.09 -4.57
CA CYS C 217 -18.14 -9.61 -4.51
C CYS C 217 -19.28 -9.10 -5.41
N LEU C 218 -19.87 -9.93 -6.27
CA LEU C 218 -20.82 -9.43 -7.31
C LEU C 218 -22.13 -8.92 -6.69
N PRO C 219 -22.66 -9.50 -5.59
CA PRO C 219 -23.86 -8.97 -4.96
C PRO C 219 -23.78 -7.48 -4.58
N ARG C 220 -22.59 -6.94 -4.31
CA ARG C 220 -22.39 -5.51 -3.94
C ARG C 220 -21.75 -4.75 -5.10
N LEU C 221 -20.91 -5.39 -5.92
CA LEU C 221 -20.31 -4.68 -7.09
C LEU C 221 -21.45 -4.26 -8.05
N GLY C 222 -22.49 -5.08 -8.21
CA GLY C 222 -23.54 -4.81 -9.20
C GLY C 222 -24.58 -3.81 -8.73
N GLU C 223 -24.49 -3.32 -7.50
CA GLU C 223 -25.45 -2.31 -6.97
C GLU C 223 -25.28 -0.99 -7.71
N LEU C 224 -26.37 -0.46 -8.24
CA LEU C 224 -26.37 0.81 -9.02
C LEU C 224 -27.07 1.92 -8.23
N ALA C 225 -26.49 3.10 -8.26
CA ALA C 225 -26.98 4.31 -7.56
C ALA C 225 -28.21 4.90 -8.24
N ILE C 226 -28.45 4.60 -9.52
CA ILE C 226 -29.41 5.34 -10.38
C ILE C 226 -30.78 5.43 -9.68
N GLY C 227 -31.40 6.60 -9.74
CA GLY C 227 -32.65 6.90 -9.01
C GLY C 227 -32.43 7.70 -7.74
N GLY C 228 -31.21 7.78 -7.18
CA GLY C 228 -30.97 8.50 -5.91
C GLY C 228 -30.80 10.01 -6.10
N THR C 229 -30.61 10.45 -7.34
CA THR C 229 -30.39 11.87 -7.75
C THR C 229 -29.32 12.52 -6.85
N ALA C 230 -29.50 13.77 -6.45
CA ALA C 230 -28.40 14.65 -5.96
C ALA C 230 -27.76 14.09 -4.69
N VAL C 231 -28.56 13.63 -3.72
CA VAL C 231 -28.08 13.31 -2.33
C VAL C 231 -28.50 11.91 -1.86
N GLY C 232 -29.23 11.12 -2.66
CA GLY C 232 -29.70 9.78 -2.29
C GLY C 232 -31.22 9.71 -2.09
N THR C 233 -31.90 10.87 -2.04
CA THR C 233 -33.32 10.96 -1.67
C THR C 233 -34.22 10.63 -2.85
N GLY C 234 -33.76 10.73 -4.09
CA GLY C 234 -34.61 10.50 -5.27
C GLY C 234 -35.36 11.76 -5.65
N LEU C 235 -35.08 12.88 -4.98
CA LEU C 235 -35.78 14.15 -5.33
C LEU C 235 -35.56 14.41 -6.82
N ASN C 236 -36.66 14.70 -7.53
CA ASN C 236 -36.64 15.12 -8.94
C ASN C 236 -36.58 13.89 -9.85
N ALA C 237 -36.75 12.68 -9.33
CA ALA C 237 -36.91 11.46 -10.15
C ALA C 237 -38.20 10.76 -9.77
N PRO C 238 -38.85 9.99 -10.66
CA PRO C 238 -39.90 9.08 -10.21
C PRO C 238 -39.41 8.13 -9.11
N ASP C 239 -40.32 7.75 -8.21
CA ASP C 239 -40.06 6.85 -7.06
C ASP C 239 -39.45 5.54 -7.55
N ASP C 240 -39.85 5.04 -8.72
CA ASP C 240 -39.38 3.71 -9.21
C ASP C 240 -38.39 3.89 -10.37
N PHE C 241 -37.75 5.06 -10.51
CA PHE C 241 -36.83 5.28 -11.66
C PHE C 241 -35.73 4.20 -11.63
N GLY C 242 -35.19 3.95 -10.45
CA GLY C 242 -34.09 3.00 -10.21
C GLY C 242 -34.46 1.59 -10.66
N VAL C 243 -35.56 1.02 -10.16
N VAL C 243 -35.56 1.04 -10.14
CA VAL C 243 -35.96 -0.37 -10.53
CA VAL C 243 -36.06 -0.32 -10.48
C VAL C 243 -36.21 -0.43 -12.03
C VAL C 243 -36.21 -0.42 -12.01
N ARG C 244 -36.87 0.57 -12.63
CA ARG C 244 -37.16 0.56 -14.09
C ARG C 244 -35.87 0.63 -14.90
N VAL C 245 -34.92 1.50 -14.55
CA VAL C 245 -33.68 1.66 -15.35
C VAL C 245 -32.86 0.37 -15.20
N VAL C 246 -32.78 -0.22 -14.01
CA VAL C 246 -31.99 -1.47 -13.83
C VAL C 246 -32.61 -2.59 -14.70
N ALA C 247 -33.94 -2.68 -14.79
CA ALA C 247 -34.60 -3.75 -15.58
C ALA C 247 -34.23 -3.57 -17.05
N VAL C 248 -34.15 -2.34 -17.52
CA VAL C 248 -33.79 -2.09 -18.94
C VAL C 248 -32.32 -2.49 -19.11
N LEU C 249 -31.47 -2.12 -18.16
CA LEU C 249 -30.02 -2.45 -18.29
C LEU C 249 -29.84 -3.98 -18.29
N VAL C 250 -30.56 -4.72 -17.45
CA VAL C 250 -30.42 -6.21 -17.32
C VAL C 250 -30.88 -6.86 -18.64
N ALA C 251 -31.98 -6.37 -19.24
CA ALA C 251 -32.55 -6.88 -20.50
C ALA C 251 -31.59 -6.55 -21.65
N GLN C 252 -30.94 -5.39 -21.62
CA GLN C 252 -30.07 -5.01 -22.75
C GLN C 252 -28.71 -5.69 -22.67
N THR C 253 -28.15 -5.84 -21.48
CA THR C 253 -26.77 -6.38 -21.33
C THR C 253 -26.81 -7.89 -21.11
N GLY C 254 -27.88 -8.42 -20.53
CA GLY C 254 -27.93 -9.80 -20.01
C GLY C 254 -27.17 -9.94 -18.70
N LEU C 255 -26.68 -8.84 -18.09
CA LEU C 255 -25.97 -8.89 -16.77
C LEU C 255 -27.03 -8.91 -15.67
N SER C 256 -27.41 -10.10 -15.23
CA SER C 256 -28.41 -10.29 -14.15
C SER C 256 -27.83 -9.81 -12.82
N GLU C 257 -26.50 -9.63 -12.74
CA GLU C 257 -25.82 -9.19 -11.51
C GLU C 257 -26.16 -7.71 -11.22
N LEU C 258 -26.57 -6.92 -12.23
CA LEU C 258 -26.96 -5.50 -12.03
C LEU C 258 -28.21 -5.46 -11.15
N ARG C 259 -28.22 -4.62 -10.13
CA ARG C 259 -29.37 -4.50 -9.20
C ARG C 259 -29.42 -3.10 -8.62
N THR C 260 -30.60 -2.68 -8.18
N THR C 260 -30.60 -2.70 -8.14
CA THR C 260 -30.82 -1.45 -7.38
CA THR C 260 -30.81 -1.42 -7.40
C THR C 260 -29.95 -1.55 -6.12
C THR C 260 -30.10 -1.51 -6.05
N ALA C 261 -29.50 -0.41 -5.61
CA ALA C 261 -28.74 -0.32 -4.35
C ALA C 261 -29.63 -0.79 -3.20
N ALA C 262 -29.08 -1.51 -2.23
CA ALA C 262 -29.79 -1.88 -0.97
C ALA C 262 -30.17 -0.61 -0.20
N ASN C 263 -29.30 0.39 -0.20
CA ASN C 263 -29.50 1.68 0.50
C ASN C 263 -28.98 2.81 -0.39
N SER C 264 -29.88 3.72 -0.78
CA SER C 264 -29.61 4.78 -1.78
C SER C 264 -28.55 5.79 -1.27
N PHE C 265 -28.38 5.92 0.05
CA PHE C 265 -27.42 6.84 0.70
C PHE C 265 -26.03 6.17 0.68
N GLU C 266 -25.95 4.91 1.08
CA GLU C 266 -24.67 4.15 1.03
C GLU C 266 -24.13 4.15 -0.42
N ALA C 267 -25.01 4.04 -1.41
CA ALA C 267 -24.63 3.92 -2.84
C ALA C 267 -24.05 5.23 -3.39
N GLN C 268 -24.18 6.37 -2.71
CA GLN C 268 -23.61 7.66 -3.22
C GLN C 268 -22.59 8.21 -2.25
N ALA C 269 -22.78 8.00 -0.96
CA ALA C 269 -21.86 8.48 0.10
C ALA C 269 -20.57 7.68 0.07
N ALA C 270 -20.61 6.47 -0.51
CA ALA C 270 -19.46 5.56 -0.52
C ALA C 270 -19.37 4.82 -1.86
N ARG C 271 -18.17 4.30 -2.15
CA ARG C 271 -17.92 3.39 -3.29
C ARG C 271 -17.37 2.07 -2.72
N ASP C 272 -17.89 1.58 -1.60
CA ASP C 272 -17.26 0.48 -0.84
C ASP C 272 -17.25 -0.80 -1.71
N GLY C 273 -18.16 -0.92 -2.68
CA GLY C 273 -18.18 -2.08 -3.58
C GLY C 273 -17.00 -2.11 -4.55
N LEU C 274 -16.46 -0.97 -4.96
CA LEU C 274 -15.22 -0.89 -5.75
C LEU C 274 -14.05 -1.33 -4.85
N VAL C 275 -14.02 -0.92 -3.59
CA VAL C 275 -12.90 -1.30 -2.65
C VAL C 275 -12.90 -2.83 -2.45
N GLU C 276 -14.09 -3.37 -2.18
CA GLU C 276 -14.30 -4.83 -1.99
C GLU C 276 -13.80 -5.59 -3.26
N ALA C 277 -14.28 -5.18 -4.43
CA ALA C 277 -13.92 -5.82 -5.71
C ALA C 277 -12.40 -5.72 -5.91
N SER C 278 -11.78 -4.59 -5.58
CA SER C 278 -10.31 -4.43 -5.78
C SER C 278 -9.58 -5.42 -4.88
N GLY C 279 -10.10 -5.68 -3.68
CA GLY C 279 -9.56 -6.70 -2.76
C GLY C 279 -9.50 -8.09 -3.42
N ALA C 280 -10.57 -8.48 -4.10
CA ALA C 280 -10.58 -9.74 -4.88
C ALA C 280 -9.48 -9.71 -5.96
N LEU C 281 -9.38 -8.64 -6.74
CA LEU C 281 -8.36 -8.50 -7.81
C LEU C 281 -6.95 -8.53 -7.20
N ARG C 282 -6.75 -7.90 -6.04
CA ARG C 282 -5.43 -7.84 -5.37
C ARG C 282 -5.02 -9.27 -4.98
N THR C 283 -5.95 -10.06 -4.46
CA THR C 283 -5.72 -11.45 -4.05
C THR C 283 -5.32 -12.27 -5.28
N ILE C 284 -5.99 -12.10 -6.41
CA ILE C 284 -5.62 -12.77 -7.69
C ILE C 284 -4.19 -12.37 -8.08
N ALA C 285 -3.85 -11.09 -7.97
CA ALA C 285 -2.47 -10.60 -8.25
C ALA C 285 -1.48 -11.37 -7.36
N VAL C 286 -1.85 -11.58 -6.09
CA VAL C 286 -0.99 -12.27 -5.12
C VAL C 286 -0.82 -13.72 -5.58
N SER C 287 -1.90 -14.42 -5.93
CA SER C 287 -1.84 -15.79 -6.48
C SER C 287 -0.96 -15.85 -7.74
N LEU C 288 -1.17 -14.96 -8.74
CA LEU C 288 -0.45 -14.99 -10.02
C LEU C 288 1.04 -14.74 -9.76
N THR C 289 1.36 -13.97 -8.72
CA THR C 289 2.78 -13.68 -8.40
C THR C 289 3.44 -15.01 -8.00
N LYS C 290 2.76 -15.78 -7.17
CA LYS C 290 3.32 -17.08 -6.69
C LYS C 290 3.48 -18.00 -7.92
N ILE C 291 2.44 -18.14 -8.73
CA ILE C 291 2.40 -19.08 -9.88
C ILE C 291 3.53 -18.71 -10.86
N ALA C 292 3.60 -17.44 -11.26
CA ALA C 292 4.59 -16.97 -12.25
C ALA C 292 6.02 -17.07 -11.71
N ASN C 293 6.25 -16.77 -10.43
N ASN C 293 6.26 -16.79 -10.42
CA ASN C 293 7.62 -16.84 -9.84
CA ASN C 293 7.64 -16.81 -9.86
C ASN C 293 8.07 -18.29 -9.89
C ASN C 293 8.10 -18.27 -9.80
N ASP C 294 7.21 -19.23 -9.47
CA ASP C 294 7.55 -20.67 -9.45
C ASP C 294 7.88 -21.10 -10.89
N ILE C 295 7.08 -20.72 -11.88
CA ILE C 295 7.29 -21.15 -13.29
C ILE C 295 8.61 -20.60 -13.80
N ARG C 296 8.93 -19.32 -13.57
CA ARG C 296 10.21 -18.79 -14.10
C ARG C 296 11.40 -19.43 -13.36
N TRP C 297 11.28 -19.76 -12.08
CA TRP C 297 12.34 -20.53 -11.38
C TRP C 297 12.48 -21.95 -11.94
N MET C 298 11.37 -22.63 -12.16
CA MET C 298 11.38 -23.99 -12.75
C MET C 298 12.12 -23.97 -14.09
N GLY C 299 11.96 -22.91 -14.89
CA GLY C 299 12.59 -22.79 -16.22
C GLY C 299 14.00 -22.24 -16.17
N SER C 300 14.51 -21.87 -15.01
CA SER C 300 15.83 -21.20 -14.87
C SER C 300 16.94 -22.11 -15.40
N GLY C 301 17.96 -21.53 -16.04
CA GLY C 301 19.12 -22.29 -16.54
C GLY C 301 19.62 -21.72 -17.87
N PRO C 302 20.08 -22.55 -18.83
CA PRO C 302 19.90 -23.99 -18.79
C PRO C 302 20.96 -24.81 -18.02
N LEU C 303 22.02 -24.17 -17.52
CA LEU C 303 23.09 -24.92 -16.81
C LEU C 303 23.03 -24.66 -15.30
N THR C 304 22.95 -23.40 -14.85
CA THR C 304 23.26 -23.10 -13.42
C THR C 304 21.97 -22.97 -12.60
N GLY C 305 20.80 -23.09 -13.20
CA GLY C 305 19.50 -22.91 -12.53
C GLY C 305 18.83 -24.22 -12.19
N LEU C 306 17.53 -24.21 -11.99
CA LEU C 306 16.84 -25.46 -11.56
C LEU C 306 16.61 -26.39 -12.76
N ALA C 307 16.34 -25.86 -13.94
CA ALA C 307 16.18 -26.62 -15.23
C ALA C 307 15.16 -27.74 -15.07
N GLU C 308 14.02 -27.46 -14.47
CA GLU C 308 12.95 -28.45 -14.26
C GLU C 308 12.07 -28.50 -15.51
N ILE C 309 11.83 -27.33 -16.12
CA ILE C 309 10.94 -27.22 -17.29
C ILE C 309 11.59 -26.30 -18.31
N GLN C 310 11.02 -26.29 -19.50
CA GLN C 310 11.34 -25.34 -20.58
C GLN C 310 10.08 -24.56 -20.96
N LEU C 311 10.18 -23.25 -20.95
CA LEU C 311 9.09 -22.35 -21.38
C LEU C 311 9.16 -22.24 -22.89
N PRO C 312 8.02 -22.07 -23.56
CA PRO C 312 8.01 -21.85 -25.01
C PRO C 312 8.62 -20.48 -25.35
N ASP C 313 9.24 -20.40 -26.52
CA ASP C 313 10.04 -19.24 -27.02
C ASP C 313 9.13 -18.07 -27.42
N LEU C 314 9.59 -16.83 -27.18
CA LEU C 314 9.04 -15.52 -27.65
C LEU C 314 10.13 -14.43 -27.53
N PRO C 322 15.50 -23.27 -26.85
CA PRO C 322 14.92 -24.36 -26.06
C PRO C 322 15.79 -24.69 -24.83
N GLY C 323 15.46 -24.07 -23.69
CA GLY C 323 16.31 -24.04 -22.48
C GLY C 323 16.83 -22.63 -22.13
N LYS C 324 16.94 -21.72 -23.13
CA LYS C 324 17.57 -20.36 -23.07
C LYS C 324 16.54 -19.21 -23.32
N VAL C 325 15.26 -19.55 -23.45
CA VAL C 325 14.14 -18.57 -23.52
C VAL C 325 14.09 -17.75 -22.21
N ASN C 326 14.07 -16.42 -22.28
CA ASN C 326 13.72 -15.55 -21.14
C ASN C 326 12.25 -15.75 -20.76
N PRO C 327 11.93 -15.76 -19.45
CA PRO C 327 10.57 -15.96 -18.95
C PRO C 327 9.72 -14.67 -19.09
N VAL C 328 9.51 -14.25 -20.32
CA VAL C 328 8.95 -12.90 -20.57
C VAL C 328 7.50 -12.85 -20.11
N LEU C 329 6.73 -13.94 -20.26
N LEU C 329 6.74 -13.94 -20.25
CA LEU C 329 5.31 -13.89 -19.84
CA LEU C 329 5.31 -13.90 -19.83
C LEU C 329 5.21 -13.89 -18.31
C LEU C 329 5.23 -13.87 -18.30
N PRO C 330 5.96 -14.73 -17.56
CA PRO C 330 6.06 -14.56 -16.11
C PRO C 330 6.45 -13.13 -15.70
N GLU C 331 7.36 -12.47 -16.44
CA GLU C 331 7.70 -11.06 -16.14
C GLU C 331 6.51 -10.13 -16.39
N ALA C 332 5.74 -10.33 -17.45
CA ALA C 332 4.55 -9.48 -17.69
C ALA C 332 3.53 -9.72 -16.56
N VAL C 333 3.34 -10.98 -16.18
CA VAL C 333 2.35 -11.34 -15.12
C VAL C 333 2.77 -10.67 -13.80
N THR C 334 4.04 -10.78 -13.40
CA THR C 334 4.47 -10.21 -12.09
C THR C 334 4.47 -8.69 -12.14
N GLN C 335 4.70 -8.06 -13.30
CA GLN C 335 4.58 -6.59 -13.45
C GLN C 335 3.11 -6.16 -13.40
N VAL C 336 2.21 -6.90 -14.00
CA VAL C 336 0.75 -6.62 -13.92
C VAL C 336 0.29 -6.75 -12.46
N ALA C 337 0.75 -7.74 -11.72
CA ALA C 337 0.40 -7.96 -10.31
C ALA C 337 0.83 -6.75 -9.47
N ALA C 338 2.05 -6.26 -9.67
CA ALA C 338 2.56 -5.04 -9.01
C ALA C 338 1.58 -3.88 -9.28
N GLN C 339 1.16 -3.69 -10.52
CA GLN C 339 0.26 -2.58 -10.88
C GLN C 339 -1.10 -2.75 -10.18
N VAL C 340 -1.65 -3.97 -10.13
CA VAL C 340 -2.97 -4.23 -9.47
C VAL C 340 -2.86 -3.89 -7.98
N ILE C 341 -1.75 -4.23 -7.33
CA ILE C 341 -1.49 -3.88 -5.90
C ILE C 341 -1.45 -2.36 -5.74
N GLY C 342 -0.71 -1.61 -6.59
CA GLY C 342 -0.70 -0.15 -6.59
C GLY C 342 -2.08 0.41 -6.78
N ASN C 343 -2.76 -0.01 -7.83
CA ASN C 343 -4.14 0.45 -8.14
C ASN C 343 -5.02 0.20 -6.93
N ASP C 344 -4.87 -0.94 -6.27
CA ASP C 344 -5.69 -1.30 -5.11
C ASP C 344 -5.52 -0.26 -3.97
N ALA C 345 -4.28 0.18 -3.69
CA ALA C 345 -3.99 1.18 -2.65
C ALA C 345 -4.69 2.51 -3.01
N ALA C 346 -4.63 2.92 -4.27
CA ALA C 346 -5.29 4.16 -4.71
C ALA C 346 -6.80 4.06 -4.52
N ILE C 347 -7.40 2.94 -4.88
CA ILE C 347 -8.87 2.72 -4.75
C ILE C 347 -9.28 2.82 -3.28
N ALA C 348 -8.56 2.16 -2.37
CA ALA C 348 -8.92 2.19 -0.92
C ALA C 348 -8.81 3.62 -0.36
N TRP C 349 -7.77 4.36 -0.76
CA TRP C 349 -7.54 5.76 -0.33
C TRP C 349 -8.74 6.63 -0.73
N GLY C 350 -9.17 6.55 -1.98
CA GLY C 350 -10.36 7.23 -2.50
C GLY C 350 -11.60 6.80 -1.72
N GLY C 351 -11.74 5.50 -1.52
CA GLY C 351 -12.93 4.93 -0.90
C GLY C 351 -13.18 5.51 0.48
N ALA C 352 -12.12 5.74 1.25
CA ALA C 352 -12.21 6.11 2.69
C ALA C 352 -12.65 7.56 2.85
N ASN C 353 -12.45 8.40 1.83
CA ASN C 353 -12.38 9.89 1.97
C ASN C 353 -13.63 10.57 1.41
N GLY C 354 -14.77 9.86 1.34
CA GLY C 354 -16.08 10.48 1.10
C GLY C 354 -16.47 11.41 2.24
N ALA C 355 -17.42 12.30 2.00
CA ALA C 355 -17.94 13.19 3.04
C ALA C 355 -19.43 13.34 2.85
N PHE C 356 -20.19 13.12 3.91
CA PHE C 356 -21.65 13.36 3.93
C PHE C 356 -22.29 12.59 2.78
N GLU C 357 -23.00 13.27 1.86
CA GLU C 357 -23.88 12.62 0.88
C GLU C 357 -23.10 12.14 -0.36
N LEU C 358 -21.78 12.36 -0.49
CA LEU C 358 -21.09 12.02 -1.76
C LEU C 358 -19.63 11.65 -1.55
N ASN C 359 -19.19 10.54 -2.13
CA ASN C 359 -17.73 10.24 -2.31
C ASN C 359 -17.31 10.90 -3.62
N VAL C 360 -16.35 11.82 -3.59
CA VAL C 360 -15.88 12.60 -4.77
C VAL C 360 -14.48 12.12 -5.18
N TYR C 361 -14.30 10.81 -5.27
CA TYR C 361 -13.05 10.18 -5.77
C TYR C 361 -13.40 9.22 -6.91
N ILE C 362 -14.61 9.33 -7.46
CA ILE C 362 -15.15 8.30 -8.40
C ILE C 362 -14.30 8.18 -9.67
N PRO C 363 -13.95 9.26 -10.41
CA PRO C 363 -13.19 9.08 -11.65
C PRO C 363 -11.86 8.35 -11.40
N MET C 364 -11.17 8.68 -10.32
CA MET C 364 -9.85 8.06 -10.01
C MET C 364 -10.09 6.60 -9.62
N MET C 365 -11.04 6.32 -8.74
CA MET C 365 -11.34 4.90 -8.34
C MET C 365 -11.72 4.09 -9.59
N ALA C 366 -12.54 4.66 -10.49
CA ALA C 366 -13.00 3.99 -11.74
C ALA C 366 -11.81 3.68 -12.65
N ARG C 367 -10.90 4.65 -12.81
CA ARG C 367 -9.71 4.44 -13.66
C ARG C 367 -9.01 3.17 -13.16
N ASN C 368 -8.81 3.09 -11.85
CA ASN C 368 -7.90 2.08 -11.25
C ASN C 368 -8.57 0.71 -11.26
N ILE C 369 -9.84 0.61 -10.88
N ILE C 369 -9.82 0.61 -10.84
CA ILE C 369 -10.48 -0.72 -10.79
CA ILE C 369 -10.53 -0.70 -10.78
C ILE C 369 -10.68 -1.26 -12.21
C ILE C 369 -10.61 -1.23 -12.22
N LEU C 370 -11.01 -0.43 -13.19
CA LEU C 370 -11.25 -0.93 -14.56
C LEU C 370 -9.92 -1.31 -15.20
N GLU C 371 -8.85 -0.59 -14.89
CA GLU C 371 -7.52 -0.96 -15.40
C GLU C 371 -7.14 -2.32 -14.79
N SER C 372 -7.31 -2.51 -13.50
CA SER C 372 -6.95 -3.80 -12.83
C SER C 372 -7.73 -4.95 -13.50
N PHE C 373 -9.04 -4.79 -13.75
CA PHE C 373 -9.84 -5.81 -14.47
C PHE C 373 -9.17 -6.13 -15.82
N LYS C 374 -8.85 -5.10 -16.60
CA LYS C 374 -8.32 -5.22 -17.99
C LYS C 374 -6.96 -5.94 -17.99
N LEU C 375 -6.03 -5.51 -17.13
CA LEU C 375 -4.68 -6.08 -17.07
C LEU C 375 -4.79 -7.55 -16.70
N LEU C 376 -5.60 -7.89 -15.68
CA LEU C 376 -5.67 -9.29 -15.22
C LEU C 376 -6.34 -10.14 -16.32
N THR C 377 -7.38 -9.62 -16.95
CA THR C 377 -8.07 -10.37 -18.04
C THR C 377 -7.04 -10.70 -19.14
N ASN C 378 -6.36 -9.67 -19.64
CA ASN C 378 -5.51 -9.81 -20.85
C ASN C 378 -4.27 -10.67 -20.51
N VAL C 379 -3.65 -10.45 -19.35
CA VAL C 379 -2.39 -11.19 -19.03
C VAL C 379 -2.78 -12.63 -18.70
N SER C 380 -3.95 -12.89 -18.12
CA SER C 380 -4.34 -14.29 -17.79
C SER C 380 -4.48 -15.12 -19.07
N ARG C 381 -5.13 -14.60 -20.10
CA ARG C 381 -5.30 -15.32 -21.37
C ARG C 381 -3.93 -15.54 -22.05
N LEU C 382 -3.09 -14.50 -22.09
CA LEU C 382 -1.75 -14.66 -22.69
C LEU C 382 -0.96 -15.73 -21.94
N PHE C 383 -0.96 -15.68 -20.61
CA PHE C 383 -0.19 -16.63 -19.76
C PHE C 383 -0.67 -18.05 -20.09
N ALA C 384 -1.99 -18.24 -20.13
CA ALA C 384 -2.62 -19.56 -20.32
C ALA C 384 -2.19 -20.13 -21.68
N GLN C 385 -2.28 -19.31 -22.74
CA GLN C 385 -2.19 -19.76 -24.15
C GLN C 385 -0.73 -19.84 -24.58
N ARG C 386 0.12 -18.90 -24.16
CA ARG C 386 1.46 -18.70 -24.76
C ARG C 386 2.58 -19.06 -23.78
N CYS C 387 2.23 -19.49 -22.55
CA CYS C 387 3.26 -19.97 -21.59
C CYS C 387 2.82 -21.33 -21.05
N ILE C 388 1.69 -21.38 -20.34
CA ILE C 388 1.25 -22.62 -19.63
C ILE C 388 1.10 -23.77 -20.65
N ALA C 389 0.27 -23.59 -21.69
CA ALA C 389 -0.09 -24.61 -22.68
C ALA C 389 1.17 -25.30 -23.26
N GLY C 390 2.29 -24.58 -23.44
CA GLY C 390 3.47 -25.08 -24.16
C GLY C 390 4.61 -25.47 -23.23
N LEU C 391 4.43 -25.47 -21.91
CA LEU C 391 5.54 -25.91 -21.02
C LEU C 391 5.85 -27.39 -21.32
N THR C 392 7.11 -27.74 -21.31
CA THR C 392 7.61 -29.13 -21.38
C THR C 392 8.45 -29.44 -20.16
N ALA C 393 8.22 -30.59 -19.53
CA ALA C 393 8.94 -31.05 -18.32
C ALA C 393 10.16 -31.89 -18.68
N ASN C 394 11.28 -31.67 -18.00
CA ASN C 394 12.46 -32.56 -18.07
C ASN C 394 12.21 -33.81 -17.23
N VAL C 395 11.39 -34.74 -17.72
CA VAL C 395 10.78 -35.79 -16.86
C VAL C 395 11.84 -36.68 -16.22
N GLU C 396 12.75 -37.23 -17.03
CA GLU C 396 13.75 -38.21 -16.54
C GLU C 396 14.72 -37.53 -15.58
N HIS C 397 15.12 -36.32 -15.93
CA HIS C 397 16.00 -35.47 -15.10
C HIS C 397 15.38 -35.29 -13.71
N LEU C 398 14.12 -34.83 -13.65
CA LEU C 398 13.39 -34.56 -12.38
C LEU C 398 13.33 -35.83 -11.53
N ARG C 399 12.98 -36.96 -12.13
CA ARG C 399 12.93 -38.25 -11.39
C ARG C 399 14.34 -38.57 -10.85
N ARG C 400 15.39 -38.41 -11.64
CA ARG C 400 16.76 -38.82 -11.20
C ARG C 400 17.18 -37.98 -9.99
N LEU C 401 16.98 -36.65 -10.03
CA LEU C 401 17.23 -35.78 -8.85
C LEU C 401 16.42 -36.28 -7.65
N ALA C 402 15.13 -36.55 -7.83
CA ALA C 402 14.28 -36.98 -6.70
C ALA C 402 14.87 -38.24 -6.10
N GLU C 403 15.32 -39.18 -6.94
CA GLU C 403 15.90 -40.49 -6.55
C GLU C 403 17.29 -40.34 -5.95
N SER C 404 17.89 -39.16 -6.06
CA SER C 404 19.28 -38.90 -5.62
C SER C 404 19.35 -37.99 -4.37
N SER C 405 18.19 -37.56 -3.83
CA SER C 405 18.09 -36.54 -2.76
C SER C 405 18.30 -37.17 -1.39
N PRO C 406 19.21 -36.64 -0.54
CA PRO C 406 19.27 -37.03 0.87
C PRO C 406 17.91 -37.02 1.58
N SER C 407 16.89 -36.30 1.09
CA SER C 407 15.53 -36.22 1.72
C SER C 407 14.84 -37.58 1.73
N ILE C 408 15.15 -38.51 0.81
CA ILE C 408 14.38 -39.77 0.75
C ILE C 408 15.07 -40.89 1.55
N VAL C 409 16.16 -40.63 2.28
CA VAL C 409 16.84 -41.71 3.05
C VAL C 409 16.03 -42.05 4.30
N THR C 410 15.18 -41.13 4.78
CA THR C 410 14.46 -41.31 6.08
C THR C 410 13.77 -42.66 6.17
N PRO C 411 13.04 -43.15 5.14
CA PRO C 411 12.39 -44.45 5.28
C PRO C 411 13.37 -45.63 5.42
N LEU C 412 14.70 -45.41 5.33
CA LEU C 412 15.71 -46.48 5.54
C LEU C 412 16.13 -46.58 7.01
N ASN C 413 15.87 -45.55 7.79
CA ASN C 413 16.39 -45.39 9.18
C ASN C 413 16.13 -46.65 9.99
N SER C 414 14.88 -47.15 9.94
CA SER C 414 14.42 -48.33 10.73
C SER C 414 15.20 -49.58 10.30
N ALA C 415 15.75 -49.64 9.08
CA ALA C 415 16.50 -50.82 8.59
C ALA C 415 18.00 -50.66 8.87
N ILE C 416 18.60 -49.54 8.53
CA ILE C 416 20.08 -49.37 8.53
C ILE C 416 20.55 -48.48 9.68
N GLY C 417 19.66 -47.78 10.41
CA GLY C 417 20.05 -46.87 11.51
C GLY C 417 20.35 -45.45 11.02
N TYR C 418 20.21 -44.46 11.92
CA TYR C 418 20.38 -43.02 11.62
C TYR C 418 21.76 -42.74 11.04
N GLU C 419 22.79 -43.30 11.69
CA GLU C 419 24.21 -43.00 11.40
C GLU C 419 24.52 -43.40 9.94
N GLU C 420 24.08 -44.60 9.54
CA GLU C 420 24.37 -45.16 8.19
C GLU C 420 23.47 -44.46 7.16
N ALA C 421 22.22 -44.19 7.49
CA ALA C 421 21.35 -43.34 6.62
C ALA C 421 22.08 -42.02 6.30
N ALA C 422 22.62 -41.33 7.30
CA ALA C 422 23.39 -40.07 7.10
C ALA C 422 24.62 -40.31 6.21
N ALA C 423 25.31 -41.43 6.36
CA ALA C 423 26.53 -41.75 5.57
C ALA C 423 26.12 -42.05 4.12
N VAL C 424 25.01 -42.74 3.90
CA VAL C 424 24.41 -42.95 2.57
C VAL C 424 24.10 -41.58 1.95
N ALA C 425 23.42 -40.68 2.66
CA ALA C 425 23.01 -39.38 2.07
C ALA C 425 24.26 -38.58 1.67
N LYS C 426 25.25 -38.59 2.53
CA LYS C 426 26.51 -37.84 2.27
C LYS C 426 27.22 -38.38 1.00
N GLN C 427 27.42 -39.70 0.90
CA GLN C 427 28.10 -40.33 -0.27
C GLN C 427 27.28 -40.11 -1.54
N ALA C 428 25.96 -40.29 -1.51
CA ALA C 428 25.11 -40.09 -2.69
C ALA C 428 25.32 -38.69 -3.26
N LEU C 429 25.34 -37.68 -2.39
CA LEU C 429 25.55 -36.29 -2.85
C LEU C 429 26.98 -36.11 -3.40
N LYS C 430 27.96 -36.59 -2.67
CA LYS C 430 29.37 -36.41 -3.11
C LYS C 430 29.60 -37.12 -4.44
N GLU C 431 29.04 -38.31 -4.65
CA GLU C 431 29.36 -39.13 -5.85
C GLU C 431 28.35 -38.83 -6.96
N ARG C 432 27.32 -38.02 -6.64
CA ARG C 432 26.21 -37.68 -7.57
C ARG C 432 25.56 -38.98 -8.05
N LYS C 433 25.17 -39.84 -7.12
CA LYS C 433 24.53 -41.13 -7.45
C LYS C 433 23.14 -41.14 -6.83
N THR C 434 22.31 -42.09 -7.21
CA THR C 434 21.01 -42.29 -6.54
C THR C 434 21.21 -42.86 -5.14
N ILE C 435 20.18 -42.70 -4.31
CA ILE C 435 20.20 -43.31 -2.96
C ILE C 435 20.24 -44.83 -3.19
N ARG C 436 19.39 -45.34 -4.09
CA ARG C 436 19.37 -46.80 -4.38
C ARG C 436 20.81 -47.31 -4.64
N GLN C 437 21.56 -46.65 -5.53
N GLN C 437 21.51 -46.66 -5.59
CA GLN C 437 22.89 -47.14 -5.97
CA GLN C 437 22.90 -46.98 -6.02
C GLN C 437 23.94 -46.89 -4.87
C GLN C 437 23.81 -46.97 -4.79
N THR C 438 23.72 -45.93 -3.96
CA THR C 438 24.64 -45.71 -2.83
C THR C 438 24.43 -46.80 -1.79
N VAL C 439 23.19 -47.22 -1.54
CA VAL C 439 22.89 -48.26 -0.53
C VAL C 439 23.56 -49.57 -1.02
N ILE C 440 23.43 -49.88 -2.31
CA ILE C 440 24.05 -51.10 -2.93
C ILE C 440 25.57 -50.99 -2.82
N ASP C 441 26.13 -49.84 -3.20
N ASP C 441 26.15 -49.85 -3.23
CA ASP C 441 27.60 -49.60 -3.28
CA ASP C 441 27.62 -49.60 -3.26
C ASP C 441 28.21 -49.67 -1.87
C ASP C 441 28.19 -49.78 -1.85
N ARG C 442 27.43 -49.41 -0.81
CA ARG C 442 27.91 -49.47 0.59
C ARG C 442 27.79 -50.91 1.13
N GLY C 443 27.16 -51.81 0.38
CA GLY C 443 27.13 -53.25 0.71
C GLY C 443 26.10 -53.55 1.77
N LEU C 444 25.03 -52.74 1.84
CA LEU C 444 24.00 -52.80 2.91
C LEU C 444 22.90 -53.80 2.55
N ILE C 445 22.83 -54.24 1.31
CA ILE C 445 21.82 -55.27 0.89
C ILE C 445 22.27 -56.60 1.50
N GLY C 446 21.29 -57.40 1.96
CA GLY C 446 21.51 -58.67 2.67
C GLY C 446 21.07 -58.58 4.12
N ASP C 447 21.89 -57.99 4.97
CA ASP C 447 21.63 -58.00 6.44
C ASP C 447 20.43 -57.16 6.81
N ARG C 448 20.48 -55.92 6.36
CA ARG C 448 19.55 -54.87 6.81
C ARG C 448 18.22 -55.06 6.06
N LEU C 449 18.31 -55.19 4.75
CA LEU C 449 17.12 -55.19 3.87
C LEU C 449 17.46 -55.83 2.52
N SER C 450 16.42 -56.31 1.86
CA SER C 450 16.51 -56.92 0.52
C SER C 450 16.35 -55.83 -0.55
N ILE C 451 16.60 -56.18 -1.80
CA ILE C 451 16.28 -55.28 -2.95
C ILE C 451 14.76 -54.98 -2.98
N GLU C 452 13.91 -55.98 -2.72
CA GLU C 452 12.43 -55.75 -2.71
C GLU C 452 12.13 -54.65 -1.68
N ASP C 453 12.67 -54.74 -0.47
N ASP C 453 12.66 -54.82 -0.46
CA ASP C 453 12.35 -53.78 0.62
CA ASP C 453 12.52 -53.88 0.70
C ASP C 453 12.95 -52.41 0.26
C ASP C 453 12.95 -52.47 0.25
N LEU C 454 14.15 -52.38 -0.33
CA LEU C 454 14.80 -51.11 -0.76
C LEU C 454 13.92 -50.42 -1.81
N ASP C 455 13.44 -51.17 -2.81
CA ASP C 455 12.62 -50.59 -3.92
C ASP C 455 11.25 -50.12 -3.40
N ARG C 456 10.70 -50.78 -2.38
N ARG C 456 10.69 -50.78 -2.39
CA ARG C 456 9.43 -50.36 -1.71
CA ARG C 456 9.42 -50.33 -1.75
C ARG C 456 9.67 -49.05 -0.95
C ARG C 456 9.71 -49.02 -0.99
N ARG C 457 10.76 -48.99 -0.18
CA ARG C 457 11.05 -47.85 0.72
C ARG C 457 11.47 -46.61 -0.10
N LEU C 458 12.15 -46.78 -1.23
CA LEU C 458 12.65 -45.62 -2.02
C LEU C 458 11.79 -45.35 -3.26
N ASP C 459 10.59 -45.90 -3.38
CA ASP C 459 9.71 -45.57 -4.53
C ASP C 459 9.26 -44.10 -4.41
N VAL C 460 9.84 -43.21 -5.20
CA VAL C 460 9.65 -41.74 -4.98
C VAL C 460 8.22 -41.36 -5.40
N LEU C 461 7.65 -42.03 -6.40
CA LEU C 461 6.27 -41.75 -6.83
C LEU C 461 5.31 -42.12 -5.69
N ALA C 462 5.54 -43.23 -4.99
CA ALA C 462 4.67 -43.68 -3.89
C ALA C 462 4.84 -42.72 -2.71
N MET C 463 6.05 -42.26 -2.50
CA MET C 463 6.39 -41.26 -1.47
C MET C 463 5.62 -39.95 -1.69
N ALA C 464 5.44 -39.53 -2.94
CA ALA C 464 4.64 -38.33 -3.30
C ALA C 464 3.15 -38.63 -3.11
N LYS C 465 2.80 -39.90 -2.87
CA LYS C 465 1.39 -40.38 -2.70
C LYS C 465 0.61 -40.04 -3.95
N ALA C 466 1.14 -40.39 -5.12
CA ALA C 466 0.47 -40.32 -6.43
C ALA C 466 0.56 -41.71 -7.08
N GLU C 467 -0.41 -42.06 -7.93
CA GLU C 467 -0.49 -43.38 -8.64
C GLU C 467 0.34 -43.30 -9.93
N TYR D 10 17.41 -21.18 36.68
CA TYR D 10 18.49 -21.29 35.66
C TYR D 10 18.89 -22.75 35.47
N ARG D 11 17.98 -23.60 34.99
CA ARG D 11 18.39 -25.01 34.80
C ARG D 11 19.20 -25.14 33.51
N ILE D 12 19.98 -26.22 33.36
CA ILE D 12 20.72 -26.38 32.08
C ILE D 12 20.21 -27.65 31.41
N GLU D 13 19.98 -27.55 30.10
CA GLU D 13 19.52 -28.68 29.25
C GLU D 13 20.56 -28.98 28.17
N HIS D 14 20.56 -30.21 27.67
CA HIS D 14 21.61 -30.72 26.74
C HIS D 14 20.98 -30.88 25.35
N ASP D 15 21.53 -30.12 24.39
CA ASP D 15 21.06 -30.10 22.99
C ASP D 15 22.23 -30.50 22.07
N THR D 16 21.92 -31.23 21.01
CA THR D 16 22.91 -31.78 20.04
C THR D 16 24.11 -30.81 19.89
N MET D 17 23.91 -29.50 19.96
CA MET D 17 25.02 -28.49 19.81
C MET D 17 25.27 -27.78 21.16
N GLY D 18 25.27 -28.51 22.28
CA GLY D 18 25.92 -28.11 23.55
C GLY D 18 24.95 -27.80 24.68
N GLU D 19 25.32 -26.82 25.52
CA GLU D 19 24.61 -26.43 26.78
C GLU D 19 23.57 -25.33 26.51
N VAL D 20 22.40 -25.42 27.18
CA VAL D 20 21.26 -24.46 27.06
C VAL D 20 20.69 -24.18 28.45
N ARG D 21 20.97 -23.02 29.04
CA ARG D 21 20.39 -22.59 30.33
C ARG D 21 18.96 -22.08 30.08
N VAL D 22 18.02 -22.48 30.95
CA VAL D 22 16.56 -22.21 30.80
C VAL D 22 16.00 -21.77 32.15
N PRO D 23 15.17 -20.70 32.24
CA PRO D 23 14.55 -20.29 33.52
C PRO D 23 13.83 -21.49 34.19
N ALA D 24 13.76 -21.51 35.53
CA ALA D 24 13.39 -22.73 36.31
C ALA D 24 11.88 -22.94 36.21
N LYS D 25 11.10 -21.86 36.23
CA LYS D 25 9.61 -21.88 36.13
C LYS D 25 9.15 -22.08 34.67
N ALA D 26 10.07 -22.13 33.69
CA ALA D 26 9.75 -22.29 32.25
C ALA D 26 9.36 -23.74 31.97
N LEU D 27 8.23 -23.97 31.30
CA LEU D 27 7.85 -25.31 30.80
C LEU D 27 8.43 -25.56 29.40
N TRP D 28 8.98 -24.54 28.74
CA TRP D 28 9.63 -24.77 27.42
C TRP D 28 10.99 -25.42 27.68
N ARG D 29 11.60 -26.01 26.65
CA ARG D 29 12.89 -26.74 26.76
C ARG D 29 13.87 -26.15 25.75
N ALA D 30 14.84 -26.95 25.30
CA ALA D 30 16.07 -26.46 24.63
C ALA D 30 15.75 -25.76 23.30
N GLN D 31 14.97 -26.39 22.42
CA GLN D 31 14.65 -25.87 21.05
C GLN D 31 14.04 -24.46 21.16
N THR D 32 13.14 -24.22 22.12
CA THR D 32 12.48 -22.93 22.36
C THR D 32 13.54 -21.91 22.82
N GLN D 33 14.44 -22.33 23.68
CA GLN D 33 15.47 -21.45 24.25
C GLN D 33 16.43 -21.00 23.14
N ARG D 34 16.80 -21.92 22.26
CA ARG D 34 17.63 -21.61 21.07
C ARG D 34 16.90 -20.56 20.23
N ALA D 35 15.58 -20.71 19.99
CA ALA D 35 14.77 -19.77 19.19
C ALA D 35 14.74 -18.40 19.89
N VAL D 36 14.64 -18.34 21.22
CA VAL D 36 14.67 -17.07 21.98
C VAL D 36 16.00 -16.38 21.69
N GLU D 37 17.09 -17.15 21.67
CA GLU D 37 18.44 -16.58 21.44
C GLU D 37 18.63 -16.17 19.97
N ASN D 38 18.02 -16.87 19.02
CA ASN D 38 18.24 -16.63 17.56
C ASN D 38 17.42 -15.43 17.05
N PHE D 39 16.28 -15.09 17.65
CA PHE D 39 15.37 -14.07 17.08
C PHE D 39 15.03 -12.95 18.08
N PRO D 40 16.00 -12.22 18.66
CA PRO D 40 15.69 -11.02 19.43
C PRO D 40 15.44 -9.81 18.50
N ILE D 41 14.27 -9.74 17.90
CA ILE D 41 13.96 -8.77 16.82
C ILE D 41 12.90 -7.77 17.32
N SER D 42 11.69 -8.23 17.66
CA SER D 42 10.57 -7.32 18.02
C SER D 42 10.33 -7.27 19.54
N GLY D 43 10.74 -8.29 20.28
CA GLY D 43 10.47 -8.44 21.73
C GLY D 43 9.03 -8.85 22.02
N ARG D 44 8.25 -9.27 21.02
CA ARG D 44 6.84 -9.66 21.18
C ARG D 44 6.67 -11.05 20.60
N GLY D 45 5.91 -11.91 21.29
CA GLY D 45 5.67 -13.31 20.93
C GLY D 45 4.23 -13.48 20.51
N LEU D 46 3.77 -14.72 20.43
CA LEU D 46 2.38 -15.07 20.03
C LEU D 46 1.40 -14.41 20.98
N GLU D 47 0.26 -14.01 20.44
CA GLU D 47 -0.91 -13.54 21.21
C GLU D 47 -1.65 -14.74 21.81
N ARG D 48 -2.48 -14.47 22.82
CA ARG D 48 -3.33 -15.46 23.53
C ARG D 48 -4.11 -16.28 22.51
N THR D 49 -4.65 -15.66 21.46
CA THR D 49 -5.51 -16.33 20.45
C THR D 49 -4.68 -17.40 19.72
N GLN D 50 -3.41 -17.12 19.47
CA GLN D 50 -2.53 -18.02 18.66
C GLN D 50 -2.12 -19.18 19.55
N ILE D 51 -1.78 -18.89 20.80
CA ILE D 51 -1.42 -19.94 21.80
C ILE D 51 -2.63 -20.87 21.96
N ARG D 52 -3.80 -20.28 22.12
CA ARG D 52 -5.04 -21.08 22.34
C ARG D 52 -5.19 -22.03 21.15
N ALA D 53 -5.07 -21.51 19.92
CA ALA D 53 -5.29 -22.30 18.71
C ALA D 53 -4.24 -23.42 18.62
N LEU D 54 -2.99 -23.20 19.04
CA LEU D 54 -1.95 -24.27 19.01
C LEU D 54 -2.34 -25.36 20.01
N GLY D 55 -2.85 -24.97 21.17
CA GLY D 55 -3.36 -25.91 22.16
C GLY D 55 -4.51 -26.72 21.59
N LEU D 56 -5.49 -26.08 20.98
CA LEU D 56 -6.65 -26.83 20.44
C LEU D 56 -6.14 -27.86 19.42
N LEU D 57 -5.22 -27.47 18.53
CA LEU D 57 -4.71 -28.34 17.44
C LEU D 57 -3.99 -29.54 18.05
N LYS D 58 -3.12 -29.35 19.05
CA LYS D 58 -2.33 -30.46 19.64
C LYS D 58 -3.27 -31.46 20.36
N GLY D 59 -4.27 -30.98 21.08
CA GLY D 59 -5.26 -31.87 21.73
C GLY D 59 -6.02 -32.69 20.69
N ALA D 60 -6.47 -32.06 19.62
CA ALA D 60 -7.22 -32.74 18.53
C ALA D 60 -6.34 -33.79 17.83
N CYS D 61 -5.09 -33.46 17.53
CA CYS D 61 -4.13 -34.40 16.89
C CYS D 61 -3.90 -35.63 17.79
N ALA D 62 -3.72 -35.42 19.10
CA ALA D 62 -3.58 -36.53 20.08
C ALA D 62 -4.84 -37.42 20.09
N GLN D 63 -6.02 -36.81 20.05
N GLN D 63 -6.05 -36.85 20.07
CA GLN D 63 -7.33 -37.53 20.03
CA GLN D 63 -7.28 -37.68 20.05
C GLN D 63 -7.41 -38.48 18.81
C GLN D 63 -7.28 -38.58 18.81
N VAL D 64 -7.03 -38.00 17.62
CA VAL D 64 -7.12 -38.75 16.35
C VAL D 64 -6.02 -39.82 16.34
N ASN D 65 -4.82 -39.47 16.79
CA ASN D 65 -3.72 -40.46 16.86
C ASN D 65 -4.09 -41.62 17.83
N SER D 66 -4.81 -41.33 18.89
CA SER D 66 -5.23 -42.37 19.86
C SER D 66 -6.35 -43.19 19.19
N ASP D 67 -7.33 -42.53 18.57
CA ASP D 67 -8.51 -43.18 17.92
C ASP D 67 -8.02 -44.15 16.84
N LEU D 68 -6.89 -43.85 16.19
CA LEU D 68 -6.33 -44.68 15.10
C LEU D 68 -5.33 -45.71 15.67
N GLY D 69 -5.15 -45.76 17.00
CA GLY D 69 -4.25 -46.75 17.66
C GLY D 69 -2.77 -46.48 17.40
N LEU D 70 -2.38 -45.26 16.99
CA LEU D 70 -0.97 -44.95 16.67
C LEU D 70 -0.31 -44.43 17.93
N LEU D 71 -1.11 -43.98 18.89
CA LEU D 71 -0.62 -43.33 20.13
C LEU D 71 -1.32 -43.98 21.33
N ALA D 72 -0.50 -44.57 22.22
CA ALA D 72 -0.93 -45.26 23.47
C ALA D 72 -1.88 -44.32 24.21
N PRO D 73 -3.06 -44.79 24.68
CA PRO D 73 -4.04 -43.91 25.31
C PRO D 73 -3.51 -43.14 26.54
N GLU D 74 -2.56 -43.70 27.30
CA GLU D 74 -1.89 -43.01 28.43
C GLU D 74 -1.30 -41.67 27.95
N LYS D 75 -0.48 -41.71 26.90
CA LYS D 75 0.20 -40.51 26.34
C LYS D 75 -0.85 -39.55 25.76
N ALA D 76 -1.85 -40.06 25.06
CA ALA D 76 -2.89 -39.24 24.40
C ALA D 76 -3.59 -38.42 25.48
N ASP D 77 -3.95 -39.08 26.58
CA ASP D 77 -4.71 -38.46 27.70
C ASP D 77 -3.91 -37.30 28.30
N ALA D 78 -2.60 -37.48 28.47
CA ALA D 78 -1.72 -36.45 29.07
C ALA D 78 -1.61 -35.28 28.08
N ILE D 79 -1.46 -35.56 26.79
CA ILE D 79 -1.34 -34.49 25.74
C ILE D 79 -2.67 -33.76 25.75
N ILE D 80 -3.79 -34.48 25.72
CA ILE D 80 -5.13 -33.84 25.68
C ILE D 80 -5.35 -32.95 26.91
N ALA D 81 -4.90 -33.37 28.09
CA ALA D 81 -5.11 -32.59 29.33
C ALA D 81 -4.20 -31.34 29.30
N ALA D 82 -2.95 -31.51 28.88
CA ALA D 82 -1.96 -30.42 28.79
C ALA D 82 -2.44 -29.40 27.73
N ALA D 83 -2.85 -29.87 26.54
CA ALA D 83 -3.47 -29.04 25.47
C ALA D 83 -4.70 -28.27 25.97
N ALA D 84 -5.54 -28.84 26.84
CA ALA D 84 -6.78 -28.14 27.29
C ALA D 84 -6.39 -26.97 28.20
N GLU D 85 -5.29 -27.12 28.97
CA GLU D 85 -4.76 -26.03 29.83
C GLU D 85 -4.33 -24.86 28.94
N ILE D 86 -3.53 -25.15 27.91
CA ILE D 86 -2.99 -24.12 26.97
C ILE D 86 -4.17 -23.42 26.27
N ALA D 87 -5.16 -24.16 25.82
CA ALA D 87 -6.34 -23.63 25.09
C ALA D 87 -7.20 -22.73 25.99
N ASP D 88 -7.12 -22.95 27.32
CA ASP D 88 -7.88 -22.24 28.38
C ASP D 88 -7.06 -21.07 28.95
N GLY D 89 -5.94 -20.69 28.32
CA GLY D 89 -5.16 -19.51 28.72
C GLY D 89 -4.26 -19.75 29.92
N GLN D 90 -4.05 -20.98 30.35
CA GLN D 90 -3.31 -21.19 31.63
C GLN D 90 -1.81 -21.04 31.44
N HIS D 91 -1.28 -20.95 30.21
CA HIS D 91 0.19 -21.00 29.98
C HIS D 91 0.66 -19.91 28.99
N ASP D 92 -0.07 -18.80 28.91
CA ASP D 92 0.18 -17.72 27.93
C ASP D 92 1.54 -17.09 28.17
N ASP D 93 2.25 -17.46 29.25
CA ASP D 93 3.61 -16.98 29.60
C ASP D 93 4.68 -18.03 29.24
N GLN D 94 4.33 -19.14 28.61
CA GLN D 94 5.33 -20.21 28.25
C GLN D 94 5.68 -20.17 26.76
N PHE D 95 5.41 -19.06 26.06
CA PHE D 95 5.61 -18.93 24.60
C PHE D 95 6.45 -17.69 24.31
N PRO D 96 7.76 -17.73 24.60
CA PRO D 96 8.57 -16.51 24.51
C PRO D 96 9.18 -16.20 23.15
N ILE D 97 8.95 -17.03 22.14
CA ILE D 97 9.62 -16.87 20.81
C ILE D 97 9.04 -15.64 20.11
N ASP D 98 9.91 -14.86 19.49
CA ASP D 98 9.55 -13.69 18.66
C ASP D 98 8.59 -14.09 17.53
N VAL D 99 7.71 -13.18 17.17
CA VAL D 99 6.88 -13.24 15.93
C VAL D 99 7.80 -13.46 14.73
N PHE D 100 8.93 -12.73 14.68
CA PHE D 100 9.88 -12.75 13.53
C PHE D 100 10.83 -13.94 13.74
N GLN D 101 10.31 -15.11 13.43
CA GLN D 101 10.99 -16.41 13.55
C GLN D 101 11.02 -17.10 12.17
N THR D 102 11.55 -18.32 12.13
CA THR D 102 11.48 -19.18 10.93
C THR D 102 10.07 -19.09 10.33
N GLY D 103 9.98 -18.90 9.02
CA GLY D 103 8.80 -18.47 8.28
C GLY D 103 7.70 -19.51 8.22
N SER D 104 8.00 -20.75 8.59
CA SER D 104 7.00 -21.85 8.70
C SER D 104 6.24 -21.74 10.03
N GLY D 105 6.85 -21.08 11.02
CA GLY D 105 6.36 -21.12 12.40
C GLY D 105 6.75 -22.39 13.12
N THR D 106 7.74 -23.13 12.59
CA THR D 106 8.23 -24.38 13.22
C THR D 106 8.62 -24.09 14.67
N SER D 107 9.30 -22.98 14.95
CA SER D 107 9.82 -22.65 16.28
C SER D 107 8.68 -22.64 17.31
N SER D 108 7.57 -21.96 16.99
CA SER D 108 6.35 -21.92 17.84
C SER D 108 5.66 -23.29 17.90
N ASN D 109 5.69 -24.07 16.83
CA ASN D 109 5.20 -25.46 16.84
C ASN D 109 5.99 -26.26 17.88
N MET D 110 7.31 -26.19 17.86
CA MET D 110 8.16 -26.97 18.80
C MET D 110 7.97 -26.44 20.22
N ASN D 111 7.83 -25.13 20.40
CA ASN D 111 7.51 -24.48 21.69
C ASN D 111 6.27 -25.17 22.28
N THR D 112 5.24 -25.42 21.46
CA THR D 112 3.99 -26.03 21.94
C THR D 112 4.27 -27.47 22.35
N ASN D 113 5.06 -28.18 21.55
CA ASN D 113 5.40 -29.60 21.81
C ASN D 113 6.10 -29.72 23.18
N GLU D 114 7.12 -28.89 23.44
CA GLU D 114 7.98 -28.94 24.65
C GLU D 114 7.19 -28.53 25.90
N VAL D 115 6.36 -27.49 25.81
CA VAL D 115 5.48 -27.07 26.95
C VAL D 115 4.54 -28.23 27.31
N ILE D 116 3.96 -28.91 26.32
CA ILE D 116 3.05 -30.06 26.57
C ILE D 116 3.84 -31.19 27.25
N ALA D 117 5.06 -31.48 26.78
CA ALA D 117 5.94 -32.52 27.35
C ALA D 117 6.19 -32.23 28.85
N SER D 118 6.40 -30.96 29.20
CA SER D 118 6.74 -30.55 30.58
C SER D 118 5.48 -30.63 31.46
N ILE D 119 4.31 -30.23 30.95
CA ILE D 119 3.05 -30.26 31.74
C ILE D 119 2.75 -31.71 32.11
N ALA D 120 2.90 -32.62 31.15
CA ALA D 120 2.61 -34.06 31.27
C ALA D 120 3.61 -34.75 32.22
N ALA D 121 4.90 -34.36 32.19
CA ALA D 121 5.96 -34.87 33.09
C ALA D 121 5.59 -34.58 34.55
N LYS D 122 4.96 -33.42 34.82
CA LYS D 122 4.46 -33.03 36.17
C LYS D 122 3.32 -33.94 36.67
N GLY D 123 2.52 -34.53 35.77
CA GLY D 123 1.48 -35.53 36.10
C GLY D 123 1.98 -36.97 35.98
N GLY D 124 3.28 -37.19 35.85
CA GLY D 124 3.93 -38.52 35.90
C GLY D 124 4.10 -39.19 34.55
N VAL D 125 3.66 -38.60 33.44
CA VAL D 125 3.72 -39.22 32.08
C VAL D 125 4.89 -38.61 31.29
N THR D 126 5.71 -39.45 30.65
CA THR D 126 6.87 -39.08 29.78
C THR D 126 6.47 -39.07 28.30
N LEU D 127 6.48 -37.89 27.66
CA LEU D 127 6.20 -37.68 26.21
C LEU D 127 7.45 -37.16 25.50
N HIS D 128 7.71 -37.66 24.30
CA HIS D 128 8.71 -37.09 23.37
C HIS D 128 8.02 -35.92 22.64
N PRO D 129 8.58 -34.69 22.67
CA PRO D 129 7.92 -33.55 22.00
C PRO D 129 7.60 -33.83 20.53
N ASN D 130 8.58 -34.32 19.76
CA ASN D 130 8.44 -34.66 18.32
C ASN D 130 7.67 -35.97 18.14
N ASP D 131 8.13 -37.08 18.72
CA ASP D 131 7.62 -38.44 18.38
C ASP D 131 6.17 -38.59 18.85
N ASP D 132 5.85 -38.03 20.03
CA ASP D 132 4.51 -38.12 20.67
C ASP D 132 3.69 -36.87 20.31
N VAL D 133 4.13 -35.68 20.72
CA VAL D 133 3.22 -34.48 20.66
C VAL D 133 3.07 -34.03 19.20
N ASN D 134 4.07 -34.32 18.36
CA ASN D 134 4.08 -33.92 16.93
C ASN D 134 3.79 -35.13 16.03
N MET D 135 3.30 -36.25 16.59
CA MET D 135 2.95 -37.45 15.77
C MET D 135 1.97 -37.05 14.64
N SER D 136 2.24 -37.51 13.42
CA SER D 136 1.39 -37.39 12.19
C SER D 136 1.39 -35.94 11.66
N GLN D 137 2.23 -35.07 12.20
CA GLN D 137 2.29 -33.62 11.86
C GLN D 137 3.68 -33.30 11.33
N SER D 138 3.83 -32.17 10.69
CA SER D 138 5.17 -31.76 10.25
C SER D 138 5.48 -30.41 10.87
N SER D 139 6.64 -29.88 10.55
CA SER D 139 7.01 -28.52 11.00
C SER D 139 6.22 -27.46 10.18
N ASN D 140 5.40 -27.84 9.17
CA ASN D 140 4.88 -26.93 8.10
C ASN D 140 3.34 -26.93 7.95
N ASP D 141 2.60 -27.88 8.48
CA ASP D 141 1.11 -27.93 8.34
C ASP D 141 0.46 -27.53 9.66
N THR D 142 1.24 -27.40 10.73
CA THR D 142 0.73 -27.14 12.10
C THR D 142 0.51 -25.63 12.30
N PHE D 143 1.53 -24.79 12.09
CA PHE D 143 1.39 -23.33 12.37
C PHE D 143 0.36 -22.66 11.44
N PRO D 144 0.28 -22.95 10.13
CA PRO D 144 -0.78 -22.37 9.31
C PRO D 144 -2.17 -22.84 9.76
N THR D 145 -2.31 -24.09 10.24
CA THR D 145 -3.60 -24.60 10.75
C THR D 145 -4.03 -23.77 11.98
N ALA D 146 -3.12 -23.56 12.92
CA ALA D 146 -3.44 -22.81 14.16
C ALA D 146 -3.75 -21.37 13.77
N THR D 147 -3.07 -20.83 12.76
CA THR D 147 -3.34 -19.46 12.28
C THR D 147 -4.80 -19.37 11.79
N HIS D 148 -5.22 -20.28 10.94
CA HIS D 148 -6.57 -20.26 10.32
C HIS D 148 -7.66 -20.55 11.38
N ILE D 149 -7.41 -21.41 12.36
CA ILE D 149 -8.34 -21.63 13.52
C ILE D 149 -8.55 -20.28 14.24
N ALA D 150 -7.46 -19.59 14.61
CA ALA D 150 -7.48 -18.31 15.33
C ALA D 150 -8.21 -17.23 14.51
N ALA D 151 -7.94 -17.15 13.21
CA ALA D 151 -8.55 -16.15 12.31
C ALA D 151 -10.03 -16.45 12.20
N THR D 152 -10.39 -17.73 12.08
CA THR D 152 -11.82 -18.12 11.87
C THR D 152 -12.61 -17.83 13.16
N GLU D 153 -12.08 -18.23 14.31
CA GLU D 153 -12.68 -17.91 15.64
C GLU D 153 -12.84 -16.38 15.78
N ALA D 154 -11.79 -15.61 15.48
CA ALA D 154 -11.83 -14.14 15.58
C ALA D 154 -12.96 -13.58 14.69
N ALA D 155 -13.16 -14.09 13.47
CA ALA D 155 -14.18 -13.59 12.55
C ALA D 155 -15.56 -13.93 13.11
N VAL D 156 -15.74 -15.16 13.54
CA VAL D 156 -17.11 -15.72 13.75
C VAL D 156 -17.56 -15.37 15.17
N ALA D 157 -16.72 -15.59 16.18
CA ALA D 157 -17.13 -15.49 17.59
C ALA D 157 -16.98 -14.05 18.09
N HIS D 158 -16.22 -13.19 17.42
CA HIS D 158 -15.84 -11.87 18.00
C HIS D 158 -16.17 -10.73 17.04
N LEU D 159 -15.66 -10.74 15.81
CA LEU D 159 -15.80 -9.55 14.94
C LEU D 159 -17.26 -9.41 14.54
N ILE D 160 -17.84 -10.45 13.98
CA ILE D 160 -19.22 -10.38 13.44
C ILE D 160 -20.16 -9.86 14.53
N PRO D 161 -20.19 -10.43 15.75
CA PRO D 161 -21.05 -9.89 16.80
C PRO D 161 -20.74 -8.43 17.17
N ALA D 162 -19.47 -8.02 17.18
CA ALA D 162 -19.12 -6.60 17.45
C ALA D 162 -19.70 -5.69 16.34
N LEU D 163 -19.58 -6.08 15.08
CA LEU D 163 -20.11 -5.29 13.93
C LEU D 163 -21.64 -5.29 14.00
N GLN D 164 -22.26 -6.39 14.45
CA GLN D 164 -23.74 -6.44 14.53
C GLN D 164 -24.19 -5.43 15.61
N GLN D 165 -23.45 -5.34 16.70
CA GLN D 165 -23.71 -4.37 17.80
C GLN D 165 -23.64 -2.93 17.24
N LEU D 166 -22.62 -2.64 16.44
CA LEU D 166 -22.42 -1.31 15.81
C LEU D 166 -23.54 -1.06 14.80
N HIS D 167 -23.85 -2.05 13.96
CA HIS D 167 -25.00 -1.98 13.01
C HIS D 167 -26.26 -1.58 13.80
N ASP D 168 -26.54 -2.29 14.89
CA ASP D 168 -27.82 -2.12 15.64
C ASP D 168 -27.88 -0.72 16.24
N ALA D 169 -26.75 -0.18 16.73
CA ALA D 169 -26.69 1.18 17.30
C ALA D 169 -26.96 2.22 16.21
N LEU D 170 -26.33 2.05 15.04
CA LEU D 170 -26.53 2.95 13.89
C LEU D 170 -27.99 2.87 13.43
N ALA D 171 -28.55 1.67 13.28
CA ALA D 171 -29.94 1.48 12.80
C ALA D 171 -30.92 2.13 13.80
N ALA D 172 -30.64 2.04 15.09
CA ALA D 172 -31.52 2.65 16.13
C ALA D 172 -31.57 4.18 15.94
N LYS D 173 -30.43 4.81 15.66
CA LYS D 173 -30.35 6.28 15.37
C LYS D 173 -31.07 6.62 14.07
N ALA D 174 -30.94 5.80 13.03
CA ALA D 174 -31.60 5.98 11.71
C ALA D 174 -33.11 6.06 11.90
N LEU D 175 -33.66 5.23 12.78
CA LEU D 175 -35.11 5.22 13.11
C LEU D 175 -35.47 6.41 14.03
N ASP D 176 -34.70 6.67 15.08
CA ASP D 176 -34.94 7.78 16.04
C ASP D 176 -34.94 9.12 15.27
N TRP D 177 -34.12 9.24 14.23
CA TRP D 177 -33.87 10.55 13.57
C TRP D 177 -34.50 10.57 12.19
N HIS D 178 -35.48 9.69 11.94
CA HIS D 178 -36.13 9.53 10.61
C HIS D 178 -36.62 10.89 10.09
N THR D 179 -37.12 11.78 10.93
CA THR D 179 -37.71 13.09 10.52
C THR D 179 -36.88 14.29 11.03
N VAL D 180 -35.65 14.07 11.49
CA VAL D 180 -34.72 15.18 11.83
C VAL D 180 -34.11 15.73 10.55
N VAL D 181 -34.79 16.68 9.92
CA VAL D 181 -34.37 17.24 8.62
C VAL D 181 -33.11 18.10 8.83
N LYS D 182 -32.26 18.16 7.81
CA LYS D 182 -31.00 18.97 7.81
C LYS D 182 -30.65 19.29 6.37
N SER D 183 -29.60 20.06 6.13
CA SER D 183 -29.08 20.25 4.76
C SER D 183 -28.22 19.05 4.34
N GLY D 184 -28.42 18.57 3.12
CA GLY D 184 -27.47 17.74 2.36
C GLY D 184 -26.17 18.50 2.16
N ARG D 185 -25.07 17.78 2.04
CA ARG D 185 -23.78 18.35 1.60
C ARG D 185 -23.16 17.41 0.55
N THR D 186 -22.87 17.96 -0.62
CA THR D 186 -22.14 17.28 -1.71
C THR D 186 -20.96 18.16 -2.07
N HIS D 187 -19.76 17.58 -2.17
CA HIS D 187 -18.47 18.30 -2.41
C HIS D 187 -18.18 19.25 -1.24
N LEU D 188 -18.87 19.06 -0.10
CA LEU D 188 -18.80 19.92 1.12
C LEU D 188 -19.68 21.16 0.96
N MET D 189 -20.44 21.27 -0.13
CA MET D 189 -21.26 22.46 -0.44
C MET D 189 -22.74 22.17 -0.17
N ASP D 190 -23.50 23.25 0.09
CA ASP D 190 -24.93 23.17 0.46
C ASP D 190 -25.67 22.43 -0.64
N ALA D 191 -26.44 21.40 -0.28
CA ALA D 191 -27.25 20.61 -1.22
C ALA D 191 -28.69 20.55 -0.67
N VAL D 192 -29.59 19.92 -1.42
CA VAL D 192 -31.01 19.74 -1.00
C VAL D 192 -31.12 18.95 0.29
N PRO D 193 -32.25 19.11 1.02
CA PRO D 193 -32.43 18.45 2.31
C PRO D 193 -32.33 16.92 2.31
N VAL D 194 -31.82 16.40 3.43
CA VAL D 194 -31.85 14.98 3.83
C VAL D 194 -32.27 14.96 5.30
N THR D 195 -32.41 13.79 5.87
CA THR D 195 -32.60 13.65 7.33
C THR D 195 -31.33 13.01 7.90
N LEU D 196 -31.05 13.31 9.16
CA LEU D 196 -29.97 12.67 9.94
C LEU D 196 -30.23 11.17 9.95
N GLY D 197 -31.50 10.76 9.97
CA GLY D 197 -31.87 9.35 9.90
C GLY D 197 -31.41 8.69 8.62
N GLN D 198 -31.58 9.34 7.49
CA GLN D 198 -31.17 8.79 6.17
C GLN D 198 -29.65 8.59 6.19
N GLU D 199 -28.91 9.56 6.71
CA GLU D 199 -27.43 9.46 6.76
C GLU D 199 -27.07 8.22 7.57
N PHE D 200 -27.69 8.05 8.77
CA PHE D 200 -27.39 6.92 9.68
C PHE D 200 -27.84 5.58 9.06
N SER D 201 -28.87 5.57 8.23
CA SER D 201 -29.31 4.36 7.49
C SER D 201 -28.19 3.99 6.51
N GLY D 202 -27.50 4.98 5.91
CA GLY D 202 -26.32 4.72 5.06
C GLY D 202 -25.15 4.13 5.84
N TYR D 203 -24.82 4.71 7.00
CA TYR D 203 -23.76 4.16 7.87
C TYR D 203 -24.15 2.72 8.25
N ALA D 204 -25.41 2.49 8.62
CA ALA D 204 -25.85 1.15 9.04
C ALA D 204 -25.60 0.20 7.89
N ARG D 205 -25.95 0.57 6.67
CA ARG D 205 -25.78 -0.37 5.53
C ARG D 205 -24.30 -0.69 5.37
N GLN D 206 -23.41 0.29 5.53
CA GLN D 206 -21.97 0.04 5.31
C GLN D 206 -21.49 -1.03 6.28
N ILE D 207 -21.94 -1.04 7.52
CA ILE D 207 -21.50 -2.05 8.52
C ILE D 207 -22.17 -3.40 8.22
N GLU D 208 -23.44 -3.40 7.80
CA GLU D 208 -24.16 -4.64 7.37
C GLU D 208 -23.41 -5.30 6.19
N ALA D 209 -23.02 -4.51 5.18
CA ALA D 209 -22.22 -4.96 4.01
C ALA D 209 -20.85 -5.46 4.49
N GLY D 210 -20.31 -4.86 5.54
CA GLY D 210 -19.08 -5.32 6.23
C GLY D 210 -19.24 -6.73 6.75
N ILE D 211 -20.38 -7.01 7.40
CA ILE D 211 -20.66 -8.38 7.92
C ILE D 211 -20.77 -9.33 6.72
N GLU D 212 -21.46 -8.91 5.66
CA GLU D 212 -21.60 -9.75 4.44
C GLU D 212 -20.23 -10.09 3.86
N ARG D 213 -19.34 -9.11 3.87
CA ARG D 213 -17.96 -9.24 3.36
C ARG D 213 -17.19 -10.28 4.20
N VAL D 214 -17.26 -10.21 5.52
CA VAL D 214 -16.57 -11.20 6.42
C VAL D 214 -17.19 -12.58 6.15
N ARG D 215 -18.52 -12.69 6.14
N ARG D 215 -18.52 -12.70 6.14
CA ARG D 215 -19.22 -13.98 5.90
CA ARG D 215 -19.17 -14.02 5.92
C ARG D 215 -18.73 -14.59 4.59
C ARG D 215 -18.71 -14.60 4.57
N ALA D 216 -18.60 -13.79 3.52
CA ALA D 216 -18.24 -14.27 2.16
C ALA D 216 -16.82 -14.86 2.12
N CYS D 217 -15.93 -14.51 3.03
CA CYS D 217 -14.55 -15.03 2.99
C CYS D 217 -14.40 -16.32 3.81
N LEU D 218 -15.43 -16.70 4.57
CA LEU D 218 -15.32 -17.81 5.57
C LEU D 218 -15.08 -19.16 4.90
N PRO D 219 -15.66 -19.48 3.72
CA PRO D 219 -15.40 -20.78 3.06
C PRO D 219 -13.91 -21.02 2.81
N ARG D 220 -13.13 -19.97 2.61
CA ARG D 220 -11.67 -20.11 2.36
C ARG D 220 -10.86 -19.79 3.61
N LEU D 221 -11.30 -18.85 4.45
CA LEU D 221 -10.56 -18.52 5.69
C LEU D 221 -10.51 -19.78 6.57
N GLY D 222 -11.59 -20.57 6.59
CA GLY D 222 -11.70 -21.72 7.50
C GLY D 222 -10.97 -22.98 7.04
N GLU D 223 -10.33 -22.97 5.86
CA GLU D 223 -9.55 -24.11 5.30
C GLU D 223 -8.29 -24.34 6.14
N LEU D 224 -8.11 -25.57 6.63
CA LEU D 224 -6.93 -25.97 7.44
C LEU D 224 -6.03 -26.92 6.62
N ALA D 225 -4.72 -26.73 6.75
CA ALA D 225 -3.67 -27.51 6.08
C ALA D 225 -3.45 -28.84 6.79
N ILE D 226 -3.97 -29.04 8.01
CA ILE D 226 -3.54 -30.20 8.84
C ILE D 226 -3.77 -31.50 8.06
N GLY D 227 -2.78 -32.40 8.08
CA GLY D 227 -2.80 -33.66 7.32
C GLY D 227 -1.90 -33.64 6.09
N GLY D 228 -1.50 -32.46 5.61
CA GLY D 228 -0.68 -32.35 4.39
C GLY D 228 0.79 -32.58 4.67
N THR D 229 1.20 -32.57 5.93
CA THR D 229 2.59 -32.76 6.43
C THR D 229 3.57 -31.85 5.65
N ALA D 230 4.79 -32.32 5.42
CA ALA D 230 5.93 -31.40 5.11
C ALA D 230 5.64 -30.63 3.80
N VAL D 231 5.04 -31.26 2.78
CA VAL D 231 5.02 -30.66 1.41
C VAL D 231 3.61 -30.63 0.83
N GLY D 232 2.62 -31.14 1.55
CA GLY D 232 1.22 -31.19 1.10
C GLY D 232 0.74 -32.56 0.65
N THR D 233 1.64 -33.56 0.59
CA THR D 233 1.37 -34.91 0.08
C THR D 233 0.69 -35.78 1.16
N GLY D 234 0.79 -35.41 2.43
CA GLY D 234 0.30 -36.27 3.52
C GLY D 234 1.26 -37.39 3.87
N LEU D 235 2.47 -37.43 3.31
CA LEU D 235 3.45 -38.48 3.69
C LEU D 235 3.62 -38.47 5.22
N ASN D 236 3.57 -39.66 5.84
CA ASN D 236 3.85 -39.86 7.29
C ASN D 236 2.64 -39.42 8.14
N ALA D 237 1.48 -39.19 7.53
CA ALA D 237 0.21 -38.99 8.23
C ALA D 237 -0.76 -40.02 7.70
N PRO D 238 -1.70 -40.51 8.51
CA PRO D 238 -2.82 -41.28 7.98
C PRO D 238 -3.55 -40.49 6.88
N ASP D 239 -4.15 -41.19 5.91
CA ASP D 239 -4.88 -40.61 4.75
C ASP D 239 -6.02 -39.70 5.19
N ASP D 240 -6.66 -40.00 6.32
CA ASP D 240 -7.87 -39.27 6.74
C ASP D 240 -7.53 -38.39 7.97
N PHE D 241 -6.25 -38.10 8.20
CA PHE D 241 -5.82 -37.36 9.43
C PHE D 241 -6.56 -36.03 9.47
N GLY D 242 -6.56 -35.36 8.33
CA GLY D 242 -7.10 -34.00 8.17
C GLY D 242 -8.55 -33.96 8.50
N VAL D 243 -9.37 -34.78 7.83
N VAL D 243 -9.36 -34.78 7.82
CA VAL D 243 -10.85 -34.77 8.04
CA VAL D 243 -10.83 -34.86 8.00
C VAL D 243 -11.16 -35.15 9.50
C VAL D 243 -11.15 -35.16 9.47
N ARG D 244 -10.41 -36.08 10.09
CA ARG D 244 -10.65 -36.52 11.48
C ARG D 244 -10.32 -35.37 12.44
N VAL D 245 -9.16 -34.70 12.26
CA VAL D 245 -8.73 -33.61 13.15
C VAL D 245 -9.72 -32.45 13.04
N VAL D 246 -10.13 -32.09 11.84
CA VAL D 246 -11.11 -30.99 11.66
C VAL D 246 -12.39 -31.33 12.44
N ALA D 247 -12.87 -32.56 12.36
CA ALA D 247 -14.14 -32.96 13.02
C ALA D 247 -13.99 -32.79 14.53
N VAL D 248 -12.84 -33.16 15.12
CA VAL D 248 -12.61 -32.94 16.57
C VAL D 248 -12.62 -31.42 16.84
N LEU D 249 -11.95 -30.61 16.02
CA LEU D 249 -11.88 -29.13 16.26
C LEU D 249 -13.27 -28.54 16.13
N VAL D 250 -14.03 -28.91 15.11
CA VAL D 250 -15.41 -28.40 14.96
C VAL D 250 -16.21 -28.77 16.23
N ALA D 251 -16.12 -30.00 16.72
CA ALA D 251 -16.89 -30.45 17.91
C ALA D 251 -16.48 -29.65 19.16
N GLN D 252 -15.18 -29.41 19.33
CA GLN D 252 -14.67 -28.77 20.55
C GLN D 252 -14.91 -27.25 20.53
N THR D 253 -14.79 -26.58 19.39
CA THR D 253 -14.92 -25.09 19.32
C THR D 253 -16.34 -24.64 18.95
N GLY D 254 -17.19 -25.48 18.37
CA GLY D 254 -18.50 -25.08 17.81
C GLY D 254 -18.36 -24.28 16.52
N LEU D 255 -17.16 -24.21 15.95
CA LEU D 255 -16.85 -23.46 14.71
C LEU D 255 -17.07 -24.35 13.48
N SER D 256 -18.29 -24.35 12.95
CA SER D 256 -18.70 -25.15 11.77
C SER D 256 -17.99 -24.68 10.50
N GLU D 257 -17.34 -23.50 10.52
CA GLU D 257 -16.62 -22.89 9.37
C GLU D 257 -15.26 -23.57 9.16
N LEU D 258 -14.73 -24.31 10.14
CA LEU D 258 -13.44 -25.00 9.96
C LEU D 258 -13.69 -26.15 8.96
N ARG D 259 -12.77 -26.29 8.03
CA ARG D 259 -12.86 -27.36 7.02
C ARG D 259 -11.50 -27.72 6.45
N THR D 260 -11.38 -28.95 5.96
N THR D 260 -11.43 -28.92 5.91
CA THR D 260 -10.17 -29.49 5.29
CA THR D 260 -10.17 -29.40 5.33
C THR D 260 -9.90 -28.62 4.06
C THR D 260 -9.91 -28.60 4.05
N ALA D 261 -8.64 -28.41 3.70
CA ALA D 261 -8.30 -27.64 2.48
C ALA D 261 -8.93 -28.33 1.27
N ALA D 262 -9.53 -27.58 0.36
CA ALA D 262 -9.89 -28.06 -1.00
C ALA D 262 -8.67 -28.69 -1.67
N ASN D 263 -7.50 -28.05 -1.60
CA ASN D 263 -6.30 -28.61 -2.25
C ASN D 263 -5.16 -28.54 -1.26
N SER D 264 -4.52 -29.66 -0.97
CA SER D 264 -3.55 -29.72 0.16
C SER D 264 -2.27 -28.94 -0.22
N PHE D 265 -2.00 -28.79 -1.52
CA PHE D 265 -0.82 -28.05 -2.03
C PHE D 265 -1.07 -26.54 -1.89
N GLU D 266 -2.23 -26.07 -2.31
CA GLU D 266 -2.62 -24.64 -2.21
C GLU D 266 -2.57 -24.21 -0.73
N ALA D 267 -2.97 -25.08 0.19
CA ALA D 267 -3.15 -24.73 1.61
C ALA D 267 -1.78 -24.58 2.29
N GLN D 268 -0.68 -24.95 1.62
CA GLN D 268 0.66 -24.84 2.26
C GLN D 268 1.59 -23.93 1.47
N ALA D 269 1.52 -23.98 0.14
CA ALA D 269 2.30 -23.13 -0.78
C ALA D 269 1.84 -21.68 -0.69
N ALA D 270 0.60 -21.46 -0.31
CA ALA D 270 0.02 -20.09 -0.22
C ALA D 270 -0.77 -19.91 1.09
N ARG D 271 -1.00 -18.65 1.46
CA ARG D 271 -1.86 -18.21 2.58
C ARG D 271 -2.90 -17.24 2.00
N ASP D 272 -3.38 -17.50 0.77
CA ASP D 272 -4.28 -16.59 0.04
C ASP D 272 -5.57 -16.31 0.84
N GLY D 273 -5.98 -17.23 1.70
CA GLY D 273 -7.17 -17.09 2.57
C GLY D 273 -7.02 -15.94 3.55
N LEU D 274 -5.80 -15.72 4.06
CA LEU D 274 -5.47 -14.58 4.94
C LEU D 274 -5.51 -13.27 4.16
N VAL D 275 -4.99 -13.25 2.94
CA VAL D 275 -5.00 -12.08 2.04
C VAL D 275 -6.46 -11.72 1.72
N GLU D 276 -7.26 -12.71 1.33
CA GLU D 276 -8.69 -12.46 1.06
C GLU D 276 -9.37 -11.81 2.27
N ALA D 277 -9.20 -12.42 3.45
CA ALA D 277 -9.85 -11.98 4.68
C ALA D 277 -9.40 -10.55 5.01
N SER D 278 -8.11 -10.26 4.87
CA SER D 278 -7.60 -8.91 5.16
C SER D 278 -8.32 -7.90 4.28
N GLY D 279 -8.57 -8.22 3.00
CA GLY D 279 -9.34 -7.37 2.08
C GLY D 279 -10.70 -6.96 2.66
N ALA D 280 -11.44 -7.92 3.22
CA ALA D 280 -12.72 -7.63 3.93
C ALA D 280 -12.48 -6.69 5.14
N LEU D 281 -11.47 -6.96 5.95
CA LEU D 281 -11.14 -6.10 7.11
C LEU D 281 -10.79 -4.68 6.61
N ARG D 282 -10.04 -4.60 5.52
CA ARG D 282 -9.58 -3.30 4.94
C ARG D 282 -10.82 -2.56 4.41
N THR D 283 -11.77 -3.26 3.78
CA THR D 283 -13.01 -2.58 3.31
C THR D 283 -13.73 -2.01 4.53
N ILE D 284 -13.84 -2.78 5.61
CA ILE D 284 -14.50 -2.33 6.86
C ILE D 284 -13.79 -1.08 7.41
N ALA D 285 -12.45 -1.05 7.39
CA ALA D 285 -11.66 0.13 7.82
C ALA D 285 -12.01 1.34 6.96
N VAL D 286 -12.19 1.13 5.65
CA VAL D 286 -12.59 2.20 4.72
C VAL D 286 -13.98 2.71 5.09
N SER D 287 -14.94 1.82 5.32
CA SER D 287 -16.31 2.18 5.75
C SER D 287 -16.25 2.98 7.07
N LEU D 288 -15.50 2.48 8.04
CA LEU D 288 -15.44 3.07 9.40
C LEU D 288 -14.79 4.44 9.32
N THR D 289 -13.84 4.66 8.43
CA THR D 289 -13.21 6.00 8.26
C THR D 289 -14.28 7.02 7.81
N LYS D 290 -15.10 6.68 6.82
CA LYS D 290 -16.20 7.57 6.36
C LYS D 290 -17.16 7.84 7.53
N ILE D 291 -17.59 6.81 8.25
CA ILE D 291 -18.59 6.99 9.34
C ILE D 291 -17.98 7.89 10.45
N ALA D 292 -16.80 7.51 10.93
CA ALA D 292 -16.12 8.27 12.01
C ALA D 292 -15.87 9.74 11.59
N ASN D 293 -15.52 10.00 10.33
CA ASN D 293 -15.15 11.37 9.88
C ASN D 293 -16.39 12.26 9.83
N ASP D 294 -17.52 11.72 9.37
CA ASP D 294 -18.80 12.45 9.29
C ASP D 294 -19.22 12.79 10.73
N ILE D 295 -19.08 11.84 11.63
CA ILE D 295 -19.54 12.01 13.03
C ILE D 295 -18.68 13.07 13.72
N ARG D 296 -17.35 13.05 13.57
CA ARG D 296 -16.58 14.14 14.23
C ARG D 296 -16.87 15.48 13.55
N TRP D 297 -17.08 15.52 12.25
CA TRP D 297 -17.46 16.79 11.58
C TRP D 297 -18.83 17.27 12.09
N MET D 298 -19.82 16.37 12.18
N MET D 298 -19.81 16.38 12.24
CA MET D 298 -21.16 16.70 12.70
CA MET D 298 -21.16 16.79 12.68
C MET D 298 -21.01 17.34 14.09
C MET D 298 -21.10 17.27 14.14
N GLY D 299 -20.13 16.80 14.93
CA GLY D 299 -19.95 17.26 16.31
C GLY D 299 -19.03 18.48 16.40
N SER D 300 -18.45 18.93 15.29
CA SER D 300 -17.41 19.99 15.34
C SER D 300 -17.96 21.29 15.95
N GLY D 301 -17.05 22.06 16.56
CA GLY D 301 -17.30 23.45 16.99
C GLY D 301 -17.06 23.61 18.48
N PRO D 302 -18.05 24.13 19.24
CA PRO D 302 -19.38 24.49 18.72
C PRO D 302 -19.49 25.73 17.81
N LEU D 303 -18.74 26.79 18.07
CA LEU D 303 -18.89 28.06 17.32
C LEU D 303 -18.27 27.98 15.91
N THR D 304 -17.15 27.29 15.73
CA THR D 304 -16.35 27.34 14.46
C THR D 304 -16.70 26.17 13.55
N GLY D 305 -17.65 25.32 13.95
CA GLY D 305 -17.88 24.05 13.27
C GLY D 305 -19.30 23.92 12.77
N LEU D 306 -19.79 22.70 12.60
CA LEU D 306 -21.12 22.41 12.03
C LEU D 306 -22.14 22.30 13.18
N ALA D 307 -21.71 21.80 14.34
CA ALA D 307 -22.51 21.77 15.58
C ALA D 307 -23.87 21.10 15.34
N GLU D 308 -23.91 20.03 14.55
CA GLU D 308 -25.18 19.32 14.22
C GLU D 308 -25.57 18.35 15.33
N ILE D 309 -24.57 17.71 15.96
CA ILE D 309 -24.79 16.72 17.06
C ILE D 309 -23.84 17.01 18.21
N GLN D 310 -24.14 16.40 19.36
N GLN D 310 -24.14 16.45 19.37
CA GLN D 310 -23.28 16.35 20.56
CA GLN D 310 -23.20 16.40 20.53
C GLN D 310 -22.80 14.91 20.79
C GLN D 310 -22.80 14.94 20.79
N LEU D 311 -21.50 14.71 20.88
CA LEU D 311 -20.91 13.40 21.21
C LEU D 311 -20.87 13.29 22.73
N PRO D 312 -21.09 12.10 23.30
CA PRO D 312 -20.92 11.95 24.74
C PRO D 312 -19.47 12.22 25.12
N ASP D 313 -19.30 12.80 26.30
CA ASP D 313 -17.97 13.15 26.87
C ASP D 313 -17.39 11.91 27.56
N LEU D 314 -16.11 11.65 27.28
CA LEU D 314 -15.28 10.60 27.89
C LEU D 314 -14.07 11.29 28.55
N LYS D 324 -17.26 21.50 25.45
CA LYS D 324 -16.42 21.26 24.24
C LYS D 324 -15.71 19.89 24.38
N VAL D 325 -16.38 18.86 23.86
CA VAL D 325 -15.98 17.43 23.91
C VAL D 325 -15.11 17.12 22.69
N ASN D 326 -13.90 16.63 22.88
CA ASN D 326 -13.05 16.10 21.77
C ASN D 326 -13.67 14.80 21.25
N PRO D 327 -13.68 14.57 19.93
CA PRO D 327 -14.24 13.34 19.36
C PRO D 327 -13.24 12.18 19.49
N VAL D 328 -12.97 11.75 20.70
CA VAL D 328 -11.82 10.83 21.01
C VAL D 328 -12.14 9.47 20.40
N LEU D 329 -13.40 9.01 20.36
CA LEU D 329 -13.64 7.65 19.78
C LEU D 329 -13.57 7.70 18.27
N PRO D 330 -14.14 8.69 17.54
CA PRO D 330 -13.82 8.81 16.12
C PRO D 330 -12.31 8.84 15.84
N GLU D 331 -11.52 9.44 16.71
CA GLU D 331 -10.05 9.48 16.50
C GLU D 331 -9.47 8.07 16.68
N ALA D 332 -9.94 7.32 17.65
CA ALA D 332 -9.44 5.94 17.89
C ALA D 332 -9.86 5.04 16.73
N VAL D 333 -11.08 5.23 16.21
CA VAL D 333 -11.61 4.47 15.06
C VAL D 333 -10.75 4.76 13.82
N THR D 334 -10.50 6.03 13.49
CA THR D 334 -9.72 6.41 12.27
C THR D 334 -8.27 5.95 12.42
N GLN D 335 -7.72 5.93 13.62
CA GLN D 335 -6.34 5.43 13.82
C GLN D 335 -6.30 3.91 13.66
N VAL D 336 -7.29 3.20 14.17
CA VAL D 336 -7.42 1.73 13.97
C VAL D 336 -7.52 1.45 12.46
N ALA D 337 -8.33 2.20 11.73
CA ALA D 337 -8.49 2.04 10.28
C ALA D 337 -7.12 2.17 9.61
N ALA D 338 -6.32 3.16 10.01
CA ALA D 338 -4.98 3.36 9.40
C ALA D 338 -4.18 2.08 9.65
N GLN D 339 -4.24 1.57 10.87
CA GLN D 339 -3.43 0.39 11.24
C GLN D 339 -3.88 -0.85 10.43
N VAL D 340 -5.17 -1.05 10.22
CA VAL D 340 -5.68 -2.20 9.41
C VAL D 340 -5.22 -2.05 7.96
N ILE D 341 -5.14 -0.82 7.43
CA ILE D 341 -4.64 -0.61 6.03
C ILE D 341 -3.16 -0.97 5.96
N GLY D 342 -2.34 -0.57 6.94
CA GLY D 342 -0.92 -0.95 6.96
C GLY D 342 -0.73 -2.44 7.09
N ASN D 343 -1.40 -3.07 8.07
CA ASN D 343 -1.37 -4.52 8.29
C ASN D 343 -1.76 -5.23 6.98
N ASP D 344 -2.76 -4.73 6.27
CA ASP D 344 -3.28 -5.35 5.02
C ASP D 344 -2.18 -5.38 3.96
N ALA D 345 -1.39 -4.29 3.84
CA ALA D 345 -0.28 -4.23 2.90
C ALA D 345 0.80 -5.28 3.29
N ALA D 346 1.11 -5.40 4.56
CA ALA D 346 2.10 -6.40 5.06
C ALA D 346 1.62 -7.82 4.75
N ILE D 347 0.33 -8.08 4.93
CA ILE D 347 -0.26 -9.42 4.68
C ILE D 347 -0.10 -9.77 3.20
N ALA D 348 -0.50 -8.89 2.29
CA ALA D 348 -0.48 -9.19 0.85
C ALA D 348 0.97 -9.41 0.40
N TRP D 349 1.92 -8.64 0.93
CA TRP D 349 3.36 -8.74 0.57
C TRP D 349 3.88 -10.15 0.94
N GLY D 350 3.61 -10.61 2.15
CA GLY D 350 4.00 -11.98 2.54
C GLY D 350 3.23 -13.01 1.72
N GLY D 351 1.95 -12.78 1.46
CA GLY D 351 1.14 -13.76 0.71
C GLY D 351 1.67 -13.99 -0.69
N ALA D 352 2.23 -12.96 -1.34
CA ALA D 352 2.69 -13.06 -2.74
C ALA D 352 4.01 -13.82 -2.81
N ASN D 353 4.75 -13.98 -1.71
CA ASN D 353 6.20 -14.29 -1.78
C ASN D 353 6.50 -15.72 -1.33
N GLY D 354 5.52 -16.62 -1.40
CA GLY D 354 5.75 -18.06 -1.23
C GLY D 354 6.64 -18.64 -2.33
N ALA D 355 7.20 -19.82 -2.12
CA ALA D 355 8.01 -20.50 -3.13
C ALA D 355 7.70 -22.00 -3.07
N PHE D 356 7.34 -22.58 -4.21
CA PHE D 356 7.19 -24.05 -4.34
C PHE D 356 6.17 -24.52 -3.29
N GLU D 357 6.59 -25.40 -2.39
CA GLU D 357 5.66 -26.13 -1.50
C GLU D 357 5.37 -25.37 -0.21
N LEU D 358 5.97 -24.19 0.03
CA LEU D 358 5.73 -23.50 1.32
C LEU D 358 5.79 -21.99 1.19
N ASN D 359 4.76 -21.31 1.72
CA ASN D 359 4.83 -19.86 2.00
C ASN D 359 5.50 -19.69 3.37
N VAL D 360 6.64 -19.01 3.43
CA VAL D 360 7.44 -18.83 4.67
C VAL D 360 7.32 -17.39 5.24
N TYR D 361 6.10 -16.84 5.23
CA TYR D 361 5.78 -15.54 5.85
C TYR D 361 4.67 -15.72 6.88
N ILE D 362 4.47 -16.94 7.38
CA ILE D 362 3.24 -17.23 8.16
C ILE D 362 3.24 -16.43 9.47
N PRO D 363 4.29 -16.46 10.32
CA PRO D 363 4.22 -15.74 11.58
C PRO D 363 3.89 -14.24 11.40
N MET D 364 4.51 -13.58 10.41
CA MET D 364 4.24 -12.15 10.14
C MET D 364 2.78 -11.99 9.67
N MET D 365 2.30 -12.82 8.74
CA MET D 365 0.91 -12.65 8.23
C MET D 365 -0.07 -12.87 9.40
N ALA D 366 0.20 -13.84 10.24
CA ALA D 366 -0.65 -14.22 11.39
C ALA D 366 -0.75 -13.02 12.35
N ARG D 367 0.40 -12.43 12.72
CA ARG D 367 0.42 -11.27 13.64
C ARG D 367 -0.53 -10.20 13.08
N ASN D 368 -0.42 -9.93 11.78
CA ASN D 368 -1.06 -8.75 11.17
C ASN D 368 -2.56 -9.00 11.01
N ILE D 369 -2.97 -10.19 10.57
N ILE D 369 -2.96 -10.20 10.56
CA ILE D 369 -4.44 -10.41 10.38
CA ILE D 369 -4.40 -10.50 10.35
C ILE D 369 -5.10 -10.52 11.76
C ILE D 369 -5.08 -10.55 11.74
N LEU D 370 -4.49 -11.22 12.72
CA LEU D 370 -5.11 -11.38 14.06
C LEU D 370 -5.22 -10.02 14.76
N GLU D 371 -4.24 -9.15 14.56
CA GLU D 371 -4.32 -7.80 15.12
C GLU D 371 -5.49 -7.03 14.48
N SER D 372 -5.59 -7.06 13.16
CA SER D 372 -6.66 -6.33 12.44
C SER D 372 -8.02 -6.81 12.96
N PHE D 373 -8.18 -8.13 13.13
CA PHE D 373 -9.45 -8.66 13.68
C PHE D 373 -9.71 -8.05 15.09
N LYS D 374 -8.69 -8.04 15.94
CA LYS D 374 -8.80 -7.61 17.36
C LYS D 374 -9.14 -6.11 17.40
N LEU D 375 -8.42 -5.31 16.63
CA LEU D 375 -8.57 -3.85 16.67
C LEU D 375 -9.98 -3.50 16.20
N LEU D 376 -10.47 -4.16 15.14
CA LEU D 376 -11.81 -3.82 14.58
C LEU D 376 -12.91 -4.24 15.56
N THR D 377 -12.75 -5.39 16.20
CA THR D 377 -13.72 -5.97 17.17
C THR D 377 -13.84 -4.99 18.35
N ASN D 378 -12.70 -4.62 18.95
CA ASN D 378 -12.67 -3.84 20.21
C ASN D 378 -13.16 -2.41 19.95
N VAL D 379 -12.68 -1.76 18.90
CA VAL D 379 -13.04 -0.34 18.61
C VAL D 379 -14.48 -0.29 18.14
N SER D 380 -15.00 -1.30 17.44
CA SER D 380 -16.40 -1.28 16.95
C SER D 380 -17.37 -1.30 18.15
N ARG D 381 -17.10 -2.15 19.15
N ARG D 381 -17.10 -2.16 19.14
CA ARG D 381 -17.96 -2.27 20.35
CA ARG D 381 -17.94 -2.29 20.36
C ARG D 381 -17.85 -0.96 21.13
C ARG D 381 -17.86 -0.95 21.10
N LEU D 382 -16.65 -0.43 21.31
CA LEU D 382 -16.46 0.88 22.01
C LEU D 382 -17.21 1.99 21.28
N PHE D 383 -17.04 2.10 19.97
CA PHE D 383 -17.70 3.15 19.14
C PHE D 383 -19.22 3.04 19.32
N ALA D 384 -19.73 1.82 19.29
CA ALA D 384 -21.19 1.54 19.36
C ALA D 384 -21.75 2.03 20.69
N GLN D 385 -21.10 1.64 21.78
CA GLN D 385 -21.62 1.73 23.16
C GLN D 385 -21.35 3.13 23.72
N ARG D 386 -20.16 3.70 23.49
CA ARG D 386 -19.69 4.92 24.15
C ARG D 386 -19.72 6.16 23.23
N CYS D 387 -20.10 6.00 21.99
CA CYS D 387 -20.23 7.15 21.07
C CYS D 387 -21.61 7.13 20.42
N ILE D 388 -21.87 6.19 19.50
CA ILE D 388 -23.15 6.17 18.73
C ILE D 388 -24.37 6.20 19.68
N ALA D 389 -24.44 5.32 20.67
CA ALA D 389 -25.69 5.14 21.46
C ALA D 389 -26.05 6.46 22.15
N GLY D 390 -25.04 7.24 22.56
CA GLY D 390 -25.21 8.47 23.34
C GLY D 390 -25.30 9.75 22.52
N LEU D 391 -25.24 9.71 21.18
CA LEU D 391 -25.24 10.94 20.37
C LEU D 391 -26.57 11.66 20.61
N THR D 392 -26.53 12.99 20.70
CA THR D 392 -27.77 13.80 20.72
C THR D 392 -27.77 14.77 19.52
N ALA D 393 -28.91 14.85 18.83
CA ALA D 393 -29.11 15.76 17.67
C ALA D 393 -29.51 17.17 18.14
N ASN D 394 -28.94 18.20 17.52
CA ASN D 394 -29.31 19.63 17.74
C ASN D 394 -30.44 19.93 16.76
N VAL D 395 -31.64 19.42 17.04
CA VAL D 395 -32.78 19.34 16.09
C VAL D 395 -33.14 20.73 15.52
N GLU D 396 -33.24 21.75 16.36
N GLU D 396 -33.25 21.75 16.38
CA GLU D 396 -33.62 23.11 15.89
CA GLU D 396 -33.60 23.15 15.97
C GLU D 396 -32.52 23.64 14.95
C GLU D 396 -32.53 23.63 14.98
N HIS D 397 -31.24 23.46 15.30
CA HIS D 397 -30.11 23.93 14.45
C HIS D 397 -30.17 23.23 13.08
N LEU D 398 -30.42 21.93 13.08
CA LEU D 398 -30.46 21.11 11.84
C LEU D 398 -31.62 21.57 10.95
N ARG D 399 -32.75 21.84 11.56
CA ARG D 399 -33.89 22.38 10.77
C ARG D 399 -33.47 23.72 10.15
N ARG D 400 -32.84 24.59 10.93
CA ARG D 400 -32.40 25.90 10.36
C ARG D 400 -31.44 25.69 9.19
N LEU D 401 -30.58 24.67 9.23
CA LEU D 401 -29.67 24.37 8.08
C LEU D 401 -30.49 23.89 6.88
N ALA D 402 -31.50 23.04 7.09
CA ALA D 402 -32.37 22.52 6.03
C ALA D 402 -33.08 23.70 5.35
N GLU D 403 -33.62 24.62 6.14
CA GLU D 403 -34.33 25.85 5.65
C GLU D 403 -33.37 26.83 4.99
N SER D 404 -32.07 26.51 4.98
CA SER D 404 -31.05 27.29 4.23
C SER D 404 -30.50 26.50 3.02
N SER D 405 -30.93 25.25 2.79
CA SER D 405 -30.55 24.43 1.61
C SER D 405 -31.13 25.04 0.33
N PRO D 406 -30.55 24.79 -0.86
CA PRO D 406 -31.20 25.17 -2.09
C PRO D 406 -32.55 24.44 -2.20
N SER D 407 -33.50 25.12 -2.85
CA SER D 407 -34.79 24.52 -3.22
C SER D 407 -34.82 24.23 -4.72
N ILE D 408 -35.88 23.58 -5.18
CA ILE D 408 -36.15 23.33 -6.63
C ILE D 408 -37.58 23.78 -6.94
N VAL D 409 -37.89 23.99 -8.21
CA VAL D 409 -39.22 24.52 -8.68
C VAL D 409 -40.17 23.38 -9.06
N THR D 410 -39.65 22.16 -9.26
CA THR D 410 -40.41 20.95 -9.70
C THR D 410 -41.73 20.81 -8.96
N PRO D 411 -41.73 20.93 -7.60
CA PRO D 411 -42.97 20.79 -6.82
C PRO D 411 -44.01 21.90 -7.00
N LEU D 412 -43.74 22.90 -7.85
CA LEU D 412 -44.68 23.99 -8.21
C LEU D 412 -45.30 23.70 -9.59
N ASN D 413 -44.74 22.77 -10.37
CA ASN D 413 -45.17 22.46 -11.76
C ASN D 413 -46.70 22.35 -11.83
N SER D 414 -47.29 21.49 -11.00
CA SER D 414 -48.74 21.15 -11.05
C SER D 414 -49.61 22.39 -10.80
N ALA D 415 -49.01 23.51 -10.37
CA ALA D 415 -49.74 24.74 -9.95
C ALA D 415 -49.51 25.90 -10.92
N ILE D 416 -48.27 26.13 -11.37
CA ILE D 416 -47.91 27.35 -12.17
C ILE D 416 -47.50 26.94 -13.60
N GLY D 417 -47.38 25.64 -13.86
CA GLY D 417 -46.99 25.09 -15.17
C GLY D 417 -45.49 25.15 -15.40
N TYR D 418 -45.00 24.27 -16.29
CA TYR D 418 -43.57 24.03 -16.61
C TYR D 418 -42.91 25.35 -17.02
N GLU D 419 -43.65 26.20 -17.74
CA GLU D 419 -43.11 27.44 -18.36
C GLU D 419 -42.80 28.45 -17.25
N GLU D 420 -43.77 28.75 -16.38
CA GLU D 420 -43.63 29.75 -15.28
C GLU D 420 -42.54 29.27 -14.31
N ALA D 421 -42.57 27.97 -13.96
CA ALA D 421 -41.59 27.33 -13.05
C ALA D 421 -40.18 27.58 -13.61
N ALA D 422 -39.97 27.28 -14.90
CA ALA D 422 -38.70 27.52 -15.61
C ALA D 422 -38.31 29.00 -15.46
N ALA D 423 -39.27 29.92 -15.53
CA ALA D 423 -39.08 31.39 -15.38
C ALA D 423 -38.69 31.74 -13.93
N VAL D 424 -39.38 31.16 -12.95
CA VAL D 424 -39.02 31.30 -11.51
C VAL D 424 -37.57 30.83 -11.31
N ALA D 425 -37.20 29.65 -11.85
CA ALA D 425 -35.86 29.03 -11.63
C ALA D 425 -34.78 29.95 -12.19
N LYS D 426 -35.01 30.52 -13.38
CA LYS D 426 -34.06 31.42 -14.08
C LYS D 426 -33.92 32.70 -13.24
N GLN D 427 -35.03 33.33 -12.88
CA GLN D 427 -34.98 34.62 -12.14
C GLN D 427 -34.29 34.40 -10.78
N ALA D 428 -34.63 33.33 -10.05
CA ALA D 428 -33.99 33.02 -8.75
C ALA D 428 -32.46 32.98 -8.95
N LEU D 429 -31.99 32.31 -10.00
CA LEU D 429 -30.52 32.16 -10.24
C LEU D 429 -29.91 33.52 -10.60
N LYS D 430 -30.56 34.29 -11.47
CA LYS D 430 -30.05 35.62 -11.91
C LYS D 430 -29.86 36.55 -10.69
N GLU D 431 -30.88 36.65 -9.84
CA GLU D 431 -30.96 37.69 -8.76
C GLU D 431 -30.46 37.09 -7.44
N ARG D 432 -29.99 35.84 -7.45
CA ARG D 432 -29.50 35.14 -6.23
C ARG D 432 -30.55 35.23 -5.11
N LYS D 433 -31.79 34.85 -5.45
CA LYS D 433 -32.94 34.80 -4.51
C LYS D 433 -33.31 33.33 -4.34
N THR D 434 -34.06 33.01 -3.29
CA THR D 434 -34.65 31.67 -3.10
C THR D 434 -35.78 31.48 -4.12
N ILE D 435 -36.20 30.24 -4.29
CA ILE D 435 -37.40 29.90 -5.11
C ILE D 435 -38.59 30.59 -4.47
N ARG D 436 -38.69 30.51 -3.14
CA ARG D 436 -39.86 30.98 -2.36
C ARG D 436 -40.06 32.48 -2.59
N GLN D 437 -39.03 33.27 -2.30
CA GLN D 437 -39.09 34.73 -2.48
C GLN D 437 -39.37 35.09 -3.94
N THR D 438 -38.77 34.37 -4.90
CA THR D 438 -38.92 34.61 -6.35
C THR D 438 -40.40 34.42 -6.71
N VAL D 439 -41.05 33.37 -6.22
CA VAL D 439 -42.49 33.14 -6.50
C VAL D 439 -43.26 34.38 -6.02
N ILE D 440 -42.99 34.83 -4.79
CA ILE D 440 -43.69 36.00 -4.16
C ILE D 440 -43.42 37.28 -4.97
N ASP D 441 -42.15 37.58 -5.26
CA ASP D 441 -41.73 38.79 -6.02
C ASP D 441 -42.36 38.81 -7.42
N ARG D 442 -42.62 37.65 -8.05
CA ARG D 442 -43.20 37.61 -9.41
C ARG D 442 -44.72 37.78 -9.34
N GLY D 443 -45.29 38.02 -8.16
CA GLY D 443 -46.74 38.19 -7.96
C GLY D 443 -47.55 36.91 -8.20
N LEU D 444 -47.00 35.74 -7.86
CA LEU D 444 -47.59 34.43 -8.26
C LEU D 444 -48.58 33.94 -7.20
N ILE D 445 -48.53 34.48 -5.98
CA ILE D 445 -49.53 34.19 -4.92
C ILE D 445 -50.91 34.69 -5.38
N GLY D 446 -51.96 33.86 -5.20
CA GLY D 446 -53.31 34.07 -5.73
C GLY D 446 -54.09 32.76 -5.80
N ASP D 447 -55.03 32.66 -6.75
CA ASP D 447 -56.02 31.55 -6.87
C ASP D 447 -55.31 30.24 -7.24
N ARG D 448 -54.23 30.31 -8.01
CA ARG D 448 -53.56 29.09 -8.52
C ARG D 448 -52.52 28.58 -7.51
N LEU D 449 -52.27 29.33 -6.45
CA LEU D 449 -51.18 29.05 -5.48
C LEU D 449 -51.29 30.00 -4.28
N SER D 450 -51.89 29.53 -3.18
CA SER D 450 -51.88 30.25 -1.89
C SER D 450 -50.46 30.18 -1.33
N ILE D 451 -50.19 30.96 -0.28
CA ILE D 451 -48.93 30.86 0.50
C ILE D 451 -48.84 29.47 1.14
N GLU D 452 -49.96 28.99 1.70
CA GLU D 452 -50.07 27.62 2.30
C GLU D 452 -49.52 26.61 1.30
N ASP D 453 -50.02 26.65 0.06
CA ASP D 453 -49.60 25.69 -1.00
C ASP D 453 -48.11 25.82 -1.26
N LEU D 454 -47.65 27.04 -1.44
CA LEU D 454 -46.21 27.33 -1.67
C LEU D 454 -45.38 26.62 -0.60
N ASP D 455 -45.73 26.81 0.67
CA ASP D 455 -44.97 26.33 1.84
C ASP D 455 -45.07 24.81 1.97
N ARG D 456 -46.20 24.22 1.58
CA ARG D 456 -46.40 22.75 1.61
C ARG D 456 -45.56 22.13 0.49
N ARG D 457 -45.61 22.73 -0.70
CA ARG D 457 -44.91 22.24 -1.91
C ARG D 457 -43.40 22.29 -1.66
N LEU D 458 -42.90 23.27 -0.91
CA LEU D 458 -41.44 23.53 -0.74
C LEU D 458 -40.98 23.07 0.65
N ASP D 459 -41.85 22.41 1.40
CA ASP D 459 -41.53 21.97 2.79
C ASP D 459 -40.26 21.12 2.78
N VAL D 460 -39.28 21.48 3.61
CA VAL D 460 -37.91 20.86 3.57
C VAL D 460 -38.00 19.38 3.94
N LEU D 461 -38.84 19.00 4.92
CA LEU D 461 -38.95 17.57 5.29
C LEU D 461 -39.54 16.78 4.11
N ALA D 462 -40.51 17.31 3.37
CA ALA D 462 -41.11 16.65 2.18
C ALA D 462 -40.06 16.53 1.07
N MET D 463 -39.24 17.57 0.91
CA MET D 463 -38.11 17.60 -0.04
C MET D 463 -37.10 16.47 0.28
N ALA D 464 -36.94 16.08 1.56
CA ALA D 464 -36.03 14.98 1.97
C ALA D 464 -36.65 13.61 1.64
N LYS D 465 -37.95 13.56 1.31
CA LYS D 465 -38.67 12.33 0.89
C LYS D 465 -38.48 11.22 1.94
N ALA D 466 -38.76 11.52 3.21
CA ALA D 466 -38.67 10.56 4.34
C ALA D 466 -40.08 10.10 4.73
#